data_7ZAP
#
_entry.id   7ZAP
#
loop_
_entity.id
_entity.type
_entity.pdbx_description
1 polymer 'RNA-binding protein 39'
2 polymer 'U1 snRNA SL3'
#
loop_
_entity_poly.entity_id
_entity_poly.type
_entity_poly.pdbx_seq_one_letter_code
_entity_poly.pdbx_strand_id
1 'polypeptide(L)'
;MIDNLTPEERDARTVFCMQLAARIRPRDLEEFFSTVGKVRDVRMISDRNSRRSKGIAYVEFVDVSSVPLAIGLTGQRVLG
VPIIVQASQAEKNRAAA
;
A
2 'polyribonucleotide' GGGAUUUCCCCAAAUGUGGGAAACUCCC B
#
# COMPACT_ATOMS: atom_id res chain seq x y z
N MET A 1 0.68 18.57 2.83
CA MET A 1 -0.61 18.23 3.44
C MET A 1 -1.76 18.78 2.61
N ILE A 2 -2.80 17.96 2.40
CA ILE A 2 -3.98 18.39 1.66
C ILE A 2 -4.70 19.51 2.41
N ASP A 3 -5.14 20.53 1.65
CA ASP A 3 -5.77 21.71 2.22
C ASP A 3 -7.26 21.48 2.49
N ASN A 4 -7.88 20.55 1.74
CA ASN A 4 -9.32 20.33 1.82
C ASN A 4 -9.65 18.86 1.55
N LEU A 5 -9.45 18.03 2.59
CA LEU A 5 -9.77 16.62 2.52
C LEU A 5 -11.27 16.40 2.75
N THR A 6 -11.75 15.22 2.40
CA THR A 6 -13.12 14.81 2.65
C THR A 6 -13.09 13.38 3.18
N PRO A 7 -14.15 12.91 3.85
CA PRO A 7 -14.20 11.56 4.38
C PRO A 7 -14.11 10.51 3.26
N GLU A 8 -14.12 10.94 1.99
CA GLU A 8 -14.00 10.02 0.87
C GLU A 8 -12.54 9.79 0.49
N GLU A 9 -11.71 10.83 0.58
CA GLU A 9 -10.28 10.69 0.28
C GLU A 9 -9.52 10.29 1.55
N ARG A 10 -10.14 10.48 2.72
CA ARG A 10 -9.58 10.08 4.00
C ARG A 10 -9.25 8.59 4.02
N ASP A 11 -10.09 7.78 3.36
CA ASP A 11 -9.89 6.34 3.27
C ASP A 11 -8.81 6.00 2.25
N ALA A 12 -8.54 6.90 1.30
CA ALA A 12 -7.54 6.69 0.27
C ALA A 12 -6.13 6.84 0.85
N ARG A 13 -6.02 7.46 2.04
CA ARG A 13 -4.76 7.57 2.74
C ARG A 13 -4.23 6.18 3.07
N THR A 14 -5.14 5.19 3.11
CA THR A 14 -4.79 3.82 3.34
C THR A 14 -4.83 3.05 2.03
N VAL A 15 -3.69 2.50 1.62
CA VAL A 15 -3.62 1.67 0.43
C VAL A 15 -3.45 0.21 0.84
N PHE A 16 -3.96 -0.68 0.00
CA PHE A 16 -3.84 -2.11 0.16
C PHE A 16 -2.72 -2.60 -0.75
N CYS A 17 -1.78 -3.36 -0.20
CA CYS A 17 -0.68 -3.91 -0.98
C CYS A 17 -0.70 -5.43 -0.89
N MET A 18 -0.29 -6.09 -1.97
CA MET A 18 -0.37 -7.54 -2.06
C MET A 18 0.88 -8.14 -2.69
N GLN A 19 0.94 -9.47 -2.72
CA GLN A 19 2.11 -10.23 -3.12
C GLN A 19 3.31 -10.04 -2.18
N LEU A 20 3.08 -9.45 -0.99
CA LEU A 20 4.10 -9.27 0.02
C LEU A 20 4.62 -10.64 0.49
N ALA A 21 5.75 -10.66 1.19
CA ALA A 21 6.28 -11.89 1.73
C ALA A 21 5.44 -12.34 2.93
N ALA A 22 5.62 -13.60 3.35
CA ALA A 22 4.87 -14.13 4.48
C ALA A 22 5.40 -13.62 5.83
N ARG A 23 6.58 -12.99 5.85
CA ARG A 23 7.20 -12.54 7.09
C ARG A 23 7.85 -11.15 7.00
N ILE A 24 7.82 -10.50 5.83
CA ILE A 24 8.38 -9.16 5.67
C ILE A 24 7.87 -8.22 6.77
N ARG A 25 8.74 -7.36 7.29
CA ARG A 25 8.36 -6.41 8.33
C ARG A 25 7.47 -5.32 7.76
N PRO A 26 6.64 -4.68 8.59
CA PRO A 26 5.91 -3.49 8.21
C PRO A 26 6.91 -2.38 7.93
N ARG A 27 8.08 -2.45 8.57
CA ARG A 27 9.14 -1.45 8.45
C ARG A 27 9.76 -1.44 7.05
N ASP A 28 9.76 -2.59 6.36
CA ASP A 28 10.41 -2.71 5.07
C ASP A 28 9.62 -2.03 3.96
N LEU A 29 8.32 -1.80 4.17
CA LEU A 29 7.52 -1.05 3.20
C LEU A 29 7.62 0.45 3.46
N GLU A 30 7.91 0.87 4.69
CA GLU A 30 7.98 2.29 4.99
C GLU A 30 9.23 2.93 4.38
N GLU A 31 10.36 2.24 4.44
CA GLU A 31 11.59 2.72 3.83
C GLU A 31 11.46 2.68 2.31
N PHE A 32 10.59 1.81 1.79
CA PHE A 32 10.34 1.69 0.37
C PHE A 32 9.42 2.81 -0.12
N PHE A 33 8.33 3.09 0.60
CA PHE A 33 7.41 4.16 0.26
C PHE A 33 7.99 5.54 0.60
N SER A 34 9.17 5.58 1.22
CA SER A 34 9.83 6.85 1.49
C SER A 34 10.19 7.59 0.19
N THR A 35 10.06 6.91 -0.96
CA THR A 35 10.36 7.50 -2.25
C THR A 35 9.13 8.18 -2.86
N VAL A 36 7.94 7.94 -2.27
CA VAL A 36 6.69 8.52 -2.76
C VAL A 36 6.15 9.56 -1.77
N GLY A 37 6.85 9.78 -0.66
CA GLY A 37 6.42 10.70 0.36
C GLY A 37 6.84 10.22 1.75
N LYS A 38 5.93 10.31 2.71
CA LYS A 38 6.14 9.85 4.07
C LYS A 38 4.94 9.05 4.55
N VAL A 39 5.20 7.97 5.29
CA VAL A 39 4.19 7.01 5.68
C VAL A 39 3.95 7.06 7.19
N ARG A 40 2.71 6.76 7.60
CA ARG A 40 2.31 6.82 9.00
C ARG A 40 2.46 5.48 9.69
N ASP A 41 1.99 4.41 9.05
CA ASP A 41 2.00 3.06 9.64
C ASP A 41 1.76 2.00 8.57
N VAL A 42 1.99 0.72 8.92
CA VAL A 42 1.75 -0.42 8.05
C VAL A 42 1.11 -1.56 8.86
N ARG A 43 0.31 -2.41 8.20
CA ARG A 43 -0.45 -3.47 8.85
C ARG A 43 -0.30 -4.76 8.03
N MET A 44 0.56 -5.66 8.50
CA MET A 44 0.73 -6.97 7.89
C MET A 44 -0.43 -7.89 8.25
N ILE A 45 -0.65 -8.90 7.40
CA ILE A 45 -1.77 -9.83 7.54
C ILE A 45 -1.29 -11.25 7.21
N SER A 46 -2.01 -12.27 7.68
CA SER A 46 -1.66 -13.66 7.44
C SER A 46 -2.86 -14.47 6.94
N ASP A 47 -3.90 -13.79 6.47
CA ASP A 47 -5.04 -14.40 5.82
C ASP A 47 -4.71 -14.57 4.35
N ARG A 48 -4.97 -15.76 3.78
CA ARG A 48 -4.61 -16.05 2.40
C ARG A 48 -5.77 -15.84 1.43
N ASN A 49 -6.75 -16.75 1.43
CA ASN A 49 -7.88 -16.80 0.51
C ASN A 49 -7.47 -16.65 -0.97
N SER A 50 -6.17 -16.80 -1.27
CA SER A 50 -5.65 -16.70 -2.63
C SER A 50 -4.20 -17.19 -2.67
N ARG A 51 -3.66 -17.33 -3.89
CA ARG A 51 -2.35 -17.89 -4.17
C ARG A 51 -1.19 -17.07 -3.56
N ARG A 52 -1.44 -15.82 -3.13
CA ARG A 52 -0.37 -14.99 -2.57
C ARG A 52 0.08 -15.52 -1.22
N SER A 53 -0.79 -16.32 -0.59
CA SER A 53 -0.48 -17.07 0.62
C SER A 53 0.17 -16.21 1.71
N LYS A 54 -0.67 -15.52 2.49
CA LYS A 54 -0.24 -14.68 3.60
C LYS A 54 0.60 -13.49 3.12
N GLY A 55 0.56 -13.22 1.81
CA GLY A 55 1.39 -12.22 1.18
C GLY A 55 0.65 -10.91 0.95
N ILE A 56 0.13 -10.27 2.00
CA ILE A 56 -0.50 -8.96 1.86
C ILE A 56 -0.29 -8.09 3.09
N ALA A 57 -0.57 -6.80 2.94
CA ALA A 57 -0.47 -5.82 4.01
C ALA A 57 -1.27 -4.56 3.62
N TYR A 58 -1.44 -3.64 4.55
CA TYR A 58 -2.03 -2.34 4.31
C TYR A 58 -1.05 -1.26 4.73
N VAL A 59 -1.07 -0.11 4.05
CA VAL A 59 -0.15 0.99 4.32
C VAL A 59 -0.94 2.29 4.45
N GLU A 60 -0.67 3.06 5.51
CA GLU A 60 -1.36 4.33 5.73
C GLU A 60 -0.34 5.47 5.66
N PHE A 61 -0.60 6.45 4.78
CA PHE A 61 0.24 7.62 4.63
C PHE A 61 -0.29 8.75 5.51
N VAL A 62 0.61 9.62 6.00
CA VAL A 62 0.22 10.77 6.81
C VAL A 62 -0.49 11.82 5.97
N ASP A 63 -0.42 11.71 4.65
CA ASP A 63 -1.02 12.67 3.73
C ASP A 63 -1.46 11.98 2.44
N VAL A 64 -2.50 12.53 1.79
CA VAL A 64 -3.04 11.98 0.56
C VAL A 64 -2.11 12.23 -0.62
N SER A 65 -1.22 13.22 -0.52
CA SER A 65 -0.31 13.56 -1.60
C SER A 65 0.69 12.43 -1.87
N SER A 66 0.83 11.48 -0.94
CA SER A 66 1.68 10.31 -1.11
C SER A 66 0.93 9.18 -1.80
N VAL A 67 -0.40 9.20 -1.74
CA VAL A 67 -1.24 8.11 -2.24
C VAL A 67 -1.06 7.86 -3.72
N PRO A 68 -1.15 8.87 -4.60
CA PRO A 68 -1.09 8.63 -6.04
C PRO A 68 0.29 8.20 -6.50
N LEU A 69 1.35 8.55 -5.76
CA LEU A 69 2.69 8.09 -6.10
C LEU A 69 2.90 6.66 -5.61
N ALA A 70 2.28 6.29 -4.48
CA ALA A 70 2.43 4.96 -3.92
C ALA A 70 1.82 3.90 -4.84
N ILE A 71 0.77 4.27 -5.58
CA ILE A 71 0.10 3.38 -6.51
C ILE A 71 0.80 3.37 -7.87
N GLY A 72 1.57 4.42 -8.18
CA GLY A 72 2.20 4.57 -9.48
C GLY A 72 3.46 3.74 -9.66
N LEU A 73 4.22 3.49 -8.59
CA LEU A 73 5.44 2.68 -8.69
C LEU A 73 5.13 1.19 -8.65
N THR A 74 3.85 0.81 -8.51
CA THR A 74 3.46 -0.57 -8.27
C THR A 74 4.21 -1.57 -9.15
N GLY A 75 4.54 -2.73 -8.58
CA GLY A 75 5.31 -3.77 -9.25
C GLY A 75 6.77 -3.83 -8.81
N GLN A 76 7.21 -2.97 -7.87
CA GLN A 76 8.58 -3.03 -7.35
C GLN A 76 8.76 -4.27 -6.48
N ARG A 77 10.02 -4.59 -6.16
CA ARG A 77 10.35 -5.74 -5.32
C ARG A 77 10.85 -5.29 -3.94
N VAL A 78 10.54 -6.08 -2.91
CA VAL A 78 10.98 -5.83 -1.55
C VAL A 78 11.29 -7.16 -0.87
N LEU A 79 12.41 -7.22 -0.15
CA LEU A 79 12.82 -8.38 0.62
C LEU A 79 12.80 -9.69 -0.19
N GLY A 80 12.96 -9.63 -1.51
CA GLY A 80 13.04 -10.83 -2.33
C GLY A 80 11.77 -11.17 -3.09
N VAL A 81 10.71 -10.35 -3.00
CA VAL A 81 9.44 -10.63 -3.66
C VAL A 81 8.83 -9.36 -4.24
N PRO A 82 8.18 -9.43 -5.41
CA PRO A 82 7.43 -8.32 -5.97
C PRO A 82 6.27 -7.94 -5.06
N ILE A 83 5.90 -6.65 -5.05
CA ILE A 83 4.79 -6.13 -4.26
C ILE A 83 3.91 -5.27 -5.16
N ILE A 84 2.61 -5.26 -4.88
CA ILE A 84 1.65 -4.46 -5.63
C ILE A 84 1.03 -3.42 -4.71
N VAL A 85 0.54 -2.31 -5.29
CA VAL A 85 -0.12 -1.29 -4.50
C VAL A 85 -1.41 -0.88 -5.19
N GLN A 86 -2.50 -0.86 -4.43
CA GLN A 86 -3.82 -0.40 -4.86
C GLN A 86 -4.46 0.34 -3.70
N ALA A 87 -5.15 1.45 -3.97
CA ALA A 87 -5.89 2.09 -2.89
C ALA A 87 -6.96 1.10 -2.45
N SER A 88 -7.27 1.01 -1.16
CA SER A 88 -8.22 0.00 -0.71
C SER A 88 -9.56 0.13 -1.44
N GLN A 89 -10.07 1.35 -1.60
CA GLN A 89 -11.37 1.52 -2.25
C GLN A 89 -11.23 1.47 -3.77
N ALA A 90 -10.29 2.24 -4.33
CA ALA A 90 -10.07 2.24 -5.77
C ALA A 90 -9.34 0.98 -6.22
N GLU A 91 -9.25 -0.03 -5.36
CA GLU A 91 -8.60 -1.28 -5.72
C GLU A 91 -9.26 -1.85 -6.97
N LYS A 92 -10.60 -1.73 -7.07
CA LYS A 92 -11.29 -2.32 -8.19
C LYS A 92 -11.18 -1.47 -9.45
N ASN A 93 -11.04 -0.15 -9.30
CA ASN A 93 -10.89 0.74 -10.44
C ASN A 93 -9.45 0.69 -10.94
N ARG A 94 -8.50 0.38 -10.05
CA ARG A 94 -7.09 0.31 -10.37
C ARG A 94 -6.72 -1.08 -10.91
N ALA A 95 -7.62 -2.05 -10.80
CA ALA A 95 -7.41 -3.40 -11.30
C ALA A 95 -7.35 -3.43 -12.82
N ALA A 96 -7.70 -2.32 -13.48
CA ALA A 96 -7.65 -2.22 -14.93
C ALA A 96 -6.21 -2.09 -15.44
N ALA A 97 -5.26 -1.78 -14.55
CA ALA A 97 -3.85 -1.61 -14.89
C ALA A 97 -3.24 -2.95 -15.33
N MET A 1 -1.57 16.01 7.60
CA MET A 1 -1.21 17.43 7.41
C MET A 1 -2.11 18.11 6.38
N ILE A 2 -2.70 17.35 5.45
CA ILE A 2 -3.59 17.89 4.43
C ILE A 2 -4.72 18.71 5.07
N ASP A 3 -5.03 19.85 4.44
CA ASP A 3 -6.04 20.79 4.92
C ASP A 3 -7.40 20.58 4.27
N ASN A 4 -7.43 19.97 3.09
CA ASN A 4 -8.63 19.90 2.27
C ASN A 4 -8.99 18.46 1.92
N LEU A 5 -9.00 17.61 2.95
CA LEU A 5 -9.41 16.22 2.81
C LEU A 5 -10.93 16.13 2.74
N THR A 6 -11.46 14.98 2.34
CA THR A 6 -12.90 14.71 2.31
C THR A 6 -13.11 13.29 2.82
N PRO A 7 -14.33 12.89 3.20
CA PRO A 7 -14.60 11.53 3.63
C PRO A 7 -14.37 10.52 2.51
N GLU A 8 -14.12 10.99 1.29
CA GLU A 8 -13.83 10.11 0.16
C GLU A 8 -12.32 9.89 0.00
N GLU A 9 -11.52 10.91 0.31
CA GLU A 9 -10.07 10.80 0.28
C GLU A 9 -9.56 10.17 1.57
N ARG A 10 -10.36 10.25 2.62
CA ARG A 10 -9.98 9.74 3.92
C ARG A 10 -9.54 8.28 3.81
N ASP A 11 -10.29 7.49 3.04
CA ASP A 11 -9.98 6.09 2.80
C ASP A 11 -8.85 5.93 1.78
N ALA A 12 -8.60 6.97 0.98
CA ALA A 12 -7.55 6.96 -0.03
C ALA A 12 -6.18 7.09 0.63
N ARG A 13 -6.11 7.66 1.83
CA ARG A 13 -4.86 7.78 2.57
C ARG A 13 -4.32 6.41 2.92
N THR A 14 -5.18 5.39 2.88
CA THR A 14 -4.79 4.01 3.12
C THR A 14 -4.80 3.24 1.81
N VAL A 15 -3.64 2.72 1.42
CA VAL A 15 -3.53 1.88 0.25
C VAL A 15 -3.37 0.42 0.67
N PHE A 16 -3.88 -0.48 -0.15
CA PHE A 16 -3.76 -1.91 0.04
C PHE A 16 -2.64 -2.42 -0.85
N CYS A 17 -1.76 -3.25 -0.30
CA CYS A 17 -0.66 -3.81 -1.07
C CYS A 17 -0.67 -5.33 -0.96
N MET A 18 -0.31 -5.99 -2.07
CA MET A 18 -0.40 -7.44 -2.17
C MET A 18 0.84 -8.03 -2.82
N GLN A 19 0.91 -9.36 -2.89
CA GLN A 19 2.09 -10.12 -3.31
C GLN A 19 3.27 -9.97 -2.35
N LEU A 20 3.04 -9.38 -1.17
CA LEU A 20 4.05 -9.22 -0.14
C LEU A 20 4.49 -10.60 0.36
N ALA A 21 5.61 -10.65 1.08
CA ALA A 21 6.10 -11.90 1.64
C ALA A 21 5.23 -12.33 2.82
N ALA A 22 5.36 -13.60 3.22
CA ALA A 22 4.64 -14.13 4.36
C ALA A 22 5.25 -13.67 5.68
N ARG A 23 6.46 -13.08 5.62
CA ARG A 23 7.22 -12.73 6.83
C ARG A 23 7.80 -11.32 6.80
N ILE A 24 7.69 -10.59 5.68
CA ILE A 24 8.17 -9.22 5.58
C ILE A 24 7.61 -8.36 6.72
N ARG A 25 8.46 -7.48 7.28
CA ARG A 25 8.05 -6.58 8.35
C ARG A 25 7.47 -5.29 7.78
N PRO A 26 6.59 -4.61 8.53
CA PRO A 26 5.94 -3.39 8.08
C PRO A 26 6.94 -2.28 7.79
N ARG A 27 8.09 -2.28 8.47
CA ARG A 27 9.09 -1.25 8.30
C ARG A 27 9.74 -1.30 6.91
N ASP A 28 9.76 -2.47 6.28
CA ASP A 28 10.38 -2.61 4.97
C ASP A 28 9.56 -1.94 3.87
N LEU A 29 8.27 -1.70 4.08
CA LEU A 29 7.47 -0.97 3.11
C LEU A 29 7.58 0.54 3.34
N GLU A 30 7.86 0.96 4.58
CA GLU A 30 7.92 2.38 4.88
C GLU A 30 9.17 3.03 4.30
N GLU A 31 10.31 2.32 4.36
CA GLU A 31 11.54 2.81 3.77
C GLU A 31 11.44 2.78 2.24
N PHE A 32 10.58 1.90 1.72
CA PHE A 32 10.34 1.78 0.29
C PHE A 32 9.42 2.88 -0.21
N PHE A 33 8.36 3.20 0.54
CA PHE A 33 7.44 4.28 0.20
C PHE A 33 8.03 5.65 0.54
N SER A 34 9.22 5.70 1.15
CA SER A 34 9.88 6.97 1.42
C SER A 34 10.25 7.69 0.11
N THR A 35 10.13 7.01 -1.03
CA THR A 35 10.41 7.60 -2.34
C THR A 35 9.19 8.24 -2.96
N VAL A 36 8.01 8.04 -2.37
CA VAL A 36 6.76 8.60 -2.87
C VAL A 36 6.18 9.65 -1.91
N GLY A 37 6.86 9.89 -0.78
CA GLY A 37 6.39 10.83 0.21
C GLY A 37 6.78 10.38 1.61
N LYS A 38 5.84 10.52 2.55
CA LYS A 38 6.03 10.11 3.94
C LYS A 38 4.86 9.26 4.40
N VAL A 39 5.15 8.19 5.15
CA VAL A 39 4.17 7.19 5.53
C VAL A 39 3.89 7.23 7.03
N ARG A 40 2.65 6.92 7.41
CA ARG A 40 2.20 6.98 8.79
C ARG A 40 2.33 5.63 9.51
N ASP A 41 1.85 4.56 8.87
CA ASP A 41 1.86 3.24 9.49
C ASP A 41 1.61 2.14 8.45
N VAL A 42 1.83 0.88 8.84
CA VAL A 42 1.60 -0.29 7.99
C VAL A 42 1.02 -1.41 8.84
N ARG A 43 0.19 -2.26 8.23
CA ARG A 43 -0.46 -3.38 8.91
C ARG A 43 -0.33 -4.63 8.06
N MET A 44 0.51 -5.56 8.49
CA MET A 44 0.68 -6.85 7.83
C MET A 44 -0.46 -7.78 8.19
N ILE A 45 -0.62 -8.82 7.37
CA ILE A 45 -1.70 -9.79 7.49
C ILE A 45 -1.11 -11.20 7.34
N SER A 46 -1.84 -12.21 7.84
CA SER A 46 -1.36 -13.58 7.86
C SER A 46 -2.48 -14.58 7.55
N ASP A 47 -3.55 -14.11 6.89
CA ASP A 47 -4.61 -14.99 6.44
C ASP A 47 -4.35 -15.43 5.00
N ARG A 48 -4.82 -16.63 4.64
CA ARG A 48 -4.61 -17.19 3.31
C ARG A 48 -5.45 -16.47 2.26
N ASN A 49 -6.76 -16.70 2.26
CA ASN A 49 -7.76 -16.18 1.34
C ASN A 49 -7.52 -16.53 -0.14
N SER A 50 -6.28 -16.84 -0.55
CA SER A 50 -5.98 -17.14 -1.95
C SER A 50 -4.57 -17.73 -2.08
N ARG A 51 -4.16 -18.04 -3.32
CA ARG A 51 -2.81 -18.47 -3.69
C ARG A 51 -1.78 -17.42 -3.26
N ARG A 52 -2.23 -16.21 -2.94
CA ARG A 52 -1.38 -15.13 -2.44
C ARG A 52 -0.75 -15.56 -1.12
N SER A 53 -1.53 -16.34 -0.37
CA SER A 53 -1.20 -16.94 0.90
C SER A 53 -0.39 -16.05 1.83
N LYS A 54 -1.09 -15.30 2.70
CA LYS A 54 -0.50 -14.45 3.71
C LYS A 54 0.40 -13.36 3.14
N GLY A 55 0.30 -13.12 1.84
CA GLY A 55 1.18 -12.21 1.12
C GLY A 55 0.57 -10.83 0.89
N ILE A 56 -0.01 -10.21 1.92
CA ILE A 56 -0.60 -8.88 1.75
C ILE A 56 -0.43 -8.02 3.01
N ALA A 57 -0.66 -6.71 2.85
CA ALA A 57 -0.59 -5.75 3.94
C ALA A 57 -1.37 -4.48 3.57
N TYR A 58 -1.51 -3.56 4.51
CA TYR A 58 -2.09 -2.24 4.27
C TYR A 58 -1.10 -1.17 4.69
N VAL A 59 -1.11 -0.03 3.99
CA VAL A 59 -0.19 1.07 4.24
C VAL A 59 -0.99 2.37 4.34
N GLU A 60 -0.71 3.18 5.37
CA GLU A 60 -1.37 4.47 5.52
C GLU A 60 -0.35 5.58 5.42
N PHE A 61 -0.63 6.57 4.56
CA PHE A 61 0.22 7.75 4.44
C PHE A 61 -0.36 8.88 5.29
N VAL A 62 0.51 9.73 5.83
CA VAL A 62 0.06 10.87 6.63
C VAL A 62 -0.72 11.86 5.78
N ASP A 63 -0.41 11.91 4.48
CA ASP A 63 -0.98 12.86 3.55
C ASP A 63 -1.41 12.17 2.26
N VAL A 64 -2.43 12.73 1.60
CA VAL A 64 -2.95 12.20 0.35
C VAL A 64 -1.97 12.42 -0.79
N SER A 65 -1.07 13.39 -0.66
CA SER A 65 -0.12 13.72 -1.71
C SER A 65 0.83 12.56 -1.98
N SER A 66 0.93 11.60 -1.04
CA SER A 66 1.76 10.42 -1.22
C SER A 66 1.00 9.30 -1.93
N VAL A 67 -0.33 9.36 -1.89
CA VAL A 67 -1.20 8.31 -2.40
C VAL A 67 -0.99 8.04 -3.89
N PRO A 68 -1.03 9.05 -4.78
CA PRO A 68 -0.95 8.81 -6.21
C PRO A 68 0.44 8.35 -6.64
N LEU A 69 1.49 8.69 -5.89
CA LEU A 69 2.82 8.22 -6.21
C LEU A 69 3.02 6.79 -5.71
N ALA A 70 2.37 6.42 -4.60
CA ALA A 70 2.51 5.08 -4.04
C ALA A 70 1.92 4.03 -4.98
N ILE A 71 0.88 4.41 -5.73
CA ILE A 71 0.22 3.51 -6.68
C ILE A 71 0.95 3.52 -8.02
N GLY A 72 1.72 4.58 -8.31
CA GLY A 72 2.38 4.74 -9.59
C GLY A 72 3.62 3.85 -9.75
N LEU A 73 4.36 3.60 -8.67
CA LEU A 73 5.56 2.76 -8.75
C LEU A 73 5.21 1.27 -8.69
N THR A 74 3.93 0.92 -8.60
CA THR A 74 3.49 -0.45 -8.35
C THR A 74 4.25 -1.48 -9.20
N GLY A 75 4.57 -2.62 -8.60
CA GLY A 75 5.32 -3.70 -9.24
C GLY A 75 6.78 -3.77 -8.82
N GLN A 76 7.24 -2.91 -7.90
CA GLN A 76 8.62 -2.98 -7.41
C GLN A 76 8.82 -4.21 -6.53
N ARG A 77 10.08 -4.54 -6.22
CA ARG A 77 10.42 -5.68 -5.38
C ARG A 77 10.87 -5.22 -4.00
N VAL A 78 10.53 -6.01 -2.97
CA VAL A 78 10.93 -5.76 -1.59
C VAL A 78 11.23 -7.09 -0.91
N LEU A 79 12.34 -7.15 -0.17
CA LEU A 79 12.75 -8.33 0.60
C LEU A 79 12.73 -9.63 -0.21
N GLY A 80 12.95 -9.57 -1.53
CA GLY A 80 13.03 -10.77 -2.35
C GLY A 80 11.74 -11.10 -3.10
N VAL A 81 10.69 -10.27 -3.00
CA VAL A 81 9.43 -10.56 -3.67
C VAL A 81 8.81 -9.28 -4.24
N PRO A 82 8.19 -9.34 -5.43
CA PRO A 82 7.45 -8.23 -6.00
C PRO A 82 6.26 -7.87 -5.13
N ILE A 83 5.95 -6.56 -5.02
CA ILE A 83 4.81 -6.06 -4.28
C ILE A 83 3.96 -5.19 -5.19
N ILE A 84 2.66 -5.15 -4.93
CA ILE A 84 1.73 -4.33 -5.69
C ILE A 84 1.12 -3.28 -4.78
N VAL A 85 0.66 -2.18 -5.36
CA VAL A 85 -0.02 -1.14 -4.59
C VAL A 85 -1.30 -0.73 -5.32
N GLN A 86 -2.40 -0.71 -4.58
CA GLN A 86 -3.69 -0.19 -5.04
C GLN A 86 -4.34 0.54 -3.89
N ALA A 87 -5.07 1.63 -4.17
CA ALA A 87 -5.82 2.26 -3.10
C ALA A 87 -6.88 1.25 -2.66
N SER A 88 -7.15 1.14 -1.36
CA SER A 88 -8.05 0.09 -0.90
C SER A 88 -9.38 0.14 -1.65
N GLN A 89 -9.95 1.34 -1.83
CA GLN A 89 -11.25 1.44 -2.48
C GLN A 89 -11.12 1.33 -4.00
N ALA A 90 -10.14 2.04 -4.59
CA ALA A 90 -9.97 2.03 -6.02
C ALA A 90 -9.30 0.75 -6.51
N GLU A 91 -9.00 -0.21 -5.62
CA GLU A 91 -8.35 -1.44 -6.04
C GLU A 91 -9.21 -2.14 -7.07
N LYS A 92 -10.54 -2.05 -6.92
CA LYS A 92 -11.45 -2.76 -7.80
C LYS A 92 -11.60 -2.09 -9.16
N ASN A 93 -10.77 -1.09 -9.47
CA ASN A 93 -10.78 -0.43 -10.77
C ASN A 93 -9.35 -0.14 -11.24
N ARG A 94 -8.40 -0.06 -10.31
CA ARG A 94 -6.98 0.15 -10.62
C ARG A 94 -6.33 -1.16 -11.05
N ALA A 95 -6.98 -2.29 -10.78
CA ALA A 95 -6.47 -3.60 -11.18
C ALA A 95 -6.43 -3.76 -12.70
N ALA A 96 -7.06 -2.83 -13.43
CA ALA A 96 -7.04 -2.85 -14.90
C ALA A 96 -5.67 -2.45 -15.44
N ALA A 97 -4.81 -1.85 -14.61
CA ALA A 97 -3.48 -1.39 -14.99
C ALA A 97 -3.52 -0.54 -16.26
N MET A 1 0.31 19.50 4.21
CA MET A 1 -0.76 18.50 4.08
C MET A 1 -1.94 19.07 3.31
N ILE A 2 -2.89 18.21 2.92
CA ILE A 2 -4.07 18.63 2.17
C ILE A 2 -4.96 19.55 3.00
N ASP A 3 -5.53 20.58 2.34
CA ASP A 3 -6.41 21.54 2.98
C ASP A 3 -7.89 21.20 2.76
N ASN A 4 -8.18 20.47 1.69
CA ASN A 4 -9.55 20.25 1.22
C ASN A 4 -9.82 18.76 1.03
N LEU A 5 -9.64 17.99 2.12
CA LEU A 5 -9.87 16.56 2.12
C LEU A 5 -11.38 16.28 2.14
N THR A 6 -11.76 15.05 1.79
CA THR A 6 -13.14 14.61 1.80
C THR A 6 -13.21 13.20 2.36
N PRO A 7 -14.38 12.74 2.83
CA PRO A 7 -14.54 11.39 3.34
C PRO A 7 -14.23 10.33 2.27
N GLU A 8 -14.05 10.73 1.01
CA GLU A 8 -13.67 9.80 -0.04
C GLU A 8 -12.15 9.64 -0.09
N GLU A 9 -11.40 10.73 0.12
CA GLU A 9 -9.94 10.65 0.09
C GLU A 9 -9.35 10.32 1.46
N ARG A 10 -10.12 10.49 2.55
CA ARG A 10 -9.68 10.08 3.88
C ARG A 10 -9.29 8.61 3.89
N ASP A 11 -10.09 7.78 3.20
CA ASP A 11 -9.85 6.35 3.12
C ASP A 11 -8.74 6.03 2.13
N ALA A 12 -8.42 6.97 1.23
CA ALA A 12 -7.37 6.78 0.25
C ALA A 12 -5.99 6.95 0.88
N ARG A 13 -5.93 7.58 2.07
CA ARG A 13 -4.68 7.71 2.82
C ARG A 13 -4.15 6.31 3.14
N THR A 14 -5.05 5.33 3.18
CA THR A 14 -4.69 3.95 3.38
C THR A 14 -4.72 3.22 2.05
N VAL A 15 -3.56 2.69 1.64
CA VAL A 15 -3.47 1.89 0.44
C VAL A 15 -3.33 0.42 0.82
N PHE A 16 -3.85 -0.45 -0.04
CA PHE A 16 -3.76 -1.89 0.11
C PHE A 16 -2.65 -2.38 -0.80
N CYS A 17 -1.71 -3.14 -0.23
CA CYS A 17 -0.62 -3.68 -1.00
C CYS A 17 -0.66 -5.21 -0.93
N MET A 18 -0.36 -5.85 -2.06
CA MET A 18 -0.47 -7.30 -2.16
C MET A 18 0.77 -7.88 -2.85
N GLN A 19 0.83 -9.21 -2.95
CA GLN A 19 2.01 -9.94 -3.41
C GLN A 19 3.20 -9.77 -2.46
N LEU A 20 2.97 -9.25 -1.24
CA LEU A 20 3.98 -9.14 -0.21
C LEU A 20 4.46 -10.55 0.16
N ALA A 21 5.60 -10.65 0.86
CA ALA A 21 6.07 -11.94 1.32
C ALA A 21 5.22 -12.44 2.50
N ALA A 22 5.36 -13.72 2.83
CA ALA A 22 4.64 -14.32 3.95
C ALA A 22 5.22 -13.91 5.30
N ARG A 23 6.41 -13.28 5.31
CA ARG A 23 7.10 -12.94 6.56
C ARG A 23 7.73 -11.55 6.53
N ILE A 24 7.66 -10.81 5.42
CA ILE A 24 8.18 -9.44 5.35
C ILE A 24 7.63 -8.61 6.50
N ARG A 25 8.48 -7.73 7.03
CA ARG A 25 8.13 -6.85 8.15
C ARG A 25 7.55 -5.54 7.63
N PRO A 26 6.71 -4.87 8.43
CA PRO A 26 6.06 -3.63 8.04
C PRO A 26 7.07 -2.51 7.77
N ARG A 27 8.23 -2.54 8.44
CA ARG A 27 9.23 -1.50 8.29
C ARG A 27 9.86 -1.51 6.90
N ASP A 28 9.88 -2.66 6.23
CA ASP A 28 10.49 -2.75 4.91
C ASP A 28 9.67 -2.03 3.84
N LEU A 29 8.38 -1.79 4.09
CA LEU A 29 7.56 -1.01 3.17
C LEU A 29 7.69 0.48 3.45
N GLU A 30 7.97 0.85 4.71
CA GLU A 30 8.02 2.26 5.07
C GLU A 30 9.28 2.93 4.51
N GLU A 31 10.41 2.22 4.53
CA GLU A 31 11.64 2.74 3.95
C GLU A 31 11.53 2.75 2.43
N PHE A 32 10.66 1.89 1.88
CA PHE A 32 10.43 1.82 0.46
C PHE A 32 9.51 2.94 -0.02
N PHE A 33 8.45 3.24 0.75
CA PHE A 33 7.53 4.33 0.45
C PHE A 33 8.12 5.69 0.84
N SER A 34 9.30 5.73 1.45
CA SER A 34 9.97 6.99 1.75
C SER A 34 10.34 7.73 0.45
N THR A 35 10.25 7.05 -0.69
CA THR A 35 10.56 7.65 -1.98
C THR A 35 9.36 8.37 -2.59
N VAL A 36 8.16 8.17 -2.01
CA VAL A 36 6.94 8.78 -2.50
C VAL A 36 6.39 9.81 -1.51
N GLY A 37 7.03 9.96 -0.35
CA GLY A 37 6.58 10.86 0.69
C GLY A 37 6.97 10.35 2.07
N LYS A 38 6.02 10.42 3.01
CA LYS A 38 6.21 9.94 4.37
C LYS A 38 5.01 9.11 4.80
N VAL A 39 5.28 8.01 5.52
CA VAL A 39 4.26 7.03 5.88
C VAL A 39 4.01 7.03 7.38
N ARG A 40 2.77 6.75 7.79
CA ARG A 40 2.38 6.75 9.18
C ARG A 40 2.55 5.38 9.83
N ASP A 41 1.98 4.34 9.23
CA ASP A 41 1.98 2.97 9.77
C ASP A 41 1.74 1.95 8.65
N VAL A 42 1.97 0.67 8.96
CA VAL A 42 1.70 -0.45 8.07
C VAL A 42 1.07 -1.59 8.87
N ARG A 43 0.22 -2.39 8.22
CA ARG A 43 -0.47 -3.51 8.85
C ARG A 43 -0.30 -4.76 8.00
N MET A 44 0.57 -5.67 8.45
CA MET A 44 0.74 -6.96 7.79
C MET A 44 -0.42 -7.87 8.14
N ILE A 45 -0.67 -8.85 7.27
CA ILE A 45 -1.79 -9.78 7.41
C ILE A 45 -1.31 -11.20 7.11
N SER A 46 -1.94 -12.20 7.74
CA SER A 46 -1.58 -13.60 7.55
C SER A 46 -2.81 -14.46 7.25
N ASP A 47 -3.91 -13.82 6.87
CA ASP A 47 -5.09 -14.52 6.37
C ASP A 47 -4.93 -14.69 4.87
N ARG A 48 -4.89 -15.94 4.40
CA ARG A 48 -4.60 -16.21 3.00
C ARG A 48 -5.85 -16.25 2.13
N ASN A 49 -6.72 -17.24 2.35
CA ASN A 49 -7.93 -17.47 1.57
C ASN A 49 -7.71 -17.36 0.05
N SER A 50 -6.45 -17.44 -0.40
CA SER A 50 -6.09 -17.27 -1.79
C SER A 50 -4.65 -17.76 -2.03
N ARG A 51 -4.28 -17.95 -3.30
CA ARG A 51 -2.96 -18.39 -3.74
C ARG A 51 -1.88 -17.37 -3.37
N ARG A 52 -2.28 -16.16 -3.00
CA ARG A 52 -1.36 -15.10 -2.59
C ARG A 52 -0.61 -15.54 -1.33
N SER A 53 -1.31 -16.33 -0.52
CA SER A 53 -0.86 -16.93 0.71
C SER A 53 -0.09 -15.99 1.63
N LYS A 54 -0.83 -15.29 2.52
CA LYS A 54 -0.27 -14.39 3.53
C LYS A 54 0.57 -13.28 2.92
N GLY A 55 0.40 -13.05 1.61
CA GLY A 55 1.21 -12.11 0.86
C GLY A 55 0.55 -10.75 0.69
N ILE A 56 0.01 -10.17 1.77
CA ILE A 56 -0.59 -8.84 1.69
C ILE A 56 -0.36 -8.01 2.95
N ALA A 57 -0.62 -6.71 2.84
CA ALA A 57 -0.52 -5.76 3.92
C ALA A 57 -1.28 -4.48 3.56
N TYR A 58 -1.39 -3.54 4.49
CA TYR A 58 -1.97 -2.23 4.24
C TYR A 58 -0.99 -1.17 4.72
N VAL A 59 -0.99 0.00 4.06
CA VAL A 59 -0.08 1.09 4.35
C VAL A 59 -0.86 2.39 4.49
N GLU A 60 -0.63 3.13 5.57
CA GLU A 60 -1.32 4.39 5.80
C GLU A 60 -0.30 5.54 5.75
N PHE A 61 -0.54 6.51 4.88
CA PHE A 61 0.30 7.69 4.78
C PHE A 61 -0.26 8.80 5.67
N VAL A 62 0.64 9.63 6.23
CA VAL A 62 0.23 10.76 7.07
C VAL A 62 -0.52 11.82 6.26
N ASP A 63 -0.41 11.78 4.94
CA ASP A 63 -1.03 12.75 4.06
C ASP A 63 -1.40 12.11 2.73
N VAL A 64 -2.40 12.68 2.04
CA VAL A 64 -2.87 12.16 0.77
C VAL A 64 -1.88 12.47 -0.36
N SER A 65 -0.98 13.44 -0.15
CA SER A 65 -0.02 13.81 -1.19
C SER A 65 0.94 12.66 -1.51
N SER A 66 1.05 11.67 -0.62
CA SER A 66 1.89 10.51 -0.83
C SER A 66 1.16 9.40 -1.58
N VAL A 67 -0.18 9.45 -1.55
CA VAL A 67 -1.02 8.39 -2.09
C VAL A 67 -0.82 8.18 -3.59
N PRO A 68 -0.90 9.22 -4.44
CA PRO A 68 -0.84 9.03 -5.88
C PRO A 68 0.55 8.59 -6.35
N LEU A 69 1.59 8.90 -5.56
CA LEU A 69 2.93 8.45 -5.90
C LEU A 69 3.13 7.01 -5.45
N ALA A 70 2.50 6.61 -4.34
CA ALA A 70 2.63 5.27 -3.81
C ALA A 70 2.03 4.24 -4.75
N ILE A 71 0.96 4.61 -5.47
CA ILE A 71 0.31 3.71 -6.42
C ILE A 71 1.06 3.68 -7.75
N GLY A 72 1.85 4.72 -8.04
CA GLY A 72 2.54 4.84 -9.31
C GLY A 72 3.79 3.96 -9.42
N LEU A 73 4.49 3.72 -8.31
CA LEU A 73 5.68 2.86 -8.32
C LEU A 73 5.30 1.40 -8.12
N THR A 74 4.04 1.04 -8.32
CA THR A 74 3.60 -0.34 -8.12
C THR A 74 4.39 -1.30 -9.01
N GLY A 75 4.57 -2.53 -8.55
CA GLY A 75 5.30 -3.57 -9.28
C GLY A 75 6.77 -3.68 -8.83
N GLN A 76 7.25 -2.74 -8.01
CA GLN A 76 8.60 -2.81 -7.46
C GLN A 76 8.79 -4.06 -6.60
N ARG A 77 10.04 -4.45 -6.38
CA ARG A 77 10.40 -5.58 -5.55
C ARG A 77 10.78 -5.12 -4.16
N VAL A 78 10.46 -5.94 -3.15
CA VAL A 78 10.88 -5.72 -1.77
C VAL A 78 11.18 -7.07 -1.13
N LEU A 79 12.31 -7.19 -0.44
CA LEU A 79 12.71 -8.39 0.28
C LEU A 79 12.67 -9.66 -0.58
N GLY A 80 12.84 -9.55 -1.91
CA GLY A 80 12.89 -10.71 -2.78
C GLY A 80 11.59 -11.03 -3.51
N VAL A 81 10.55 -10.19 -3.39
CA VAL A 81 9.27 -10.47 -4.04
C VAL A 81 8.67 -9.17 -4.59
N PRO A 82 8.00 -9.22 -5.76
CA PRO A 82 7.27 -8.09 -6.29
C PRO A 82 6.09 -7.74 -5.40
N ILE A 83 5.89 -6.44 -5.15
CA ILE A 83 4.77 -5.94 -4.36
C ILE A 83 3.88 -5.06 -5.23
N ILE A 84 2.60 -5.01 -4.92
CA ILE A 84 1.65 -4.15 -5.62
C ILE A 84 1.18 -3.05 -4.68
N VAL A 85 0.73 -1.93 -5.24
CA VAL A 85 0.12 -0.88 -4.45
C VAL A 85 -1.14 -0.43 -5.16
N GLN A 86 -2.26 -0.50 -4.44
CA GLN A 86 -3.55 -0.03 -4.91
C GLN A 86 -4.23 0.65 -3.73
N ALA A 87 -5.00 1.70 -3.97
CA ALA A 87 -5.73 2.29 -2.86
C ALA A 87 -6.77 1.27 -2.43
N SER A 88 -7.13 1.20 -1.15
CA SER A 88 -8.04 0.16 -0.69
C SER A 88 -9.33 0.14 -1.53
N GLN A 89 -9.86 1.33 -1.87
CA GLN A 89 -11.07 1.39 -2.67
C GLN A 89 -10.76 1.19 -4.15
N ALA A 90 -9.68 1.83 -4.65
CA ALA A 90 -9.29 1.72 -6.04
C ALA A 90 -8.72 0.34 -6.36
N GLU A 91 -8.66 -0.56 -5.37
CA GLU A 91 -8.15 -1.90 -5.59
C GLU A 91 -8.92 -2.55 -6.73
N LYS A 92 -10.25 -2.61 -6.61
CA LYS A 92 -11.03 -3.32 -7.61
C LYS A 92 -11.35 -2.44 -8.81
N ASN A 93 -11.15 -1.12 -8.70
CA ASN A 93 -11.36 -0.23 -9.81
C ASN A 93 -10.15 -0.26 -10.76
N ARG A 94 -8.96 -0.56 -10.23
CA ARG A 94 -7.75 -0.64 -11.02
C ARG A 94 -7.52 -2.06 -11.53
N ALA A 95 -8.28 -3.02 -11.01
CA ALA A 95 -8.15 -4.42 -11.40
C ALA A 95 -8.62 -4.63 -12.84
N ALA A 96 -9.25 -3.63 -13.45
CA ALA A 96 -9.71 -3.68 -14.83
C ALA A 96 -8.54 -3.58 -15.81
N ALA A 97 -7.37 -3.14 -15.34
CA ALA A 97 -6.18 -2.99 -16.17
C ALA A 97 -5.68 -4.35 -16.66
N MET A 1 0.74 19.08 3.28
CA MET A 1 -0.48 18.33 3.64
C MET A 1 -1.70 18.94 2.97
N ILE A 2 -2.69 18.11 2.64
CA ILE A 2 -3.92 18.56 2.00
C ILE A 2 -4.70 19.50 2.92
N ASP A 3 -5.24 20.58 2.34
CA ASP A 3 -6.02 21.56 3.08
C ASP A 3 -7.51 21.28 3.03
N ASN A 4 -7.96 20.57 1.99
CA ASN A 4 -9.37 20.38 1.71
C ASN A 4 -9.71 18.92 1.49
N LEU A 5 -9.40 18.10 2.50
CA LEU A 5 -9.71 16.68 2.48
C LEU A 5 -11.20 16.47 2.69
N THR A 6 -11.69 15.29 2.34
CA THR A 6 -13.07 14.90 2.55
C THR A 6 -13.08 13.49 3.13
N PRO A 7 -14.16 13.06 3.79
CA PRO A 7 -14.26 11.72 4.32
C PRO A 7 -14.20 10.65 3.23
N GLU A 8 -14.17 11.06 1.94
CA GLU A 8 -14.02 10.10 0.86
C GLU A 8 -12.55 9.93 0.47
N GLU A 9 -11.73 10.98 0.55
CA GLU A 9 -10.31 10.84 0.26
C GLU A 9 -9.54 10.44 1.51
N ARG A 10 -10.16 10.60 2.68
CA ARG A 10 -9.60 10.17 3.95
C ARG A 10 -9.26 8.68 3.92
N ASP A 11 -10.09 7.88 3.25
CA ASP A 11 -9.89 6.44 3.11
C ASP A 11 -8.78 6.13 2.12
N ALA A 12 -8.52 7.05 1.19
CA ALA A 12 -7.50 6.85 0.17
C ALA A 12 -6.10 6.97 0.78
N ARG A 13 -6.00 7.58 1.96
CA ARG A 13 -4.73 7.65 2.69
C ARG A 13 -4.25 6.25 3.01
N THR A 14 -5.17 5.30 3.05
CA THR A 14 -4.84 3.89 3.26
C THR A 14 -4.82 3.18 1.92
N VAL A 15 -3.70 2.55 1.60
CA VAL A 15 -3.57 1.70 0.43
C VAL A 15 -3.39 0.26 0.86
N PHE A 16 -3.94 -0.65 0.07
CA PHE A 16 -3.86 -2.09 0.27
C PHE A 16 -2.78 -2.63 -0.67
N CYS A 17 -1.85 -3.41 -0.13
CA CYS A 17 -0.77 -3.97 -0.92
C CYS A 17 -0.75 -5.50 -0.80
N MET A 18 -0.30 -6.17 -1.87
CA MET A 18 -0.34 -7.62 -1.96
C MET A 18 0.92 -8.18 -2.61
N GLN A 19 1.04 -9.51 -2.67
CA GLN A 19 2.23 -10.23 -3.11
C GLN A 19 3.43 -10.00 -2.20
N LEU A 20 3.21 -9.46 -1.00
CA LEU A 20 4.23 -9.27 0.02
C LEU A 20 4.74 -10.64 0.49
N ALA A 21 5.84 -10.66 1.25
CA ALA A 21 6.35 -11.91 1.80
C ALA A 21 5.46 -12.39 2.95
N ALA A 22 5.66 -13.64 3.38
CA ALA A 22 4.83 -14.22 4.43
C ALA A 22 5.13 -13.61 5.80
N ARG A 23 6.32 -13.02 6.01
CA ARG A 23 6.69 -12.45 7.31
C ARG A 23 7.43 -11.12 7.19
N ILE A 24 7.43 -10.47 6.02
CA ILE A 24 8.05 -9.15 5.86
C ILE A 24 7.57 -8.21 6.97
N ARG A 25 8.50 -7.41 7.53
CA ARG A 25 8.15 -6.47 8.60
C ARG A 25 7.57 -5.20 8.00
N PRO A 26 6.70 -4.50 8.76
CA PRO A 26 6.04 -3.30 8.28
C PRO A 26 7.03 -2.20 7.90
N ARG A 27 8.21 -2.18 8.54
CA ARG A 27 9.21 -1.16 8.28
C ARG A 27 9.80 -1.28 6.88
N ASP A 28 9.80 -2.48 6.29
CA ASP A 28 10.38 -2.69 4.97
C ASP A 28 9.58 -2.01 3.87
N LEU A 29 8.29 -1.76 4.10
CA LEU A 29 7.47 -1.04 3.13
C LEU A 29 7.59 0.47 3.35
N GLU A 30 7.88 0.91 4.57
CA GLU A 30 7.93 2.33 4.87
C GLU A 30 9.19 2.97 4.29
N GLU A 31 10.32 2.26 4.33
CA GLU A 31 11.55 2.74 3.74
C GLU A 31 11.43 2.72 2.21
N PHE A 32 10.55 1.86 1.70
CA PHE A 32 10.31 1.73 0.27
C PHE A 32 9.36 2.82 -0.21
N PHE A 33 8.29 3.11 0.54
CA PHE A 33 7.35 4.18 0.22
C PHE A 33 7.92 5.55 0.57
N SER A 34 9.11 5.62 1.17
CA SER A 34 9.76 6.89 1.45
C SER A 34 10.08 7.64 0.15
N THR A 35 10.01 6.94 -0.99
CA THR A 35 10.32 7.54 -2.29
C THR A 35 9.09 8.21 -2.90
N VAL A 36 7.90 7.95 -2.35
CA VAL A 36 6.65 8.52 -2.85
C VAL A 36 6.09 9.57 -1.89
N GLY A 37 6.76 9.80 -0.76
CA GLY A 37 6.31 10.75 0.24
C GLY A 37 6.69 10.29 1.64
N LYS A 38 5.77 10.43 2.59
CA LYS A 38 5.97 10.02 3.97
C LYS A 38 4.80 9.17 4.44
N VAL A 39 5.12 8.08 5.15
CA VAL A 39 4.14 7.10 5.57
C VAL A 39 3.96 7.13 7.10
N ARG A 40 2.75 6.82 7.57
CA ARG A 40 2.45 6.85 9.00
C ARG A 40 2.62 5.49 9.65
N ASP A 41 2.04 4.44 9.06
CA ASP A 41 2.06 3.10 9.63
C ASP A 41 1.74 2.04 8.57
N VAL A 42 1.97 0.78 8.94
CA VAL A 42 1.68 -0.38 8.09
C VAL A 42 1.12 -1.50 8.96
N ARG A 43 0.27 -2.37 8.39
CA ARG A 43 -0.33 -3.50 9.08
C ARG A 43 -0.24 -4.74 8.20
N MET A 44 0.53 -5.72 8.63
CA MET A 44 0.66 -6.98 7.92
C MET A 44 -0.52 -7.91 8.23
N ILE A 45 -0.69 -8.90 7.35
CA ILE A 45 -1.79 -9.86 7.44
C ILE A 45 -1.24 -11.24 7.11
N SER A 46 -1.91 -12.30 7.62
CA SER A 46 -1.49 -13.67 7.38
C SER A 46 -2.62 -14.52 6.82
N ASP A 47 -3.68 -13.88 6.31
CA ASP A 47 -4.79 -14.56 5.67
C ASP A 47 -4.41 -14.84 4.22
N ARG A 48 -4.54 -16.10 3.79
CA ARG A 48 -4.11 -16.47 2.45
C ARG A 48 -5.27 -16.53 1.46
N ASN A 49 -6.12 -17.55 1.55
CA ASN A 49 -7.29 -17.80 0.70
C ASN A 49 -7.04 -17.65 -0.80
N SER A 50 -5.79 -17.47 -1.24
CA SER A 50 -5.45 -17.26 -2.64
C SER A 50 -3.94 -17.47 -2.86
N ARG A 51 -3.50 -17.42 -4.12
CA ARG A 51 -2.15 -17.77 -4.57
C ARG A 51 -1.05 -16.90 -3.96
N ARG A 52 -1.37 -15.70 -3.44
CA ARG A 52 -0.36 -14.82 -2.86
C ARG A 52 0.12 -15.38 -1.53
N SER A 53 -0.68 -16.27 -0.95
CA SER A 53 -0.34 -17.05 0.21
C SER A 53 0.17 -16.21 1.38
N LYS A 54 -0.76 -15.61 2.14
CA LYS A 54 -0.50 -14.88 3.36
C LYS A 54 0.57 -13.80 3.18
N GLY A 55 0.64 -13.28 1.96
CA GLY A 55 1.59 -12.27 1.55
C GLY A 55 0.89 -10.97 1.18
N ILE A 56 0.24 -10.32 2.15
CA ILE A 56 -0.41 -9.03 1.92
C ILE A 56 -0.32 -8.14 3.16
N ALA A 57 -0.61 -6.84 2.97
CA ALA A 57 -0.57 -5.86 4.05
C ALA A 57 -1.40 -4.62 3.68
N TYR A 58 -1.52 -3.68 4.61
CA TYR A 58 -2.10 -2.37 4.38
C TYR A 58 -1.10 -1.30 4.83
N VAL A 59 -1.10 -0.17 4.13
CA VAL A 59 -0.19 0.94 4.38
C VAL A 59 -0.99 2.22 4.51
N GLU A 60 -0.67 3.09 5.46
CA GLU A 60 -1.38 4.35 5.62
C GLU A 60 -0.40 5.52 5.63
N PHE A 61 -0.63 6.48 4.74
CA PHE A 61 0.21 7.66 4.63
C PHE A 61 -0.34 8.80 5.47
N VAL A 62 0.53 9.68 5.96
CA VAL A 62 0.12 10.83 6.75
C VAL A 62 -0.58 11.88 5.89
N ASP A 63 -0.46 11.77 4.56
CA ASP A 63 -1.03 12.73 3.63
C ASP A 63 -1.46 12.04 2.33
N VAL A 64 -2.46 12.60 1.66
CA VAL A 64 -3.00 12.03 0.44
C VAL A 64 -2.07 12.27 -0.75
N SER A 65 -1.15 13.24 -0.65
CA SER A 65 -0.24 13.53 -1.74
C SER A 65 0.74 12.37 -1.98
N SER A 66 0.87 11.47 -1.01
CA SER A 66 1.73 10.29 -1.14
C SER A 66 1.00 9.14 -1.82
N VAL A 67 -0.35 9.17 -1.77
CA VAL A 67 -1.19 8.09 -2.27
C VAL A 67 -1.04 7.85 -3.78
N PRO A 68 -1.13 8.88 -4.65
CA PRO A 68 -1.10 8.66 -6.08
C PRO A 68 0.28 8.19 -6.57
N LEU A 69 1.34 8.50 -5.82
CA LEU A 69 2.67 8.04 -6.17
C LEU A 69 2.89 6.61 -5.66
N ALA A 70 2.27 6.25 -4.54
CA ALA A 70 2.42 4.92 -3.96
C ALA A 70 1.83 3.84 -4.87
N ILE A 71 0.82 4.20 -5.67
CA ILE A 71 0.18 3.28 -6.58
C ILE A 71 0.93 3.23 -7.91
N GLY A 72 1.69 4.27 -8.23
CA GLY A 72 2.39 4.38 -9.51
C GLY A 72 3.63 3.49 -9.59
N LEU A 73 4.34 3.31 -8.48
CA LEU A 73 5.52 2.44 -8.45
C LEU A 73 5.15 0.98 -8.20
N THR A 74 3.89 0.61 -8.39
CA THR A 74 3.45 -0.75 -8.17
C THR A 74 4.26 -1.73 -9.02
N GLY A 75 4.50 -2.94 -8.50
CA GLY A 75 5.26 -3.97 -9.19
C GLY A 75 6.73 -4.05 -8.76
N GLN A 76 7.20 -3.08 -7.95
CA GLN A 76 8.54 -3.11 -7.38
C GLN A 76 8.72 -4.33 -6.48
N ARG A 77 9.97 -4.66 -6.15
CA ARG A 77 10.30 -5.80 -5.30
C ARG A 77 10.73 -5.35 -3.92
N VAL A 78 10.36 -6.13 -2.90
CA VAL A 78 10.75 -5.89 -1.51
C VAL A 78 10.99 -7.23 -0.82
N LEU A 79 12.08 -7.34 -0.07
CA LEU A 79 12.41 -8.54 0.69
C LEU A 79 12.29 -9.83 -0.14
N GLY A 80 12.75 -9.79 -1.39
CA GLY A 80 12.81 -11.00 -2.22
C GLY A 80 11.55 -11.26 -3.04
N VAL A 81 10.52 -10.42 -2.96
CA VAL A 81 9.27 -10.67 -3.70
C VAL A 81 8.69 -9.38 -4.28
N PRO A 82 8.08 -9.44 -5.47
CA PRO A 82 7.35 -8.32 -6.04
C PRO A 82 6.12 -7.98 -5.20
N ILE A 83 5.92 -6.69 -4.93
CA ILE A 83 4.75 -6.22 -4.17
C ILE A 83 3.88 -5.37 -5.10
N ILE A 84 2.58 -5.35 -4.83
CA ILE A 84 1.63 -4.54 -5.59
C ILE A 84 1.02 -3.49 -4.68
N VAL A 85 0.54 -2.38 -5.25
CA VAL A 85 -0.12 -1.35 -4.47
C VAL A 85 -1.42 -0.95 -5.13
N GLN A 86 -2.50 -0.96 -4.36
CA GLN A 86 -3.82 -0.51 -4.78
C GLN A 86 -4.40 0.34 -3.66
N ALA A 87 -5.09 1.44 -3.99
CA ALA A 87 -5.75 2.18 -2.93
C ALA A 87 -6.85 1.29 -2.37
N SER A 88 -7.17 1.42 -1.09
CA SER A 88 -8.19 0.56 -0.50
C SER A 88 -9.49 0.63 -1.31
N GLN A 89 -9.97 1.83 -1.64
CA GLN A 89 -11.22 1.96 -2.36
C GLN A 89 -11.02 1.86 -3.87
N ALA A 90 -10.02 2.56 -4.42
CA ALA A 90 -9.74 2.51 -5.85
C ALA A 90 -9.09 1.19 -6.23
N GLU A 91 -9.06 0.21 -5.30
CA GLU A 91 -8.50 -1.09 -5.61
C GLU A 91 -9.19 -1.67 -6.84
N LYS A 92 -10.52 -1.56 -6.90
CA LYS A 92 -11.25 -2.16 -8.00
C LYS A 92 -11.20 -1.28 -9.25
N ASN A 93 -11.03 0.03 -9.08
CA ASN A 93 -10.94 0.94 -10.21
C ASN A 93 -9.58 0.86 -10.87
N ARG A 94 -8.55 0.48 -10.09
CA ARG A 94 -7.19 0.35 -10.60
C ARG A 94 -6.94 -1.09 -11.08
N ALA A 95 -7.84 -2.01 -10.78
CA ALA A 95 -7.70 -3.41 -11.18
C ALA A 95 -7.76 -3.56 -12.71
N ALA A 96 -8.12 -2.50 -13.43
CA ALA A 96 -8.18 -2.50 -14.89
C ALA A 96 -6.79 -2.56 -15.51
N ALA A 97 -5.74 -2.28 -14.74
CA ALA A 97 -4.37 -2.30 -15.22
C ALA A 97 -3.40 -2.62 -14.08
N MET A 1 0.49 18.23 0.61
CA MET A 1 -0.43 18.38 1.76
C MET A 1 -1.84 18.65 1.28
N ILE A 2 -2.81 17.86 1.78
CA ILE A 2 -4.22 18.08 1.47
C ILE A 2 -4.72 19.33 2.19
N ASP A 3 -5.41 20.21 1.46
CA ASP A 3 -5.94 21.45 2.03
C ASP A 3 -7.35 21.26 2.58
N ASN A 4 -8.10 20.31 2.00
CA ASN A 4 -9.50 20.08 2.35
C ASN A 4 -9.83 18.61 2.13
N LEU A 5 -9.53 17.78 3.12
CA LEU A 5 -9.81 16.36 3.05
C LEU A 5 -11.31 16.12 3.28
N THR A 6 -11.81 14.97 2.83
CA THR A 6 -13.19 14.57 3.03
C THR A 6 -13.19 13.10 3.41
N PRO A 7 -14.28 12.56 3.96
CA PRO A 7 -14.35 11.14 4.33
C PRO A 7 -14.21 10.24 3.11
N GLU A 8 -14.15 10.79 1.89
CA GLU A 8 -13.98 9.99 0.70
C GLU A 8 -12.51 9.84 0.32
N GLU A 9 -11.71 10.88 0.57
CA GLU A 9 -10.27 10.81 0.33
C GLU A 9 -9.57 10.27 1.56
N ARG A 10 -10.23 10.34 2.72
CA ARG A 10 -9.69 9.83 3.96
C ARG A 10 -9.33 8.35 3.84
N ASP A 11 -10.15 7.60 3.10
CA ASP A 11 -9.91 6.18 2.87
C ASP A 11 -8.79 5.93 1.87
N ALA A 12 -8.49 6.95 1.04
CA ALA A 12 -7.45 6.85 0.03
C ALA A 12 -6.06 7.02 0.67
N ARG A 13 -5.99 7.62 1.87
CA ARG A 13 -4.74 7.74 2.60
C ARG A 13 -4.20 6.37 2.96
N THR A 14 -5.10 5.36 2.96
CA THR A 14 -4.72 3.99 3.20
C THR A 14 -4.73 3.23 1.88
N VAL A 15 -3.58 2.71 1.49
CA VAL A 15 -3.46 1.88 0.31
C VAL A 15 -3.32 0.42 0.73
N PHE A 16 -3.84 -0.48 -0.10
CA PHE A 16 -3.75 -1.91 0.09
C PHE A 16 -2.64 -2.44 -0.80
N CYS A 17 -1.76 -3.26 -0.25
CA CYS A 17 -0.66 -3.83 -1.01
C CYS A 17 -0.68 -5.34 -0.90
N MET A 18 -0.36 -6.01 -2.01
CA MET A 18 -0.43 -7.47 -2.08
C MET A 18 0.85 -8.04 -2.70
N GLN A 19 0.93 -9.38 -2.76
CA GLN A 19 2.12 -10.10 -3.16
C GLN A 19 3.28 -9.90 -2.16
N LEU A 20 2.99 -9.38 -0.97
CA LEU A 20 3.98 -9.24 0.09
C LEU A 20 4.45 -10.62 0.51
N ALA A 21 5.61 -10.70 1.18
CA ALA A 21 6.13 -11.97 1.65
C ALA A 21 5.29 -12.49 2.82
N ALA A 22 5.44 -13.79 3.13
CA ALA A 22 4.78 -14.42 4.26
C ALA A 22 5.37 -13.96 5.59
N ARG A 23 6.52 -13.27 5.55
CA ARG A 23 7.26 -12.91 6.76
C ARG A 23 7.81 -11.48 6.74
N ILE A 24 7.70 -10.74 5.63
CA ILE A 24 8.17 -9.36 5.55
C ILE A 24 7.60 -8.53 6.70
N ARG A 25 8.41 -7.60 7.21
CA ARG A 25 8.06 -6.73 8.32
C ARG A 25 7.51 -5.41 7.80
N PRO A 26 6.67 -4.72 8.58
CA PRO A 26 6.02 -3.49 8.18
C PRO A 26 7.03 -2.37 7.94
N ARG A 27 8.18 -2.43 8.61
CA ARG A 27 9.20 -1.39 8.49
C ARG A 27 9.82 -1.37 7.09
N ASP A 28 9.84 -2.53 6.41
CA ASP A 28 10.47 -2.63 5.09
C ASP A 28 9.64 -1.95 4.00
N LEU A 29 8.33 -1.75 4.22
CA LEU A 29 7.53 -1.03 3.25
C LEU A 29 7.63 0.48 3.47
N GLU A 30 7.92 0.91 4.70
CA GLU A 30 7.96 2.33 5.01
C GLU A 30 9.21 2.99 4.43
N GLU A 31 10.35 2.28 4.49
CA GLU A 31 11.57 2.78 3.90
C GLU A 31 11.47 2.75 2.37
N PHE A 32 10.60 1.87 1.85
CA PHE A 32 10.37 1.76 0.42
C PHE A 32 9.43 2.88 -0.08
N PHE A 33 8.36 3.17 0.66
CA PHE A 33 7.44 4.24 0.33
C PHE A 33 8.02 5.62 0.67
N SER A 34 9.21 5.67 1.30
CA SER A 34 9.86 6.94 1.58
C SER A 34 10.22 7.67 0.28
N THR A 35 10.15 6.98 -0.87
CA THR A 35 10.46 7.57 -2.15
C THR A 35 9.25 8.25 -2.78
N VAL A 36 8.06 8.02 -2.22
CA VAL A 36 6.83 8.61 -2.73
C VAL A 36 6.25 9.65 -1.77
N GLY A 37 6.88 9.82 -0.61
CA GLY A 37 6.42 10.75 0.40
C GLY A 37 6.81 10.28 1.80
N LYS A 38 5.88 10.38 2.75
CA LYS A 38 6.08 9.94 4.12
C LYS A 38 4.88 9.13 4.61
N VAL A 39 5.16 8.04 5.33
CA VAL A 39 4.16 7.07 5.74
C VAL A 39 3.95 7.10 7.25
N ARG A 40 2.72 6.82 7.70
CA ARG A 40 2.38 6.84 9.11
C ARG A 40 2.54 5.46 9.75
N ASP A 41 1.90 4.45 9.17
CA ASP A 41 1.85 3.09 9.71
C ASP A 41 1.62 2.06 8.60
N VAL A 42 1.80 0.78 8.93
CA VAL A 42 1.57 -0.36 8.06
C VAL A 42 0.93 -1.49 8.87
N ARG A 43 0.13 -2.34 8.22
CA ARG A 43 -0.54 -3.46 8.88
C ARG A 43 -0.32 -4.72 8.04
N MET A 44 0.54 -5.63 8.52
CA MET A 44 0.77 -6.90 7.85
C MET A 44 -0.37 -7.86 8.14
N ILE A 45 -0.53 -8.85 7.24
CA ILE A 45 -1.64 -9.79 7.28
C ILE A 45 -1.14 -11.17 6.89
N SER A 46 -1.89 -12.22 7.27
CA SER A 46 -1.56 -13.61 6.97
C SER A 46 -2.76 -14.35 6.40
N ASP A 47 -3.67 -13.62 5.73
CA ASP A 47 -4.85 -14.15 5.09
C ASP A 47 -4.46 -15.17 4.01
N ARG A 48 -5.05 -16.37 4.10
CA ARG A 48 -4.74 -17.50 3.26
C ARG A 48 -5.69 -17.71 2.08
N ASN A 49 -6.75 -16.90 1.98
CA ASN A 49 -7.82 -17.13 1.02
C ASN A 49 -7.47 -16.78 -0.42
N SER A 50 -6.18 -16.83 -0.78
CA SER A 50 -5.73 -16.61 -2.16
C SER A 50 -4.30 -17.11 -2.35
N ARG A 51 -3.87 -17.23 -3.61
CA ARG A 51 -2.57 -17.75 -4.02
C ARG A 51 -1.40 -16.93 -3.46
N ARG A 52 -1.60 -15.67 -3.07
CA ARG A 52 -0.51 -14.91 -2.47
C ARG A 52 -0.20 -15.47 -1.09
N SER A 53 -1.19 -16.20 -0.56
CA SER A 53 -1.12 -17.02 0.63
C SER A 53 -0.33 -16.37 1.76
N LYS A 54 -1.03 -15.61 2.59
CA LYS A 54 -0.52 -14.97 3.80
C LYS A 54 0.51 -13.90 3.50
N GLY A 55 0.44 -13.33 2.29
CA GLY A 55 1.37 -12.34 1.79
C GLY A 55 0.70 -11.07 1.30
N ILE A 56 0.09 -10.31 2.22
CA ILE A 56 -0.49 -9.00 1.92
C ILE A 56 -0.35 -8.06 3.13
N ALA A 57 -0.62 -6.78 2.91
CA ALA A 57 -0.55 -5.76 3.95
C ALA A 57 -1.34 -4.52 3.56
N TYR A 58 -1.46 -3.56 4.48
CA TYR A 58 -2.05 -2.25 4.22
C TYR A 58 -1.07 -1.18 4.69
N VAL A 59 -1.04 -0.05 3.99
CA VAL A 59 -0.13 1.05 4.28
C VAL A 59 -0.94 2.33 4.41
N GLU A 60 -0.59 3.20 5.36
CA GLU A 60 -1.30 4.44 5.58
C GLU A 60 -0.35 5.62 5.63
N PHE A 61 -0.58 6.60 4.76
CA PHE A 61 0.27 7.78 4.67
C PHE A 61 -0.26 8.92 5.54
N VAL A 62 0.66 9.76 6.04
CA VAL A 62 0.29 10.93 6.83
C VAL A 62 -0.33 12.02 5.95
N ASP A 63 -0.24 11.86 4.63
CA ASP A 63 -0.74 12.86 3.69
C ASP A 63 -1.25 12.18 2.41
N VAL A 64 -2.20 12.81 1.73
CA VAL A 64 -2.78 12.28 0.50
C VAL A 64 -1.82 12.46 -0.66
N SER A 65 -0.91 13.43 -0.58
CA SER A 65 0.02 13.70 -1.67
C SER A 65 0.98 12.54 -1.89
N SER A 66 1.05 11.60 -0.95
CA SER A 66 1.86 10.40 -1.07
C SER A 66 1.08 9.28 -1.78
N VAL A 67 -0.25 9.36 -1.77
CA VAL A 67 -1.11 8.31 -2.25
C VAL A 67 -0.92 8.03 -3.75
N PRO A 68 -0.97 9.03 -4.64
CA PRO A 68 -0.91 8.77 -6.07
C PRO A 68 0.47 8.31 -6.51
N LEU A 69 1.53 8.67 -5.78
CA LEU A 69 2.87 8.19 -6.12
C LEU A 69 3.07 6.77 -5.61
N ALA A 70 2.43 6.39 -4.50
CA ALA A 70 2.56 5.06 -3.93
C ALA A 70 1.97 4.01 -4.88
N ILE A 71 0.94 4.39 -5.63
CA ILE A 71 0.30 3.49 -6.58
C ILE A 71 1.04 3.50 -7.92
N GLY A 72 1.79 4.57 -8.21
CA GLY A 72 2.45 4.75 -9.48
C GLY A 72 3.69 3.87 -9.66
N LEU A 73 4.42 3.59 -8.58
CA LEU A 73 5.61 2.74 -8.65
C LEU A 73 5.26 1.26 -8.59
N THR A 74 3.97 0.93 -8.50
CA THR A 74 3.53 -0.44 -8.27
C THR A 74 4.28 -1.47 -9.11
N GLY A 75 4.59 -2.62 -8.50
CA GLY A 75 5.33 -3.69 -9.13
C GLY A 75 6.80 -3.78 -8.70
N GLN A 76 7.27 -2.89 -7.82
CA GLN A 76 8.64 -2.98 -7.32
C GLN A 76 8.81 -4.19 -6.41
N ARG A 77 10.07 -4.57 -6.15
CA ARG A 77 10.39 -5.70 -5.30
C ARG A 77 10.86 -5.24 -3.93
N VAL A 78 10.53 -6.01 -2.89
CA VAL A 78 10.94 -5.75 -1.53
C VAL A 78 11.23 -7.07 -0.82
N LEU A 79 12.37 -7.14 -0.11
CA LEU A 79 12.77 -8.31 0.65
C LEU A 79 12.74 -9.62 -0.16
N GLY A 80 12.94 -9.55 -1.48
CA GLY A 80 13.02 -10.74 -2.30
C GLY A 80 11.73 -11.09 -3.05
N VAL A 81 10.68 -10.26 -2.96
CA VAL A 81 9.42 -10.55 -3.63
C VAL A 81 8.81 -9.29 -4.22
N PRO A 82 8.18 -9.36 -5.41
CA PRO A 82 7.45 -8.24 -5.98
C PRO A 82 6.24 -7.90 -5.11
N ILE A 83 5.98 -6.60 -4.94
CA ILE A 83 4.83 -6.11 -4.18
C ILE A 83 3.97 -5.23 -5.08
N ILE A 84 2.67 -5.21 -4.84
CA ILE A 84 1.74 -4.39 -5.60
C ILE A 84 1.16 -3.32 -4.69
N VAL A 85 0.71 -2.21 -5.27
CA VAL A 85 0.05 -1.16 -4.52
C VAL A 85 -1.22 -0.73 -5.25
N GLN A 86 -2.33 -0.68 -4.51
CA GLN A 86 -3.61 -0.17 -4.99
C GLN A 86 -4.28 0.54 -3.82
N ALA A 87 -4.99 1.65 -4.07
CA ALA A 87 -5.73 2.26 -2.98
C ALA A 87 -6.78 1.26 -2.54
N SER A 88 -7.11 1.23 -1.24
CA SER A 88 -8.06 0.23 -0.76
C SER A 88 -9.38 0.31 -1.52
N GLN A 89 -9.88 1.52 -1.79
CA GLN A 89 -11.15 1.64 -2.48
C GLN A 89 -10.97 1.52 -4.00
N ALA A 90 -9.98 2.22 -4.57
CA ALA A 90 -9.72 2.17 -6.00
C ALA A 90 -9.10 0.82 -6.38
N GLU A 91 -9.02 -0.12 -5.43
CA GLU A 91 -8.46 -1.44 -5.70
C GLU A 91 -9.18 -2.06 -6.90
N LYS A 92 -10.51 -2.07 -6.88
CA LYS A 92 -11.23 -2.73 -7.96
C LYS A 92 -11.44 -1.80 -9.15
N ASN A 93 -11.25 -0.49 -8.98
CA ASN A 93 -11.34 0.45 -10.08
C ASN A 93 -10.03 0.45 -10.88
N ARG A 94 -8.92 0.13 -10.23
CA ARG A 94 -7.61 0.04 -10.85
C ARG A 94 -7.43 -1.32 -11.52
N ALA A 95 -8.23 -2.31 -11.13
CA ALA A 95 -8.19 -3.65 -11.71
C ALA A 95 -8.85 -3.69 -13.08
N ALA A 96 -9.55 -2.62 -13.47
CA ALA A 96 -10.21 -2.52 -14.76
C ALA A 96 -9.21 -2.30 -15.90
N ALA A 97 -7.97 -1.91 -15.57
CA ALA A 97 -6.93 -1.64 -16.55
C ALA A 97 -6.49 -2.94 -17.26
N MET A 1 0.07 18.54 4.32
CA MET A 1 -1.28 18.12 4.74
C MET A 1 -2.34 18.71 3.81
N ILE A 2 -3.31 17.90 3.41
CA ILE A 2 -4.41 18.35 2.57
C ILE A 2 -5.40 19.18 3.37
N ASP A 3 -5.71 20.38 2.87
CA ASP A 3 -6.56 21.35 3.53
C ASP A 3 -8.04 21.14 3.18
N ASN A 4 -8.31 20.48 2.06
CA ASN A 4 -9.64 20.38 1.49
C ASN A 4 -10.03 18.91 1.33
N LEU A 5 -9.83 18.15 2.41
CA LEU A 5 -10.10 16.73 2.44
C LEU A 5 -11.61 16.49 2.43
N THR A 6 -12.00 15.27 2.05
CA THR A 6 -13.37 14.81 2.07
C THR A 6 -13.37 13.43 2.72
N PRO A 7 -14.50 12.92 3.20
CA PRO A 7 -14.56 11.60 3.81
C PRO A 7 -14.21 10.49 2.80
N GLU A 8 -14.05 10.82 1.51
CA GLU A 8 -13.72 9.82 0.52
C GLU A 8 -12.22 9.69 0.31
N GLU A 9 -11.48 10.80 0.32
CA GLU A 9 -10.04 10.75 0.15
C GLU A 9 -9.36 10.41 1.47
N ARG A 10 -10.11 10.51 2.57
CA ARG A 10 -9.61 10.22 3.90
C ARG A 10 -9.25 8.74 4.01
N ASP A 11 -10.08 7.90 3.41
CA ASP A 11 -9.85 6.46 3.34
C ASP A 11 -8.76 6.13 2.32
N ALA A 12 -8.53 7.02 1.36
CA ALA A 12 -7.50 6.83 0.34
C ALA A 12 -6.11 7.00 0.93
N ARG A 13 -6.00 7.62 2.11
CA ARG A 13 -4.73 7.74 2.82
C ARG A 13 -4.21 6.34 3.15
N THR A 14 -5.11 5.35 3.16
CA THR A 14 -4.75 3.96 3.36
C THR A 14 -4.80 3.24 2.02
N VAL A 15 -3.67 2.65 1.63
CA VAL A 15 -3.59 1.83 0.43
C VAL A 15 -3.42 0.37 0.83
N PHE A 16 -3.92 -0.52 -0.02
CA PHE A 16 -3.82 -1.95 0.15
C PHE A 16 -2.70 -2.46 -0.75
N CYS A 17 -1.84 -3.32 -0.20
CA CYS A 17 -0.73 -3.87 -0.96
C CYS A 17 -0.69 -5.39 -0.81
N MET A 18 -0.28 -6.06 -1.89
CA MET A 18 -0.34 -7.51 -1.95
C MET A 18 0.92 -8.08 -2.62
N GLN A 19 0.95 -9.41 -2.78
CA GLN A 19 2.12 -10.16 -3.25
C GLN A 19 3.31 -10.04 -2.28
N LEU A 20 3.09 -9.45 -1.11
CA LEU A 20 4.10 -9.33 -0.07
C LEU A 20 4.50 -10.72 0.44
N ALA A 21 5.62 -10.80 1.17
CA ALA A 21 6.05 -12.05 1.76
C ALA A 21 5.16 -12.43 2.94
N ALA A 22 5.25 -13.69 3.39
CA ALA A 22 4.48 -14.18 4.51
C ALA A 22 5.04 -13.69 5.86
N ARG A 23 6.24 -13.10 5.87
CA ARG A 23 6.89 -12.69 7.11
C ARG A 23 7.57 -11.33 7.02
N ILE A 24 7.58 -10.68 5.85
CA ILE A 24 8.15 -9.34 5.69
C ILE A 24 7.63 -8.41 6.79
N ARG A 25 8.52 -7.56 7.34
CA ARG A 25 8.16 -6.62 8.38
C ARG A 25 7.60 -5.34 7.78
N PRO A 26 6.76 -4.61 8.53
CA PRO A 26 6.13 -3.39 8.06
C PRO A 26 7.16 -2.31 7.71
N ARG A 27 8.31 -2.32 8.40
CA ARG A 27 9.35 -1.31 8.18
C ARG A 27 9.95 -1.42 6.78
N ASP A 28 9.91 -2.62 6.17
CA ASP A 28 10.47 -2.80 4.84
C ASP A 28 9.64 -2.10 3.77
N LEU A 29 8.34 -1.85 4.03
CA LEU A 29 7.52 -1.08 3.11
C LEU A 29 7.66 0.41 3.38
N GLU A 30 7.94 0.81 4.63
CA GLU A 30 8.00 2.21 4.97
C GLU A 30 9.26 2.88 4.42
N GLU A 31 10.38 2.16 4.41
CA GLU A 31 11.61 2.66 3.81
C GLU A 31 11.48 2.66 2.29
N PHE A 32 10.61 1.81 1.76
CA PHE A 32 10.37 1.70 0.33
C PHE A 32 9.45 2.81 -0.17
N PHE A 33 8.39 3.13 0.60
CA PHE A 33 7.47 4.21 0.27
C PHE A 33 8.06 5.58 0.60
N SER A 34 9.27 5.62 1.18
CA SER A 34 9.93 6.89 1.44
C SER A 34 10.29 7.61 0.13
N THR A 35 10.14 6.93 -1.02
CA THR A 35 10.43 7.53 -2.32
C THR A 35 9.21 8.22 -2.90
N VAL A 36 8.02 7.98 -2.33
CA VAL A 36 6.77 8.58 -2.79
C VAL A 36 6.26 9.64 -1.83
N GLY A 37 6.99 9.87 -0.73
CA GLY A 37 6.57 10.82 0.30
C GLY A 37 6.98 10.31 1.67
N LYS A 38 6.06 10.38 2.64
CA LYS A 38 6.29 9.89 3.99
C LYS A 38 5.09 9.09 4.45
N VAL A 39 5.35 8.01 5.17
CA VAL A 39 4.32 7.05 5.58
C VAL A 39 4.05 7.11 7.07
N ARG A 40 2.80 6.84 7.46
CA ARG A 40 2.38 6.91 8.86
C ARG A 40 2.53 5.57 9.57
N ASP A 41 2.06 4.49 8.94
CA ASP A 41 2.09 3.16 9.54
C ASP A 41 1.81 2.08 8.48
N VAL A 42 2.05 0.82 8.84
CA VAL A 42 1.78 -0.33 7.99
C VAL A 42 1.27 -1.48 8.87
N ARG A 43 0.39 -2.32 8.31
CA ARG A 43 -0.21 -3.44 9.04
C ARG A 43 -0.19 -4.70 8.16
N MET A 44 0.60 -5.69 8.57
CA MET A 44 0.70 -6.96 7.86
C MET A 44 -0.47 -7.86 8.20
N ILE A 45 -0.67 -8.89 7.37
CA ILE A 45 -1.77 -9.83 7.49
C ILE A 45 -1.23 -11.25 7.32
N SER A 46 -1.98 -12.25 7.81
CA SER A 46 -1.55 -13.63 7.79
C SER A 46 -2.66 -14.59 7.38
N ASP A 47 -3.66 -14.10 6.63
CA ASP A 47 -4.71 -14.94 6.08
C ASP A 47 -4.37 -15.32 4.65
N ARG A 48 -4.67 -16.56 4.27
CA ARG A 48 -4.27 -17.13 3.00
C ARG A 48 -5.10 -16.56 1.85
N ASN A 49 -6.38 -16.94 1.81
CA ASN A 49 -7.37 -16.57 0.81
C ASN A 49 -7.04 -16.95 -0.65
N SER A 50 -5.76 -17.09 -1.00
CA SER A 50 -5.37 -17.35 -2.38
C SER A 50 -3.92 -17.82 -2.47
N ARG A 51 -3.41 -18.02 -3.68
CA ARG A 51 -2.03 -18.42 -3.97
C ARG A 51 -1.05 -17.37 -3.41
N ARG A 52 -1.52 -16.16 -3.15
CA ARG A 52 -0.71 -15.11 -2.55
C ARG A 52 -0.23 -15.56 -1.18
N SER A 53 -1.10 -16.34 -0.54
CA SER A 53 -0.93 -16.98 0.75
C SER A 53 -0.24 -16.11 1.80
N LYS A 54 -1.05 -15.39 2.60
CA LYS A 54 -0.57 -14.59 3.72
C LYS A 54 0.39 -13.49 3.28
N GLY A 55 0.39 -13.20 1.97
CA GLY A 55 1.29 -12.26 1.34
C GLY A 55 0.66 -10.91 1.07
N ILE A 56 0.03 -10.29 2.07
CA ILE A 56 -0.59 -8.97 1.89
C ILE A 56 -0.45 -8.11 3.14
N ALA A 57 -0.71 -6.81 2.98
CA ALA A 57 -0.59 -5.83 4.03
C ALA A 57 -1.38 -4.57 3.67
N TYR A 58 -1.49 -3.62 4.60
CA TYR A 58 -2.07 -2.30 4.35
C TYR A 58 -1.08 -1.24 4.79
N VAL A 59 -1.04 -0.13 4.05
CA VAL A 59 -0.13 0.96 4.30
C VAL A 59 -0.93 2.25 4.46
N GLU A 60 -0.56 3.10 5.40
CA GLU A 60 -1.24 4.38 5.59
C GLU A 60 -0.22 5.51 5.52
N PHE A 61 -0.50 6.50 4.68
CA PHE A 61 0.35 7.68 4.55
C PHE A 61 -0.18 8.81 5.42
N VAL A 62 0.72 9.65 5.93
CA VAL A 62 0.33 10.79 6.77
C VAL A 62 -0.46 11.82 5.97
N ASP A 63 -0.35 11.79 4.65
CA ASP A 63 -1.00 12.77 3.79
C ASP A 63 -1.41 12.12 2.45
N VAL A 64 -2.44 12.66 1.82
CA VAL A 64 -2.98 12.13 0.56
C VAL A 64 -2.02 12.39 -0.60
N SER A 65 -1.09 13.32 -0.43
CA SER A 65 -0.15 13.67 -1.49
C SER A 65 0.79 12.52 -1.82
N SER A 66 0.94 11.55 -0.89
CA SER A 66 1.77 10.37 -1.09
C SER A 66 1.00 9.26 -1.78
N VAL A 67 -0.34 9.31 -1.72
CA VAL A 67 -1.20 8.24 -2.19
C VAL A 67 -1.03 7.97 -3.69
N PRO A 68 -1.10 8.98 -4.58
CA PRO A 68 -1.06 8.74 -6.01
C PRO A 68 0.31 8.28 -6.48
N LEU A 69 1.38 8.61 -5.75
CA LEU A 69 2.71 8.15 -6.11
C LEU A 69 2.92 6.72 -5.64
N ALA A 70 2.30 6.34 -4.52
CA ALA A 70 2.46 5.01 -3.95
C ALA A 70 1.86 3.93 -4.86
N ILE A 71 0.83 4.30 -5.63
CA ILE A 71 0.16 3.38 -6.54
C ILE A 71 0.90 3.32 -7.89
N GLY A 72 1.68 4.35 -8.21
CA GLY A 72 2.36 4.44 -9.50
C GLY A 72 3.61 3.58 -9.57
N LEU A 73 4.32 3.38 -8.46
CA LEU A 73 5.52 2.54 -8.44
C LEU A 73 5.18 1.06 -8.27
N THR A 74 3.91 0.68 -8.42
CA THR A 74 3.51 -0.70 -8.22
C THR A 74 4.33 -1.65 -9.10
N GLY A 75 4.56 -2.87 -8.62
CA GLY A 75 5.34 -3.87 -9.33
C GLY A 75 6.80 -3.95 -8.87
N GLN A 76 7.25 -3.03 -8.00
CA GLN A 76 8.58 -3.07 -7.41
C GLN A 76 8.76 -4.32 -6.55
N ARG A 77 10.00 -4.62 -6.18
CA ARG A 77 10.33 -5.79 -5.37
C ARG A 77 10.84 -5.37 -3.99
N VAL A 78 10.49 -6.16 -2.97
CA VAL A 78 10.93 -5.93 -1.60
C VAL A 78 11.18 -7.28 -0.93
N LEU A 79 12.28 -7.40 -0.18
CA LEU A 79 12.64 -8.60 0.56
C LEU A 79 12.57 -9.88 -0.29
N GLY A 80 12.89 -9.80 -1.59
CA GLY A 80 12.95 -10.98 -2.44
C GLY A 80 11.65 -11.27 -3.19
N VAL A 81 10.61 -10.44 -3.07
CA VAL A 81 9.34 -10.69 -3.73
C VAL A 81 8.74 -9.40 -4.30
N PRO A 82 8.11 -9.45 -5.48
CA PRO A 82 7.40 -8.32 -6.05
C PRO A 82 6.21 -7.94 -5.18
N ILE A 83 5.88 -6.65 -5.14
CA ILE A 83 4.77 -6.14 -4.34
C ILE A 83 3.88 -5.27 -5.22
N ILE A 84 2.59 -5.22 -4.89
CA ILE A 84 1.62 -4.40 -5.61
C ILE A 84 1.06 -3.34 -4.69
N VAL A 85 0.57 -2.24 -5.25
CA VAL A 85 -0.07 -1.20 -4.47
C VAL A 85 -1.34 -0.76 -5.18
N GLN A 86 -2.46 -0.78 -4.45
CA GLN A 86 -3.76 -0.30 -4.91
C GLN A 86 -4.43 0.42 -3.75
N ALA A 87 -5.04 1.58 -3.99
CA ALA A 87 -5.80 2.22 -2.91
C ALA A 87 -6.88 1.24 -2.49
N SER A 88 -7.19 1.14 -1.19
CA SER A 88 -8.12 0.12 -0.74
C SER A 88 -9.44 0.20 -1.50
N GLN A 89 -9.98 1.42 -1.67
CA GLN A 89 -11.27 1.57 -2.33
C GLN A 89 -11.12 1.51 -3.85
N ALA A 90 -10.20 2.32 -4.39
CA ALA A 90 -9.99 2.36 -5.84
C ALA A 90 -9.25 1.13 -6.33
N GLU A 91 -9.08 0.11 -5.48
CA GLU A 91 -8.40 -1.10 -5.89
C GLU A 91 -9.09 -1.69 -7.11
N LYS A 92 -10.43 -1.73 -7.08
CA LYS A 92 -11.16 -2.38 -8.17
C LYS A 92 -11.28 -1.47 -9.39
N ASN A 93 -11.11 -0.17 -9.22
CA ASN A 93 -11.20 0.78 -10.33
C ASN A 93 -9.85 0.98 -11.00
N ARG A 94 -8.75 0.80 -10.23
CA ARG A 94 -7.40 0.97 -10.75
C ARG A 94 -6.89 -0.32 -11.39
N ALA A 95 -7.58 -1.44 -11.15
CA ALA A 95 -7.24 -2.72 -11.74
C ALA A 95 -7.51 -2.75 -13.24
N ALA A 96 -8.20 -1.72 -13.76
CA ALA A 96 -8.53 -1.62 -15.17
C ALA A 96 -7.29 -1.40 -16.04
N ALA A 97 -6.16 -1.00 -15.44
CA ALA A 97 -4.92 -0.75 -16.17
C ALA A 97 -3.71 -1.06 -15.29
N MET A 1 0.61 18.43 3.07
CA MET A 1 -0.69 18.24 3.74
C MET A 1 -1.82 18.77 2.85
N ILE A 2 -2.86 17.98 2.64
CA ILE A 2 -4.02 18.37 1.85
C ILE A 2 -4.80 19.49 2.56
N ASP A 3 -5.24 20.49 1.77
CA ASP A 3 -5.94 21.64 2.31
C ASP A 3 -7.44 21.41 2.47
N ASN A 4 -7.99 20.45 1.71
CA ASN A 4 -9.42 20.21 1.68
C ASN A 4 -9.73 18.73 1.45
N LEU A 5 -9.52 17.91 2.48
CA LEU A 5 -9.82 16.50 2.44
C LEU A 5 -11.32 16.29 2.61
N THR A 6 -11.80 15.10 2.25
CA THR A 6 -13.19 14.71 2.43
C THR A 6 -13.21 13.30 3.01
N PRO A 7 -14.31 12.86 3.62
CA PRO A 7 -14.42 11.52 4.17
C PRO A 7 -14.28 10.45 3.07
N GLU A 8 -14.22 10.86 1.80
CA GLU A 8 -14.06 9.92 0.70
C GLU A 8 -12.59 9.72 0.34
N GLU A 9 -11.77 10.78 0.44
CA GLU A 9 -10.34 10.64 0.18
C GLU A 9 -9.59 10.25 1.46
N ARG A 10 -10.24 10.41 2.61
CA ARG A 10 -9.71 10.00 3.89
C ARG A 10 -9.33 8.52 3.88
N ASP A 11 -10.14 7.71 3.20
CA ASP A 11 -9.89 6.27 3.08
C ASP A 11 -8.78 5.97 2.08
N ALA A 12 -8.53 6.90 1.15
CA ALA A 12 -7.50 6.74 0.15
C ALA A 12 -6.12 6.90 0.75
N ARG A 13 -6.04 7.50 1.95
CA ARG A 13 -4.78 7.62 2.68
C ARG A 13 -4.25 6.23 2.99
N THR A 14 -5.14 5.24 2.99
CA THR A 14 -4.79 3.84 3.20
C THR A 14 -4.74 3.14 1.86
N VAL A 15 -3.57 2.62 1.50
CA VAL A 15 -3.42 1.82 0.30
C VAL A 15 -3.23 0.37 0.70
N PHE A 16 -3.77 -0.54 -0.13
CA PHE A 16 -3.64 -1.96 0.06
C PHE A 16 -2.54 -2.48 -0.85
N CYS A 17 -1.61 -3.26 -0.28
CA CYS A 17 -0.51 -3.81 -1.03
C CYS A 17 -0.49 -5.32 -0.90
N MET A 18 -0.11 -6.00 -1.97
CA MET A 18 -0.19 -7.46 -2.04
C MET A 18 1.07 -8.04 -2.68
N GLN A 19 1.09 -9.38 -2.84
CA GLN A 19 2.25 -10.13 -3.30
C GLN A 19 3.44 -10.00 -2.35
N LEU A 20 3.22 -9.48 -1.13
CA LEU A 20 4.24 -9.35 -0.11
C LEU A 20 4.65 -10.72 0.42
N ALA A 21 5.73 -10.78 1.20
CA ALA A 21 6.15 -12.04 1.82
C ALA A 21 5.24 -12.38 2.99
N ALA A 22 5.33 -13.63 3.46
CA ALA A 22 4.58 -14.09 4.62
C ALA A 22 5.17 -13.57 5.93
N ARG A 23 6.39 -13.00 5.89
CA ARG A 23 7.12 -12.61 7.09
C ARG A 23 7.79 -11.24 6.98
N ILE A 24 7.74 -10.57 5.82
CA ILE A 24 8.30 -9.24 5.65
C ILE A 24 7.82 -8.29 6.76
N ARG A 25 8.71 -7.42 7.26
CA ARG A 25 8.34 -6.47 8.30
C ARG A 25 7.46 -5.38 7.71
N PRO A 26 6.62 -4.74 8.55
CA PRO A 26 5.90 -3.54 8.17
C PRO A 26 6.90 -2.41 7.91
N ARG A 27 8.07 -2.49 8.56
CA ARG A 27 9.12 -1.49 8.45
C ARG A 27 9.76 -1.47 7.06
N ASP A 28 9.76 -2.62 6.36
CA ASP A 28 10.42 -2.72 5.07
C ASP A 28 9.64 -2.01 3.97
N LEU A 29 8.34 -1.78 4.16
CA LEU A 29 7.55 -1.02 3.20
C LEU A 29 7.65 0.47 3.48
N GLU A 30 7.92 0.87 4.73
CA GLU A 30 7.98 2.29 5.06
C GLU A 30 9.23 2.94 4.49
N GLU A 31 10.37 2.23 4.54
CA GLU A 31 11.60 2.74 3.97
C GLU A 31 11.50 2.74 2.43
N PHE A 32 10.64 1.87 1.89
CA PHE A 32 10.40 1.76 0.46
C PHE A 32 9.48 2.88 -0.03
N PHE A 33 8.40 3.16 0.71
CA PHE A 33 7.48 4.26 0.37
C PHE A 33 8.07 5.63 0.73
N SER A 34 9.24 5.67 1.36
CA SER A 34 9.90 6.93 1.65
C SER A 34 10.26 7.68 0.37
N THR A 35 10.15 7.02 -0.80
CA THR A 35 10.45 7.63 -2.09
C THR A 35 9.23 8.32 -2.69
N VAL A 36 8.04 8.08 -2.12
CA VAL A 36 6.80 8.68 -2.61
C VAL A 36 6.24 9.70 -1.63
N GLY A 37 6.91 9.90 -0.49
CA GLY A 37 6.46 10.82 0.53
C GLY A 37 6.84 10.32 1.91
N LYS A 38 5.90 10.40 2.86
CA LYS A 38 6.09 9.95 4.23
C LYS A 38 4.90 9.11 4.66
N VAL A 39 5.17 8.02 5.38
CA VAL A 39 4.16 7.04 5.77
C VAL A 39 3.93 7.06 7.28
N ARG A 40 2.69 6.77 7.69
CA ARG A 40 2.32 6.79 9.11
C ARG A 40 2.51 5.42 9.75
N ASP A 41 2.02 4.36 9.10
CA ASP A 41 2.12 3.01 9.61
C ASP A 41 1.84 1.97 8.52
N VAL A 42 2.15 0.71 8.82
CA VAL A 42 1.88 -0.43 7.95
C VAL A 42 1.25 -1.56 8.78
N ARG A 43 0.42 -2.38 8.14
CA ARG A 43 -0.35 -3.43 8.78
C ARG A 43 -0.24 -4.72 7.98
N MET A 44 0.62 -5.63 8.43
CA MET A 44 0.78 -6.94 7.81
C MET A 44 -0.39 -7.84 8.16
N ILE A 45 -0.59 -8.86 7.33
CA ILE A 45 -1.68 -9.81 7.47
C ILE A 45 -1.16 -11.22 7.18
N SER A 46 -1.82 -12.25 7.74
CA SER A 46 -1.37 -13.63 7.63
C SER A 46 -2.53 -14.57 7.26
N ASP A 47 -3.52 -14.06 6.52
CA ASP A 47 -4.62 -14.86 6.00
C ASP A 47 -4.57 -14.81 4.47
N ARG A 48 -4.81 -15.95 3.81
CA ARG A 48 -4.62 -16.05 2.36
C ARG A 48 -5.91 -15.87 1.56
N ASN A 49 -6.87 -16.78 1.75
CA ASN A 49 -8.07 -16.85 0.93
C ASN A 49 -7.76 -16.80 -0.58
N SER A 50 -6.51 -17.09 -0.96
CA SER A 50 -6.04 -17.00 -2.34
C SER A 50 -4.66 -17.63 -2.49
N ARG A 51 -4.19 -17.76 -3.73
CA ARG A 51 -2.85 -18.26 -4.06
C ARG A 51 -1.79 -17.25 -3.59
N ARG A 52 -2.21 -16.04 -3.20
CA ARG A 52 -1.31 -15.00 -2.72
C ARG A 52 -0.58 -15.47 -1.48
N SER A 53 -1.25 -16.37 -0.75
CA SER A 53 -0.75 -17.05 0.43
C SER A 53 -0.11 -16.14 1.47
N LYS A 54 -0.96 -15.47 2.25
CA LYS A 54 -0.54 -14.63 3.39
C LYS A 54 0.42 -13.52 2.98
N GLY A 55 0.46 -13.21 1.68
CA GLY A 55 1.38 -12.24 1.11
C GLY A 55 0.73 -10.87 0.89
N ILE A 56 0.15 -10.27 1.92
CA ILE A 56 -0.44 -8.94 1.77
C ILE A 56 -0.27 -8.09 3.02
N ALA A 57 -0.55 -6.79 2.87
CA ALA A 57 -0.46 -5.81 3.94
C ALA A 57 -1.25 -4.56 3.57
N TYR A 58 -1.37 -3.60 4.51
CA TYR A 58 -1.93 -2.29 4.26
C TYR A 58 -0.93 -1.23 4.68
N VAL A 59 -0.99 -0.06 4.03
CA VAL A 59 -0.09 1.05 4.30
C VAL A 59 -0.91 2.33 4.43
N GLU A 60 -0.66 3.12 5.47
CA GLU A 60 -1.38 4.38 5.63
C GLU A 60 -0.38 5.54 5.62
N PHE A 61 -0.60 6.50 4.72
CA PHE A 61 0.23 7.68 4.63
C PHE A 61 -0.33 8.80 5.50
N VAL A 62 0.56 9.63 6.06
CA VAL A 62 0.14 10.77 6.88
C VAL A 62 -0.58 11.83 6.06
N ASP A 63 -0.48 11.75 4.73
CA ASP A 63 -1.09 12.71 3.84
C ASP A 63 -1.51 12.06 2.52
N VAL A 64 -2.50 12.64 1.84
CA VAL A 64 -3.00 12.11 0.58
C VAL A 64 -2.03 12.40 -0.57
N SER A 65 -1.11 13.35 -0.41
CA SER A 65 -0.18 13.69 -1.47
C SER A 65 0.80 12.54 -1.76
N SER A 66 0.91 11.58 -0.85
CA SER A 66 1.76 10.41 -1.02
C SER A 66 1.01 9.29 -1.74
N VAL A 67 -0.33 9.33 -1.72
CA VAL A 67 -1.17 8.26 -2.23
C VAL A 67 -0.97 7.99 -3.72
N PRO A 68 -1.04 9.00 -4.60
CA PRO A 68 -0.96 8.76 -6.03
C PRO A 68 0.43 8.31 -6.46
N LEU A 69 1.48 8.67 -5.71
CA LEU A 69 2.81 8.22 -6.04
C LEU A 69 3.02 6.79 -5.57
N ALA A 70 2.39 6.40 -4.46
CA ALA A 70 2.55 5.07 -3.90
C ALA A 70 1.98 4.00 -4.83
N ILE A 71 0.97 4.37 -5.64
CA ILE A 71 0.35 3.45 -6.57
C ILE A 71 1.11 3.41 -7.90
N GLY A 72 1.88 4.47 -8.20
CA GLY A 72 2.59 4.59 -9.47
C GLY A 72 3.84 3.74 -9.54
N LEU A 73 4.54 3.53 -8.42
CA LEU A 73 5.74 2.69 -8.39
C LEU A 73 5.39 1.21 -8.21
N THR A 74 4.14 0.82 -8.41
CA THR A 74 3.73 -0.56 -8.23
C THR A 74 4.55 -1.49 -9.13
N GLY A 75 4.79 -2.72 -8.65
CA GLY A 75 5.57 -3.72 -9.37
C GLY A 75 7.02 -3.80 -8.89
N GLN A 76 7.45 -2.88 -8.02
CA GLN A 76 8.77 -2.92 -7.40
C GLN A 76 8.93 -4.17 -6.55
N ARG A 77 10.18 -4.46 -6.14
CA ARG A 77 10.48 -5.62 -5.31
C ARG A 77 10.96 -5.19 -3.93
N VAL A 78 10.60 -5.98 -2.91
CA VAL A 78 11.01 -5.76 -1.53
C VAL A 78 11.24 -7.11 -0.87
N LEU A 79 12.36 -7.24 -0.13
CA LEU A 79 12.72 -8.42 0.63
C LEU A 79 12.60 -9.71 -0.19
N GLY A 80 12.99 -9.69 -1.47
CA GLY A 80 13.01 -10.90 -2.27
C GLY A 80 11.69 -11.20 -2.99
N VAL A 81 10.72 -10.28 -2.96
CA VAL A 81 9.42 -10.53 -3.57
C VAL A 81 8.90 -9.27 -4.27
N PRO A 82 8.27 -9.40 -5.45
CA PRO A 82 7.57 -8.30 -6.09
C PRO A 82 6.36 -7.89 -5.26
N ILE A 83 6.09 -6.59 -5.17
CA ILE A 83 4.97 -6.07 -4.39
C ILE A 83 4.08 -5.20 -5.28
N ILE A 84 2.79 -5.18 -4.98
CA ILE A 84 1.83 -4.36 -5.71
C ILE A 84 1.26 -3.31 -4.77
N VAL A 85 0.78 -2.20 -5.33
CA VAL A 85 0.11 -1.17 -4.55
C VAL A 85 -1.16 -0.74 -5.28
N GLN A 86 -2.28 -0.76 -4.56
CA GLN A 86 -3.56 -0.25 -5.02
C GLN A 86 -4.19 0.51 -3.86
N ALA A 87 -4.93 1.58 -4.14
CA ALA A 87 -5.65 2.24 -3.07
C ALA A 87 -6.67 1.25 -2.53
N SER A 88 -6.90 1.21 -1.23
CA SER A 88 -7.77 0.22 -0.65
C SER A 88 -9.13 0.20 -1.35
N GLN A 89 -9.75 1.37 -1.55
CA GLN A 89 -11.08 1.42 -2.15
C GLN A 89 -11.00 1.30 -3.68
N ALA A 90 -10.11 2.08 -4.30
CA ALA A 90 -9.99 2.08 -5.75
C ALA A 90 -9.25 0.85 -6.25
N GLU A 91 -8.95 -0.12 -5.37
CA GLU A 91 -8.26 -1.32 -5.83
C GLU A 91 -9.09 -2.00 -6.89
N LYS A 92 -10.40 -2.11 -6.69
CA LYS A 92 -11.24 -2.85 -7.62
C LYS A 92 -11.66 -1.98 -8.80
N ASN A 93 -11.55 -0.66 -8.68
CA ASN A 93 -11.84 0.24 -9.78
C ASN A 93 -10.62 0.36 -10.70
N ARG A 94 -9.42 0.16 -10.14
CA ARG A 94 -8.17 0.19 -10.88
C ARG A 94 -7.89 -1.15 -11.55
N ALA A 95 -8.58 -2.20 -11.11
CA ALA A 95 -8.42 -3.53 -11.68
C ALA A 95 -8.95 -3.61 -13.12
N ALA A 96 -9.65 -2.56 -13.57
CA ALA A 96 -10.17 -2.47 -14.93
C ALA A 96 -9.05 -2.23 -15.94
N ALA A 97 -7.87 -1.81 -15.47
CA ALA A 97 -6.72 -1.55 -16.33
C ALA A 97 -6.22 -2.84 -16.98
N MET A 1 0.38 18.28 0.85
CA MET A 1 -0.68 18.40 1.88
C MET A 1 -1.97 18.93 1.27
N ILE A 2 -3.07 18.21 1.49
CA ILE A 2 -4.38 18.61 0.98
C ILE A 2 -4.98 19.73 1.82
N ASP A 3 -5.62 20.69 1.15
CA ASP A 3 -6.21 21.85 1.81
C ASP A 3 -7.67 21.60 2.20
N ASN A 4 -8.34 20.63 1.57
CA ASN A 4 -9.75 20.39 1.76
C ASN A 4 -10.09 18.91 1.60
N LEU A 5 -9.67 18.12 2.60
CA LEU A 5 -9.96 16.70 2.64
C LEU A 5 -11.41 16.47 3.03
N THR A 6 -11.92 15.27 2.80
CA THR A 6 -13.26 14.87 3.19
C THR A 6 -13.17 13.50 3.84
N PRO A 7 -14.18 13.07 4.61
CA PRO A 7 -14.17 11.75 5.23
C PRO A 7 -14.17 10.63 4.20
N GLU A 8 -14.28 10.96 2.91
CA GLU A 8 -14.25 9.97 1.85
C GLU A 8 -12.83 9.78 1.31
N GLU A 9 -12.06 10.87 1.16
CA GLU A 9 -10.68 10.77 0.68
C GLU A 9 -9.74 10.45 1.84
N ARG A 10 -10.23 10.62 3.09
CA ARG A 10 -9.51 10.24 4.27
C ARG A 10 -9.15 8.75 4.24
N ASP A 11 -10.02 7.95 3.63
CA ASP A 11 -9.81 6.51 3.48
C ASP A 11 -8.77 6.21 2.40
N ALA A 12 -8.56 7.14 1.47
CA ALA A 12 -7.61 6.96 0.39
C ALA A 12 -6.17 7.08 0.91
N ARG A 13 -6.00 7.69 2.11
CA ARG A 13 -4.70 7.77 2.75
C ARG A 13 -4.18 6.37 3.04
N THR A 14 -5.10 5.39 3.09
CA THR A 14 -4.75 4.00 3.28
C THR A 14 -4.81 3.27 1.95
N VAL A 15 -3.66 2.71 1.53
CA VAL A 15 -3.59 1.89 0.35
C VAL A 15 -3.43 0.44 0.75
N PHE A 16 -3.94 -0.46 -0.09
CA PHE A 16 -3.83 -1.89 0.06
C PHE A 16 -2.70 -2.40 -0.82
N CYS A 17 -1.80 -3.18 -0.25
CA CYS A 17 -0.68 -3.73 -0.99
C CYS A 17 -0.66 -5.24 -0.85
N MET A 18 -0.26 -5.92 -1.92
CA MET A 18 -0.38 -7.38 -2.01
C MET A 18 0.85 -7.99 -2.67
N GLN A 19 0.84 -9.32 -2.84
CA GLN A 19 1.97 -10.10 -3.33
C GLN A 19 3.18 -10.01 -2.39
N LEU A 20 2.99 -9.43 -1.21
CA LEU A 20 4.02 -9.31 -0.18
C LEU A 20 4.41 -10.70 0.34
N ALA A 21 5.53 -10.77 1.07
CA ALA A 21 5.97 -12.01 1.67
C ALA A 21 5.11 -12.35 2.89
N ALA A 22 5.23 -13.59 3.39
CA ALA A 22 4.47 -14.04 4.54
C ALA A 22 5.07 -13.53 5.86
N ARG A 23 6.29 -12.98 5.84
CA ARG A 23 6.98 -12.57 7.06
C ARG A 23 7.71 -11.22 6.92
N ILE A 24 7.62 -10.57 5.76
CA ILE A 24 8.20 -9.23 5.56
C ILE A 24 7.72 -8.29 6.66
N ARG A 25 8.60 -7.40 7.12
CA ARG A 25 8.26 -6.44 8.17
C ARG A 25 7.34 -5.36 7.62
N PRO A 26 6.53 -4.74 8.49
CA PRO A 26 5.79 -3.55 8.11
C PRO A 26 6.81 -2.43 7.85
N ARG A 27 7.98 -2.54 8.49
CA ARG A 27 9.06 -1.57 8.37
C ARG A 27 9.70 -1.59 6.99
N ASP A 28 9.68 -2.72 6.29
CA ASP A 28 10.32 -2.85 5.00
C ASP A 28 9.55 -2.12 3.90
N LEU A 29 8.26 -1.86 4.11
CA LEU A 29 7.47 -1.08 3.16
C LEU A 29 7.62 0.42 3.44
N GLU A 30 7.90 0.80 4.68
CA GLU A 30 8.01 2.22 5.01
C GLU A 30 9.27 2.83 4.41
N GLU A 31 10.39 2.10 4.45
CA GLU A 31 11.63 2.57 3.85
C GLU A 31 11.51 2.57 2.33
N PHE A 32 10.61 1.73 1.80
CA PHE A 32 10.37 1.63 0.37
C PHE A 32 9.48 2.77 -0.11
N PHE A 33 8.43 3.10 0.64
CA PHE A 33 7.53 4.21 0.32
C PHE A 33 8.14 5.56 0.66
N SER A 34 9.34 5.58 1.26
CA SER A 34 10.02 6.84 1.53
C SER A 34 10.34 7.59 0.23
N THR A 35 10.21 6.91 -0.92
CA THR A 35 10.48 7.52 -2.22
C THR A 35 9.25 8.24 -2.79
N VAL A 36 8.08 8.05 -2.16
CA VAL A 36 6.84 8.68 -2.59
C VAL A 36 6.33 9.67 -1.55
N GLY A 37 7.13 9.94 -0.50
CA GLY A 37 6.74 10.84 0.58
C GLY A 37 7.14 10.24 1.92
N LYS A 38 6.24 10.37 2.90
CA LYS A 38 6.43 9.80 4.23
C LYS A 38 5.18 9.03 4.64
N VAL A 39 5.38 7.92 5.37
CA VAL A 39 4.31 7.00 5.72
C VAL A 39 4.02 7.05 7.22
N ARG A 40 2.77 6.81 7.60
CA ARG A 40 2.33 6.88 8.99
C ARG A 40 2.47 5.52 9.68
N ASP A 41 2.01 4.45 9.02
CA ASP A 41 2.03 3.11 9.60
C ASP A 41 1.76 2.05 8.52
N VAL A 42 1.99 0.77 8.87
CA VAL A 42 1.72 -0.37 7.99
C VAL A 42 1.15 -1.51 8.82
N ARG A 43 0.27 -2.32 8.23
CA ARG A 43 -0.40 -3.42 8.90
C ARG A 43 -0.33 -4.68 8.05
N MET A 44 0.49 -5.64 8.46
CA MET A 44 0.61 -6.92 7.78
C MET A 44 -0.57 -7.82 8.10
N ILE A 45 -0.79 -8.81 7.23
CA ILE A 45 -1.91 -9.72 7.32
C ILE A 45 -1.46 -11.15 7.02
N SER A 46 -2.18 -12.14 7.54
CA SER A 46 -1.87 -13.55 7.36
C SER A 46 -3.10 -14.33 6.88
N ASP A 47 -4.07 -13.63 6.29
CA ASP A 47 -5.21 -14.22 5.61
C ASP A 47 -4.77 -14.67 4.22
N ARG A 48 -5.03 -15.93 3.88
CA ARG A 48 -4.60 -16.48 2.60
C ARG A 48 -5.63 -16.28 1.49
N ASN A 49 -6.71 -17.09 1.50
CA ASN A 49 -7.79 -17.09 0.52
C ASN A 49 -7.32 -16.98 -0.94
N SER A 50 -6.05 -17.23 -1.23
CA SER A 50 -5.49 -17.08 -2.57
C SER A 50 -4.07 -17.64 -2.62
N ARG A 51 -3.54 -17.83 -3.84
CA ARG A 51 -2.15 -18.21 -4.08
C ARG A 51 -1.20 -17.15 -3.51
N ARG A 52 -1.73 -15.97 -3.16
CA ARG A 52 -0.95 -14.91 -2.54
C ARG A 52 -0.42 -15.40 -1.19
N SER A 53 -1.24 -16.24 -0.57
CA SER A 53 -1.04 -16.92 0.70
C SER A 53 -0.29 -16.10 1.74
N LYS A 54 -1.04 -15.41 2.59
CA LYS A 54 -0.52 -14.63 3.70
C LYS A 54 0.40 -13.49 3.21
N GLY A 55 0.30 -13.16 1.93
CA GLY A 55 1.19 -12.22 1.26
C GLY A 55 0.55 -10.87 1.00
N ILE A 56 -0.06 -10.24 2.01
CA ILE A 56 -0.64 -8.91 1.82
C ILE A 56 -0.48 -8.04 3.07
N ALA A 57 -0.74 -6.74 2.90
CA ALA A 57 -0.61 -5.75 3.96
C ALA A 57 -1.40 -4.48 3.59
N TYR A 58 -1.50 -3.53 4.52
CA TYR A 58 -2.08 -2.22 4.28
C TYR A 58 -1.09 -1.16 4.72
N VAL A 59 -1.09 -0.02 4.02
CA VAL A 59 -0.15 1.06 4.27
C VAL A 59 -0.94 2.36 4.41
N GLU A 60 -0.64 3.16 5.44
CA GLU A 60 -1.31 4.44 5.65
C GLU A 60 -0.28 5.56 5.60
N PHE A 61 -0.52 6.54 4.72
CA PHE A 61 0.34 7.71 4.61
C PHE A 61 -0.20 8.84 5.49
N VAL A 62 0.71 9.67 6.02
CA VAL A 62 0.33 10.82 6.85
C VAL A 62 -0.38 11.89 6.01
N ASP A 63 -0.30 11.78 4.69
CA ASP A 63 -0.86 12.77 3.77
C ASP A 63 -1.37 12.10 2.49
N VAL A 64 -2.38 12.71 1.85
CA VAL A 64 -2.96 12.18 0.62
C VAL A 64 -2.04 12.44 -0.56
N SER A 65 -1.15 13.43 -0.45
CA SER A 65 -0.25 13.76 -1.55
C SER A 65 0.72 12.62 -1.85
N SER A 66 0.87 11.66 -0.93
CA SER A 66 1.70 10.49 -1.12
C SER A 66 0.92 9.36 -1.81
N VAL A 67 -0.41 9.40 -1.75
CA VAL A 67 -1.27 8.35 -2.25
C VAL A 67 -1.04 8.10 -3.75
N PRO A 68 -1.07 9.11 -4.62
CA PRO A 68 -0.97 8.89 -6.06
C PRO A 68 0.42 8.43 -6.47
N LEU A 69 1.46 8.78 -5.70
CA LEU A 69 2.80 8.32 -6.03
C LEU A 69 3.00 6.88 -5.55
N ALA A 70 2.36 6.50 -4.45
CA ALA A 70 2.52 5.16 -3.90
C ALA A 70 1.94 4.12 -4.85
N ILE A 71 0.90 4.47 -5.60
CA ILE A 71 0.26 3.58 -6.56
C ILE A 71 1.01 3.61 -7.89
N GLY A 72 1.75 4.70 -8.16
CA GLY A 72 2.41 4.89 -9.44
C GLY A 72 3.63 4.00 -9.63
N LEU A 73 4.37 3.71 -8.55
CA LEU A 73 5.55 2.85 -8.66
C LEU A 73 5.19 1.36 -8.63
N THR A 74 3.89 1.03 -8.51
CA THR A 74 3.44 -0.34 -8.28
C THR A 74 4.16 -1.36 -9.16
N GLY A 75 4.45 -2.54 -8.59
CA GLY A 75 5.18 -3.60 -9.27
C GLY A 75 6.65 -3.70 -8.85
N GLN A 76 7.13 -2.86 -7.91
CA GLN A 76 8.51 -2.97 -7.44
C GLN A 76 8.69 -4.24 -6.60
N ARG A 77 9.96 -4.58 -6.30
CA ARG A 77 10.29 -5.75 -5.50
C ARG A 77 10.79 -5.34 -4.12
N VAL A 78 10.45 -6.15 -3.11
CA VAL A 78 10.87 -5.93 -1.74
C VAL A 78 11.15 -7.27 -1.08
N LEU A 79 12.27 -7.38 -0.35
CA LEU A 79 12.63 -8.57 0.41
C LEU A 79 12.58 -9.86 -0.44
N GLY A 80 12.82 -9.77 -1.75
CA GLY A 80 12.88 -10.96 -2.60
C GLY A 80 11.57 -11.28 -3.33
N VAL A 81 10.54 -10.42 -3.23
CA VAL A 81 9.26 -10.67 -3.87
C VAL A 81 8.68 -9.39 -4.44
N PRO A 82 8.00 -9.44 -5.62
CA PRO A 82 7.29 -8.31 -6.16
C PRO A 82 6.13 -7.92 -5.25
N ILE A 83 5.82 -6.62 -5.20
CA ILE A 83 4.73 -6.09 -4.40
C ILE A 83 3.85 -5.20 -5.26
N ILE A 84 2.56 -5.14 -4.94
CA ILE A 84 1.62 -4.28 -5.65
C ILE A 84 1.14 -3.20 -4.69
N VAL A 85 0.69 -2.08 -5.25
CA VAL A 85 0.07 -1.03 -4.47
C VAL A 85 -1.19 -0.60 -5.20
N GLN A 86 -2.31 -0.66 -4.48
CA GLN A 86 -3.60 -0.20 -4.96
C GLN A 86 -4.30 0.51 -3.83
N ALA A 87 -5.08 1.56 -4.12
CA ALA A 87 -5.82 2.19 -3.05
C ALA A 87 -6.85 1.18 -2.58
N SER A 88 -7.18 1.15 -1.29
CA SER A 88 -8.08 0.14 -0.79
C SER A 88 -9.39 0.11 -1.58
N GLN A 89 -9.94 1.30 -1.88
CA GLN A 89 -11.21 1.35 -2.60
C GLN A 89 -10.98 1.13 -4.10
N ALA A 90 -9.97 1.78 -4.68
CA ALA A 90 -9.71 1.69 -6.12
C ALA A 90 -9.08 0.34 -6.47
N GLU A 91 -8.85 -0.53 -5.49
CA GLU A 91 -8.26 -1.84 -5.73
C GLU A 91 -9.03 -2.55 -6.83
N LYS A 92 -10.36 -2.48 -6.79
CA LYS A 92 -11.19 -3.26 -7.69
C LYS A 92 -11.24 -2.70 -9.12
N ASN A 93 -10.45 -1.66 -9.42
CA ASN A 93 -10.41 -1.08 -10.74
C ASN A 93 -8.98 -0.72 -11.17
N ARG A 94 -8.07 -0.56 -10.22
CA ARG A 94 -6.69 -0.21 -10.53
C ARG A 94 -5.88 -1.48 -10.81
N ALA A 95 -6.36 -2.64 -10.38
CA ALA A 95 -5.70 -3.91 -10.60
C ALA A 95 -5.91 -4.40 -12.04
N ALA A 96 -6.82 -3.75 -12.79
CA ALA A 96 -7.11 -4.12 -14.15
C ALA A 96 -6.02 -3.68 -15.12
N ALA A 97 -5.12 -2.78 -14.68
CA ALA A 97 -4.03 -2.27 -15.49
C ALA A 97 -3.05 -3.38 -15.83
N MET A 1 0.47 18.78 6.43
CA MET A 1 -0.63 17.84 6.18
C MET A 1 -1.61 18.42 5.17
N ILE A 2 -2.50 17.58 4.62
CA ILE A 2 -3.53 18.04 3.70
C ILE A 2 -4.53 18.94 4.43
N ASP A 3 -4.86 20.09 3.83
CA ASP A 3 -5.76 21.07 4.43
C ASP A 3 -7.21 20.84 4.02
N ASN A 4 -7.42 20.19 2.87
CA ASN A 4 -8.74 20.09 2.25
C ASN A 4 -9.11 18.63 1.96
N LEU A 5 -9.00 17.80 3.00
CA LEU A 5 -9.38 16.40 2.91
C LEU A 5 -10.91 16.29 2.90
N THR A 6 -11.41 15.13 2.45
CA THR A 6 -12.83 14.83 2.47
C THR A 6 -12.98 13.40 2.97
N PRO A 7 -14.17 12.99 3.43
CA PRO A 7 -14.40 11.63 3.88
C PRO A 7 -14.21 10.62 2.74
N GLU A 8 -14.00 11.10 1.50
CA GLU A 8 -13.77 10.22 0.37
C GLU A 8 -12.28 9.99 0.14
N GLU A 9 -11.44 11.00 0.40
CA GLU A 9 -10.00 10.81 0.26
C GLU A 9 -9.41 10.28 1.56
N ARG A 10 -10.13 10.43 2.67
CA ARG A 10 -9.69 9.93 3.97
C ARG A 10 -9.39 8.43 3.91
N ASP A 11 -10.22 7.67 3.19
CA ASP A 11 -10.04 6.24 3.02
C ASP A 11 -8.91 5.94 2.02
N ALA A 12 -8.60 6.90 1.15
CA ALA A 12 -7.57 6.74 0.14
C ALA A 12 -6.19 6.90 0.76
N ARG A 13 -6.09 7.54 1.93
CA ARG A 13 -4.81 7.66 2.65
C ARG A 13 -4.29 6.27 2.99
N THR A 14 -5.19 5.28 3.04
CA THR A 14 -4.84 3.90 3.26
C THR A 14 -4.86 3.14 1.95
N VAL A 15 -3.73 2.56 1.57
CA VAL A 15 -3.65 1.71 0.40
C VAL A 15 -3.47 0.25 0.82
N PHE A 16 -3.98 -0.66 0.00
CA PHE A 16 -3.86 -2.09 0.21
C PHE A 16 -2.73 -2.60 -0.69
N CYS A 17 -1.84 -3.41 -0.13
CA CYS A 17 -0.73 -3.97 -0.88
C CYS A 17 -0.69 -5.48 -0.69
N MET A 18 -0.25 -6.17 -1.74
CA MET A 18 -0.31 -7.63 -1.76
C MET A 18 0.95 -8.22 -2.39
N GLN A 19 1.00 -9.55 -2.52
CA GLN A 19 2.17 -10.30 -2.97
C GLN A 19 3.36 -10.13 -2.02
N LEU A 20 3.15 -9.56 -0.84
CA LEU A 20 4.18 -9.37 0.17
C LEU A 20 4.67 -10.71 0.69
N ALA A 21 5.80 -10.70 1.42
CA ALA A 21 6.33 -11.93 2.00
C ALA A 21 5.47 -12.34 3.19
N ALA A 22 5.65 -13.58 3.66
CA ALA A 22 4.86 -14.10 4.77
C ALA A 22 5.20 -13.41 6.09
N ARG A 23 6.41 -12.83 6.22
CA ARG A 23 6.84 -12.20 7.46
C ARG A 23 7.59 -10.87 7.28
N ILE A 24 7.57 -10.29 6.08
CA ILE A 24 8.18 -8.97 5.87
C ILE A 24 7.66 -8.00 6.92
N ARG A 25 8.56 -7.22 7.53
CA ARG A 25 8.18 -6.29 8.59
C ARG A 25 7.58 -5.03 7.98
N PRO A 26 6.72 -4.33 8.71
CA PRO A 26 6.07 -3.11 8.24
C PRO A 26 7.10 -2.04 7.89
N ARG A 27 8.25 -2.05 8.59
CA ARG A 27 9.31 -1.07 8.39
C ARG A 27 9.88 -1.14 6.97
N ASP A 28 9.87 -2.33 6.35
CA ASP A 28 10.44 -2.52 5.02
C ASP A 28 9.59 -1.88 3.93
N LEU A 29 8.30 -1.68 4.17
CA LEU A 29 7.46 -0.99 3.18
C LEU A 29 7.56 0.53 3.37
N GLU A 30 7.87 0.99 4.57
CA GLU A 30 7.94 2.42 4.82
C GLU A 30 9.19 3.03 4.18
N GLU A 31 10.32 2.31 4.25
CA GLU A 31 11.54 2.77 3.61
C GLU A 31 11.39 2.66 2.09
N PHE A 32 10.51 1.76 1.64
CA PHE A 32 10.23 1.57 0.23
C PHE A 32 9.34 2.69 -0.30
N PHE A 33 8.29 3.05 0.46
CA PHE A 33 7.38 4.13 0.10
C PHE A 33 7.98 5.51 0.39
N SER A 34 9.17 5.56 1.00
CA SER A 34 9.84 6.83 1.25
C SER A 34 10.15 7.56 -0.08
N THR A 35 10.04 6.85 -1.20
CA THR A 35 10.30 7.43 -2.51
C THR A 35 9.05 8.09 -3.10
N VAL A 36 7.88 7.87 -2.50
CA VAL A 36 6.63 8.45 -2.98
C VAL A 36 6.09 9.51 -2.03
N GLY A 37 6.75 9.71 -0.88
CA GLY A 37 6.30 10.68 0.10
C GLY A 37 6.69 10.23 1.51
N LYS A 38 5.78 10.45 2.47
CA LYS A 38 5.97 10.05 3.86
C LYS A 38 4.80 9.21 4.33
N VAL A 39 5.10 8.14 5.06
CA VAL A 39 4.11 7.16 5.49
C VAL A 39 3.92 7.20 7.00
N ARG A 40 2.70 6.90 7.47
CA ARG A 40 2.37 6.96 8.89
C ARG A 40 2.54 5.60 9.58
N ASP A 41 1.98 4.55 8.99
CA ASP A 41 1.99 3.22 9.59
C ASP A 41 1.69 2.13 8.54
N VAL A 42 1.91 0.87 8.91
CA VAL A 42 1.64 -0.28 8.06
C VAL A 42 1.07 -1.43 8.91
N ARG A 43 0.22 -2.27 8.31
CA ARG A 43 -0.42 -3.38 9.00
C ARG A 43 -0.30 -4.65 8.18
N MET A 44 0.52 -5.59 8.66
CA MET A 44 0.71 -6.89 8.02
C MET A 44 -0.45 -7.82 8.33
N ILE A 45 -0.63 -8.81 7.47
CA ILE A 45 -1.72 -9.79 7.58
C ILE A 45 -1.19 -11.17 7.20
N SER A 46 -1.86 -12.23 7.64
CA SER A 46 -1.44 -13.61 7.38
C SER A 46 -2.58 -14.47 6.85
N ASP A 47 -3.59 -13.83 6.27
CA ASP A 47 -4.72 -14.51 5.63
C ASP A 47 -4.43 -14.64 4.14
N ARG A 48 -4.88 -15.74 3.54
CA ARG A 48 -4.51 -16.12 2.19
C ARG A 48 -5.54 -15.71 1.14
N ASN A 49 -6.67 -16.42 1.10
CA ASN A 49 -7.72 -16.32 0.09
C ASN A 49 -7.26 -16.57 -1.36
N SER A 50 -5.96 -16.46 -1.67
CA SER A 50 -5.47 -16.64 -3.03
C SER A 50 -3.95 -16.83 -3.06
N ARG A 51 -3.35 -16.83 -4.26
CA ARG A 51 -1.96 -17.13 -4.55
C ARG A 51 -0.94 -16.23 -3.83
N ARG A 52 -1.38 -15.20 -3.10
CA ARG A 52 -0.50 -14.32 -2.35
C ARG A 52 0.04 -15.05 -1.13
N SER A 53 -0.65 -16.12 -0.75
CA SER A 53 -0.23 -17.04 0.30
C SER A 53 0.17 -16.34 1.60
N LYS A 54 -0.80 -15.71 2.28
CA LYS A 54 -0.59 -15.12 3.59
C LYS A 54 0.44 -14.00 3.55
N GLY A 55 0.55 -13.36 2.37
CA GLY A 55 1.51 -12.30 2.13
C GLY A 55 0.83 -11.04 1.62
N ILE A 56 0.11 -10.34 2.50
CA ILE A 56 -0.49 -9.05 2.17
C ILE A 56 -0.41 -8.09 3.36
N ALA A 57 -0.68 -6.81 3.11
CA ALA A 57 -0.60 -5.77 4.14
C ALA A 57 -1.40 -4.54 3.73
N TYR A 58 -1.51 -3.57 4.63
CA TYR A 58 -2.08 -2.25 4.35
C TYR A 58 -1.09 -1.18 4.78
N VAL A 59 -1.06 -0.08 4.05
CA VAL A 59 -0.16 1.03 4.29
C VAL A 59 -0.98 2.32 4.41
N GLU A 60 -0.66 3.16 5.38
CA GLU A 60 -1.36 4.43 5.53
C GLU A 60 -0.38 5.59 5.48
N PHE A 61 -0.60 6.49 4.52
CA PHE A 61 0.21 7.69 4.39
C PHE A 61 -0.35 8.82 5.24
N VAL A 62 0.52 9.70 5.75
CA VAL A 62 0.07 10.84 6.54
C VAL A 62 -0.74 11.80 5.68
N ASP A 63 -0.48 11.84 4.37
CA ASP A 63 -1.11 12.76 3.44
C ASP A 63 -1.54 12.04 2.16
N VAL A 64 -2.56 12.57 1.49
CA VAL A 64 -3.10 11.99 0.28
C VAL A 64 -2.17 12.22 -0.92
N SER A 65 -1.24 13.18 -0.84
CA SER A 65 -0.34 13.46 -1.95
C SER A 65 0.63 12.32 -2.19
N SER A 66 0.78 11.41 -1.22
CA SER A 66 1.65 10.25 -1.34
C SER A 66 0.89 9.09 -1.99
N VAL A 67 -0.44 9.12 -1.92
CA VAL A 67 -1.29 8.03 -2.40
C VAL A 67 -1.13 7.77 -3.89
N PRO A 68 -1.21 8.78 -4.77
CA PRO A 68 -1.18 8.56 -6.21
C PRO A 68 0.20 8.08 -6.68
N LEU A 69 1.27 8.40 -5.94
CA LEU A 69 2.59 7.93 -6.30
C LEU A 69 2.81 6.51 -5.79
N ALA A 70 2.18 6.14 -4.66
CA ALA A 70 2.35 4.83 -4.08
C ALA A 70 1.76 3.74 -4.96
N ILE A 71 0.72 4.07 -5.74
CA ILE A 71 0.06 3.14 -6.63
C ILE A 71 0.78 3.07 -7.98
N GLY A 72 1.53 4.12 -8.32
CA GLY A 72 2.19 4.20 -9.61
C GLY A 72 3.47 3.37 -9.70
N LEU A 73 4.18 3.18 -8.58
CA LEU A 73 5.39 2.37 -8.57
C LEU A 73 5.08 0.89 -8.38
N THR A 74 3.80 0.49 -8.49
CA THR A 74 3.42 -0.90 -8.28
C THR A 74 4.21 -1.83 -9.20
N GLY A 75 4.51 -3.04 -8.71
CA GLY A 75 5.30 -4.03 -9.46
C GLY A 75 6.75 -4.09 -8.99
N GLN A 76 7.17 -3.17 -8.11
CA GLN A 76 8.49 -3.21 -7.48
C GLN A 76 8.64 -4.45 -6.61
N ARG A 77 9.82 -4.62 -6.01
CA ARG A 77 10.13 -5.77 -5.16
C ARG A 77 10.92 -5.34 -3.91
N VAL A 78 10.66 -6.02 -2.80
CA VAL A 78 11.34 -5.79 -1.53
C VAL A 78 11.41 -7.10 -0.76
N LEU A 79 12.50 -7.28 0.00
CA LEU A 79 12.74 -8.47 0.81
C LEU A 79 12.58 -9.77 0.00
N GLY A 80 13.02 -9.76 -1.27
CA GLY A 80 13.04 -10.97 -2.07
C GLY A 80 11.74 -11.26 -2.82
N VAL A 81 10.74 -10.38 -2.77
CA VAL A 81 9.46 -10.64 -3.41
C VAL A 81 8.87 -9.40 -4.06
N PRO A 82 8.23 -9.52 -5.22
CA PRO A 82 7.47 -8.45 -5.83
C PRO A 82 6.28 -8.06 -4.97
N ILE A 83 5.94 -6.77 -4.96
CA ILE A 83 4.82 -6.25 -4.19
C ILE A 83 3.91 -5.43 -5.09
N ILE A 84 2.62 -5.40 -4.78
CA ILE A 84 1.65 -4.64 -5.54
C ILE A 84 1.05 -3.56 -4.64
N VAL A 85 0.54 -2.48 -5.23
CA VAL A 85 -0.11 -1.43 -4.47
C VAL A 85 -1.40 -1.03 -5.17
N GLN A 86 -2.51 -1.00 -4.42
CA GLN A 86 -3.80 -0.52 -4.88
C GLN A 86 -4.49 0.20 -3.74
N ALA A 87 -5.12 1.35 -4.00
CA ALA A 87 -5.88 2.01 -2.94
C ALA A 87 -6.97 1.04 -2.50
N SER A 88 -7.27 0.96 -1.21
CA SER A 88 -8.23 -0.04 -0.76
C SER A 88 -9.56 0.08 -1.52
N GLN A 89 -10.08 1.29 -1.69
CA GLN A 89 -11.36 1.44 -2.35
C GLN A 89 -11.20 1.37 -3.87
N ALA A 90 -10.27 2.15 -4.43
CA ALA A 90 -10.06 2.18 -5.87
C ALA A 90 -9.30 0.93 -6.34
N GLU A 91 -9.15 -0.08 -5.49
CA GLU A 91 -8.46 -1.30 -5.90
C GLU A 91 -9.16 -1.87 -7.12
N LYS A 92 -10.50 -1.91 -7.10
CA LYS A 92 -11.22 -2.54 -8.19
C LYS A 92 -11.33 -1.63 -9.40
N ASN A 93 -11.27 -0.31 -9.18
CA ASN A 93 -11.37 0.65 -10.28
C ASN A 93 -10.01 0.82 -10.98
N ARG A 94 -8.92 0.59 -10.25
CA ARG A 94 -7.58 0.73 -10.79
C ARG A 94 -7.11 -0.56 -11.45
N ALA A 95 -7.82 -1.67 -11.22
CA ALA A 95 -7.44 -2.96 -11.78
C ALA A 95 -7.64 -2.99 -13.30
N ALA A 96 -8.37 -2.02 -13.85
CA ALA A 96 -8.62 -1.92 -15.28
C ALA A 96 -7.48 -1.22 -16.02
N ALA A 97 -6.61 -0.51 -15.29
CA ALA A 97 -5.50 0.23 -15.89
C ALA A 97 -4.29 -0.68 -16.11
N MET A 1 0.63 16.47 7.28
CA MET A 1 -0.77 16.01 7.14
C MET A 1 -1.53 16.91 6.17
N ILE A 2 -2.57 16.37 5.54
CA ILE A 2 -3.43 17.11 4.62
C ILE A 2 -4.26 18.14 5.40
N ASP A 3 -4.42 19.32 4.82
CA ASP A 3 -5.13 20.42 5.47
C ASP A 3 -6.64 20.38 5.24
N ASN A 4 -7.10 19.67 4.21
CA ASN A 4 -8.49 19.70 3.80
C ASN A 4 -8.92 18.35 3.25
N LEU A 5 -8.92 17.34 4.11
CA LEU A 5 -9.35 15.99 3.77
C LEU A 5 -10.88 15.94 3.72
N THR A 6 -11.42 14.88 3.10
CA THR A 6 -12.85 14.62 3.08
C THR A 6 -13.05 13.14 3.40
N PRO A 7 -14.25 12.73 3.81
CA PRO A 7 -14.52 11.33 4.11
C PRO A 7 -14.34 10.44 2.88
N GLU A 8 -14.10 11.03 1.70
CA GLU A 8 -13.88 10.27 0.49
C GLU A 8 -12.39 10.02 0.25
N GLU A 9 -11.54 11.00 0.54
CA GLU A 9 -10.09 10.81 0.37
C GLU A 9 -9.50 10.13 1.60
N ARG A 10 -10.23 10.10 2.71
CA ARG A 10 -9.83 9.40 3.92
C ARG A 10 -9.55 7.93 3.62
N ASP A 11 -10.38 7.33 2.78
CA ASP A 11 -10.23 5.94 2.38
C ASP A 11 -9.08 5.77 1.38
N ALA A 12 -8.69 6.87 0.73
CA ALA A 12 -7.60 6.88 -0.24
C ALA A 12 -6.25 7.01 0.45
N ARG A 13 -6.19 7.61 1.64
CA ARG A 13 -4.94 7.73 2.37
C ARG A 13 -4.39 6.35 2.72
N THR A 14 -5.27 5.36 2.78
CA THR A 14 -4.87 3.98 3.02
C THR A 14 -4.87 3.21 1.72
N VAL A 15 -3.70 2.70 1.33
CA VAL A 15 -3.58 1.85 0.17
C VAL A 15 -3.41 0.41 0.62
N PHE A 16 -3.92 -0.52 -0.20
CA PHE A 16 -3.80 -1.95 0.03
C PHE A 16 -2.68 -2.48 -0.85
N CYS A 17 -1.73 -3.19 -0.25
CA CYS A 17 -0.63 -3.77 -0.99
C CYS A 17 -0.66 -5.28 -0.82
N MET A 18 -0.31 -6.00 -1.90
CA MET A 18 -0.40 -7.45 -1.91
C MET A 18 0.86 -8.06 -2.54
N GLN A 19 0.94 -9.38 -2.53
CA GLN A 19 2.14 -10.12 -2.92
C GLN A 19 3.32 -9.86 -1.98
N LEU A 20 3.06 -9.35 -0.77
CA LEU A 20 4.07 -9.17 0.27
C LEU A 20 4.54 -10.54 0.75
N ALA A 21 5.64 -10.58 1.51
CA ALA A 21 6.09 -11.82 2.10
C ALA A 21 5.23 -12.20 3.31
N ALA A 22 5.39 -13.41 3.83
CA ALA A 22 4.61 -13.88 4.96
C ALA A 22 5.01 -13.21 6.28
N ARG A 23 6.26 -12.73 6.40
CA ARG A 23 6.75 -12.13 7.65
C ARG A 23 7.58 -10.87 7.43
N ILE A 24 7.51 -10.26 6.24
CA ILE A 24 8.15 -8.98 6.00
C ILE A 24 7.68 -7.99 7.06
N ARG A 25 8.60 -7.18 7.60
CA ARG A 25 8.24 -6.22 8.64
C ARG A 25 7.63 -4.98 8.00
N PRO A 26 6.75 -4.27 8.73
CA PRO A 26 6.08 -3.09 8.22
C PRO A 26 7.07 -2.00 7.84
N ARG A 27 8.24 -1.97 8.50
CA ARG A 27 9.23 -0.94 8.25
C ARG A 27 9.87 -1.08 6.86
N ASP A 28 9.84 -2.28 6.28
CA ASP A 28 10.43 -2.50 4.97
C ASP A 28 9.61 -1.82 3.87
N LEU A 29 8.32 -1.57 4.10
CA LEU A 29 7.51 -0.85 3.13
C LEU A 29 7.62 0.66 3.35
N GLU A 30 7.92 1.11 4.56
CA GLU A 30 7.97 2.54 4.84
C GLU A 30 9.22 3.17 4.25
N GLU A 31 10.37 2.47 4.31
CA GLU A 31 11.59 2.96 3.69
C GLU A 31 11.46 2.88 2.17
N PHE A 32 10.59 2.00 1.69
CA PHE A 32 10.35 1.82 0.27
C PHE A 32 9.41 2.92 -0.26
N PHE A 33 8.33 3.23 0.46
CA PHE A 33 7.41 4.29 0.09
C PHE A 33 7.98 5.68 0.41
N SER A 34 9.16 5.74 1.04
CA SER A 34 9.80 7.03 1.29
C SER A 34 10.14 7.75 -0.03
N THR A 35 10.03 7.04 -1.16
CA THR A 35 10.32 7.62 -2.47
C THR A 35 9.08 8.28 -3.07
N VAL A 36 7.90 8.04 -2.49
CA VAL A 36 6.65 8.63 -2.99
C VAL A 36 6.10 9.66 -2.02
N GLY A 37 6.75 9.85 -0.87
CA GLY A 37 6.29 10.80 0.13
C GLY A 37 6.64 10.34 1.53
N LYS A 38 5.72 10.53 2.48
CA LYS A 38 5.89 10.13 3.87
C LYS A 38 4.71 9.26 4.31
N VAL A 39 5.01 8.20 5.06
CA VAL A 39 4.03 7.22 5.49
C VAL A 39 3.83 7.28 7.01
N ARG A 40 2.58 7.13 7.45
CA ARG A 40 2.22 7.13 8.86
C ARG A 40 2.44 5.76 9.51
N ASP A 41 1.84 4.72 8.94
CA ASP A 41 1.82 3.37 9.50
C ASP A 41 1.61 2.31 8.42
N VAL A 42 1.83 1.04 8.79
CA VAL A 42 1.61 -0.13 7.93
C VAL A 42 0.98 -1.23 8.77
N ARG A 43 0.18 -2.11 8.14
CA ARG A 43 -0.52 -3.21 8.80
C ARG A 43 -0.33 -4.49 8.01
N MET A 44 0.48 -5.42 8.53
CA MET A 44 0.66 -6.73 7.91
C MET A 44 -0.51 -7.65 8.24
N ILE A 45 -0.74 -8.63 7.37
CA ILE A 45 -1.84 -9.57 7.52
C ILE A 45 -1.36 -10.98 7.16
N SER A 46 -1.99 -12.01 7.73
CA SER A 46 -1.58 -13.40 7.54
C SER A 46 -2.73 -14.31 7.09
N ASP A 47 -3.76 -13.73 6.46
CA ASP A 47 -4.88 -14.49 5.91
C ASP A 47 -4.66 -14.63 4.39
N ARG A 48 -4.82 -15.84 3.85
CA ARG A 48 -4.54 -16.09 2.44
C ARG A 48 -5.76 -16.07 1.54
N ASN A 49 -6.60 -17.11 1.61
CA ASN A 49 -7.74 -17.34 0.74
C ASN A 49 -7.41 -17.19 -0.75
N SER A 50 -6.12 -17.13 -1.12
CA SER A 50 -5.69 -16.89 -2.49
C SER A 50 -4.20 -17.20 -2.68
N ARG A 51 -3.71 -17.14 -3.91
CA ARG A 51 -2.32 -17.37 -4.29
C ARG A 51 -1.37 -16.37 -3.60
N ARG A 52 -1.91 -15.29 -3.04
CA ARG A 52 -1.11 -14.29 -2.34
C ARG A 52 -0.46 -14.93 -1.12
N SER A 53 -1.14 -15.95 -0.59
CA SER A 53 -0.74 -16.79 0.52
C SER A 53 -0.11 -16.02 1.69
N LYS A 54 -0.97 -15.38 2.50
CA LYS A 54 -0.58 -14.66 3.70
C LYS A 54 0.40 -13.53 3.39
N GLY A 55 0.44 -13.12 2.12
CA GLY A 55 1.36 -12.12 1.62
C GLY A 55 0.66 -10.82 1.24
N ILE A 56 0.07 -10.13 2.22
CA ILE A 56 -0.54 -8.84 1.99
C ILE A 56 -0.39 -7.91 3.19
N ALA A 57 -0.65 -6.61 2.97
CA ALA A 57 -0.57 -5.61 4.02
C ALA A 57 -1.35 -4.36 3.59
N TYR A 58 -1.44 -3.37 4.48
CA TYR A 58 -2.02 -2.07 4.18
C TYR A 58 -1.02 -0.99 4.59
N VAL A 59 -1.07 0.16 3.90
CA VAL A 59 -0.16 1.27 4.15
C VAL A 59 -0.95 2.55 4.25
N GLU A 60 -0.68 3.38 5.26
CA GLU A 60 -1.40 4.62 5.45
C GLU A 60 -0.44 5.81 5.33
N PHE A 61 -0.69 6.70 4.37
CA PHE A 61 0.16 7.87 4.15
C PHE A 61 -0.29 9.06 4.98
N VAL A 62 0.68 9.89 5.31
CA VAL A 62 0.49 11.05 6.14
C VAL A 62 -0.29 12.13 5.39
N ASP A 63 -0.06 12.21 4.08
CA ASP A 63 -0.74 13.14 3.18
C ASP A 63 -1.33 12.35 2.00
N VAL A 64 -2.40 12.88 1.40
CA VAL A 64 -3.03 12.28 0.23
C VAL A 64 -2.14 12.46 -1.01
N SER A 65 -1.20 13.40 -0.97
CA SER A 65 -0.31 13.66 -2.10
C SER A 65 0.63 12.49 -2.35
N SER A 66 0.78 11.59 -1.37
CA SER A 66 1.62 10.41 -1.49
C SER A 66 0.86 9.26 -2.13
N VAL A 67 -0.48 9.31 -2.09
CA VAL A 67 -1.33 8.22 -2.54
C VAL A 67 -1.13 7.88 -4.02
N PRO A 68 -1.20 8.85 -4.96
CA PRO A 68 -1.13 8.54 -6.37
C PRO A 68 0.27 8.10 -6.80
N LEU A 69 1.31 8.49 -6.08
CA LEU A 69 2.66 8.05 -6.40
C LEU A 69 2.89 6.63 -5.88
N ALA A 70 2.25 6.27 -4.76
CA ALA A 70 2.42 4.96 -4.17
C ALA A 70 1.85 3.87 -5.08
N ILE A 71 0.83 4.21 -5.87
CA ILE A 71 0.20 3.26 -6.78
C ILE A 71 0.97 3.19 -8.10
N GLY A 72 1.74 4.24 -8.42
CA GLY A 72 2.45 4.32 -9.69
C GLY A 72 3.70 3.46 -9.74
N LEU A 73 4.40 3.26 -8.61
CA LEU A 73 5.59 2.43 -8.57
C LEU A 73 5.24 0.96 -8.34
N THR A 74 3.99 0.57 -8.49
CA THR A 74 3.58 -0.81 -8.26
C THR A 74 4.38 -1.79 -9.09
N GLY A 75 4.62 -2.99 -8.54
CA GLY A 75 5.39 -4.04 -9.20
C GLY A 75 6.84 -4.10 -8.74
N GLN A 76 7.30 -3.14 -7.94
CA GLN A 76 8.63 -3.14 -7.35
C GLN A 76 8.84 -4.37 -6.47
N ARG A 77 10.10 -4.69 -6.18
CA ARG A 77 10.46 -5.85 -5.37
C ARG A 77 10.82 -5.42 -3.95
N VAL A 78 10.41 -6.20 -2.95
CA VAL A 78 10.78 -6.00 -1.56
C VAL A 78 10.98 -7.35 -0.88
N LEU A 79 12.08 -7.51 -0.14
CA LEU A 79 12.37 -8.72 0.62
C LEU A 79 12.20 -10.00 -0.22
N GLY A 80 12.69 -10.00 -1.47
CA GLY A 80 12.68 -11.20 -2.29
C GLY A 80 11.36 -11.46 -3.03
N VAL A 81 10.38 -10.56 -2.96
CA VAL A 81 9.10 -10.77 -3.63
C VAL A 81 8.57 -9.50 -4.27
N PRO A 82 7.94 -9.59 -5.46
CA PRO A 82 7.25 -8.47 -6.06
C PRO A 82 6.04 -8.05 -5.23
N ILE A 83 5.98 -6.76 -4.89
CA ILE A 83 4.85 -6.20 -4.15
C ILE A 83 3.98 -5.37 -5.10
N ILE A 84 2.68 -5.30 -4.80
CA ILE A 84 1.73 -4.52 -5.59
C ILE A 84 1.15 -3.42 -4.71
N VAL A 85 0.67 -2.35 -5.33
CA VAL A 85 -0.01 -1.28 -4.59
C VAL A 85 -1.27 -0.88 -5.34
N GLN A 86 -2.39 -0.85 -4.61
CA GLN A 86 -3.67 -0.36 -5.11
C GLN A 86 -4.34 0.40 -3.96
N ALA A 87 -5.05 1.48 -4.27
CA ALA A 87 -5.83 2.13 -3.22
C ALA A 87 -6.87 1.11 -2.76
N SER A 88 -7.17 1.04 -1.47
CA SER A 88 -8.06 -0.01 -0.99
C SER A 88 -9.39 0.02 -1.75
N GLN A 89 -9.96 1.21 -1.96
CA GLN A 89 -11.25 1.29 -2.64
C GLN A 89 -11.08 1.12 -4.15
N ALA A 90 -10.14 1.86 -4.74
CA ALA A 90 -9.94 1.82 -6.18
C ALA A 90 -9.21 0.55 -6.61
N GLU A 91 -8.99 -0.40 -5.71
CA GLU A 91 -8.28 -1.61 -6.08
C GLU A 91 -9.01 -2.32 -7.21
N LYS A 92 -10.35 -2.32 -7.16
CA LYS A 92 -11.12 -3.04 -8.16
C LYS A 92 -11.39 -2.20 -9.42
N ASN A 93 -10.81 -1.00 -9.49
CA ASN A 93 -10.88 -0.15 -10.68
C ASN A 93 -9.49 0.07 -11.26
N ARG A 94 -8.45 -0.11 -10.43
CA ARG A 94 -7.06 0.06 -10.82
C ARG A 94 -6.50 -1.25 -11.38
N ALA A 95 -7.21 -2.36 -11.16
CA ALA A 95 -6.80 -3.68 -11.64
C ALA A 95 -6.83 -3.76 -13.17
N ALA A 96 -7.39 -2.74 -13.85
CA ALA A 96 -7.50 -2.70 -15.29
C ALA A 96 -6.14 -2.66 -15.98
N ALA A 97 -5.07 -2.35 -15.25
CA ALA A 97 -3.72 -2.28 -15.79
C ALA A 97 -2.70 -2.73 -14.74
N MET A 1 -0.76 16.07 7.32
CA MET A 1 -2.17 15.84 6.97
C MET A 1 -2.66 16.90 5.97
N ILE A 2 -3.64 16.52 5.15
CA ILE A 2 -4.26 17.38 4.16
C ILE A 2 -5.27 18.33 4.83
N ASP A 3 -5.28 19.59 4.39
CA ASP A 3 -6.09 20.65 4.98
C ASP A 3 -7.53 20.66 4.45
N ASN A 4 -7.73 20.13 3.25
CA ASN A 4 -8.99 20.24 2.53
C ASN A 4 -9.51 18.84 2.19
N LEU A 5 -9.53 17.98 3.20
CA LEU A 5 -9.90 16.58 3.06
C LEU A 5 -11.42 16.44 2.89
N THR A 6 -11.83 15.26 2.41
CA THR A 6 -13.22 14.88 2.29
C THR A 6 -13.34 13.42 2.73
N PRO A 7 -14.53 12.93 3.08
CA PRO A 7 -14.71 11.55 3.50
C PRO A 7 -14.36 10.57 2.38
N GLU A 8 -14.10 11.05 1.16
CA GLU A 8 -13.77 10.16 0.05
C GLU A 8 -12.27 9.94 -0.09
N GLU A 9 -11.46 10.96 0.23
CA GLU A 9 -10.01 10.83 0.16
C GLU A 9 -9.46 10.28 1.47
N ARG A 10 -10.27 10.29 2.53
CA ARG A 10 -9.88 9.82 3.84
C ARG A 10 -9.45 8.35 3.77
N ASP A 11 -10.22 7.55 3.04
CA ASP A 11 -9.94 6.13 2.85
C ASP A 11 -8.79 5.92 1.87
N ALA A 12 -8.53 6.92 1.01
CA ALA A 12 -7.49 6.84 0.01
C ALA A 12 -6.10 7.01 0.65
N ARG A 13 -6.04 7.61 1.84
CA ARG A 13 -4.78 7.72 2.57
C ARG A 13 -4.23 6.34 2.88
N THR A 14 -5.11 5.34 2.93
CA THR A 14 -4.72 3.96 3.15
C THR A 14 -4.73 3.22 1.83
N VAL A 15 -3.57 2.69 1.42
CA VAL A 15 -3.46 1.87 0.24
C VAL A 15 -3.29 0.42 0.65
N PHE A 16 -3.80 -0.48 -0.19
CA PHE A 16 -3.69 -1.91 -0.02
C PHE A 16 -2.55 -2.40 -0.90
N CYS A 17 -1.64 -3.19 -0.33
CA CYS A 17 -0.52 -3.74 -1.09
C CYS A 17 -0.49 -5.25 -0.93
N MET A 18 -0.12 -5.93 -2.02
CA MET A 18 -0.22 -7.38 -2.08
C MET A 18 1.03 -8.00 -2.72
N GLN A 19 1.02 -9.33 -2.86
CA GLN A 19 2.15 -10.13 -3.33
C GLN A 19 3.37 -10.02 -2.40
N LEU A 20 3.16 -9.45 -1.20
CA LEU A 20 4.17 -9.34 -0.17
C LEU A 20 4.55 -10.72 0.36
N ALA A 21 5.59 -10.79 1.20
CA ALA A 21 6.00 -12.05 1.79
C ALA A 21 5.11 -12.42 2.98
N ALA A 22 5.17 -13.68 3.41
CA ALA A 22 4.44 -14.17 4.55
C ALA A 22 5.09 -13.72 5.86
N ARG A 23 6.31 -13.17 5.79
CA ARG A 23 7.09 -12.85 6.99
C ARG A 23 7.70 -11.45 6.95
N ILE A 24 7.58 -10.71 5.84
CA ILE A 24 8.11 -9.36 5.72
C ILE A 24 7.58 -8.46 6.85
N ARG A 25 8.43 -7.56 7.34
CA ARG A 25 8.08 -6.62 8.40
C ARG A 25 7.55 -5.33 7.81
N PRO A 26 6.70 -4.60 8.56
CA PRO A 26 6.07 -3.37 8.09
C PRO A 26 7.08 -2.29 7.77
N ARG A 27 8.23 -2.27 8.46
CA ARG A 27 9.24 -1.24 8.26
C ARG A 27 9.88 -1.35 6.87
N ASP A 28 9.89 -2.54 6.27
CA ASP A 28 10.50 -2.72 4.96
C ASP A 28 9.69 -2.05 3.85
N LEU A 29 8.40 -1.79 4.08
CA LEU A 29 7.59 -1.05 3.11
C LEU A 29 7.71 0.44 3.34
N GLU A 30 7.97 0.88 4.57
CA GLU A 30 8.01 2.31 4.88
C GLU A 30 9.27 2.95 4.32
N GLU A 31 10.40 2.25 4.37
CA GLU A 31 11.63 2.75 3.79
C GLU A 31 11.53 2.74 2.26
N PHE A 32 10.67 1.87 1.72
CA PHE A 32 10.44 1.76 0.29
C PHE A 32 9.52 2.87 -0.21
N PHE A 33 8.44 3.16 0.51
CA PHE A 33 7.52 4.23 0.17
C PHE A 33 8.10 5.60 0.50
N SER A 34 9.28 5.67 1.11
CA SER A 34 9.93 6.94 1.40
C SER A 34 10.26 7.69 0.10
N THR A 35 10.16 7.02 -1.04
CA THR A 35 10.42 7.63 -2.33
C THR A 35 9.17 8.29 -2.91
N VAL A 36 7.99 8.03 -2.34
CA VAL A 36 6.74 8.61 -2.81
C VAL A 36 6.19 9.61 -1.80
N GLY A 37 6.76 9.68 -0.60
CA GLY A 37 6.30 10.61 0.42
C GLY A 37 6.57 10.08 1.82
N LYS A 38 5.79 10.58 2.79
CA LYS A 38 5.90 10.20 4.19
C LYS A 38 4.79 9.21 4.53
N VAL A 39 5.14 8.14 5.26
CA VAL A 39 4.20 7.10 5.64
C VAL A 39 3.99 7.10 7.16
N ARG A 40 2.73 6.92 7.58
CA ARG A 40 2.34 6.91 8.99
C ARG A 40 2.55 5.54 9.63
N ASP A 41 2.06 4.49 8.98
CA ASP A 41 2.09 3.14 9.56
C ASP A 41 1.80 2.09 8.48
N VAL A 42 2.05 0.82 8.80
CA VAL A 42 1.78 -0.33 7.93
C VAL A 42 1.15 -1.45 8.74
N ARG A 43 0.24 -2.22 8.14
CA ARG A 43 -0.47 -3.29 8.81
C ARG A 43 -0.35 -4.57 8.01
N MET A 44 0.52 -5.48 8.46
CA MET A 44 0.68 -6.80 7.83
C MET A 44 -0.50 -7.69 8.18
N ILE A 45 -0.69 -8.71 7.34
CA ILE A 45 -1.80 -9.65 7.48
C ILE A 45 -1.29 -11.08 7.26
N SER A 46 -1.98 -12.06 7.85
CA SER A 46 -1.58 -13.46 7.75
C SER A 46 -2.78 -14.38 7.43
N ASP A 47 -3.80 -13.82 6.79
CA ASP A 47 -4.92 -14.60 6.28
C ASP A 47 -4.74 -14.81 4.78
N ARG A 48 -4.85 -16.05 4.31
CA ARG A 48 -4.54 -16.37 2.91
C ARG A 48 -5.75 -16.24 2.00
N ASN A 49 -6.76 -17.09 2.19
CA ASN A 49 -7.93 -17.20 1.32
C ASN A 49 -7.58 -17.35 -0.17
N SER A 50 -6.30 -17.49 -0.51
CA SER A 50 -5.82 -17.55 -1.88
C SER A 50 -4.35 -17.99 -1.89
N ARG A 51 -3.83 -18.32 -3.08
CA ARG A 51 -2.44 -18.73 -3.26
C ARG A 51 -1.46 -17.58 -2.98
N ARG A 52 -1.98 -16.39 -2.67
CA ARG A 52 -1.14 -15.26 -2.26
C ARG A 52 -0.46 -15.61 -0.94
N SER A 53 -1.19 -16.40 -0.14
CA SER A 53 -0.81 -16.94 1.14
C SER A 53 -0.04 -15.96 2.04
N LYS A 54 -0.78 -15.25 2.90
CA LYS A 54 -0.22 -14.35 3.90
C LYS A 54 0.61 -13.22 3.28
N GLY A 55 0.51 -13.06 1.96
CA GLY A 55 1.34 -12.16 1.19
C GLY A 55 0.70 -10.80 0.94
N ILE A 56 0.11 -10.18 1.95
CA ILE A 56 -0.49 -8.85 1.79
C ILE A 56 -0.31 -7.98 3.04
N ALA A 57 -0.58 -6.68 2.87
CA ALA A 57 -0.46 -5.69 3.93
C ALA A 57 -1.23 -4.43 3.53
N TYR A 58 -1.34 -3.47 4.45
CA TYR A 58 -1.91 -2.16 4.17
C TYR A 58 -0.92 -1.08 4.61
N VAL A 59 -0.94 0.05 3.91
CA VAL A 59 -0.03 1.16 4.18
C VAL A 59 -0.83 2.45 4.30
N GLU A 60 -0.58 3.25 5.34
CA GLU A 60 -1.27 4.51 5.52
C GLU A 60 -0.27 5.67 5.45
N PHE A 61 -0.53 6.62 4.54
CA PHE A 61 0.32 7.78 4.38
C PHE A 61 -0.15 8.94 5.23
N VAL A 62 0.81 9.77 5.65
CA VAL A 62 0.56 10.92 6.51
C VAL A 62 -0.15 12.03 5.73
N ASP A 63 -0.23 11.89 4.41
CA ASP A 63 -0.88 12.86 3.55
C ASP A 63 -1.36 12.19 2.26
N VAL A 64 -2.40 12.76 1.64
CA VAL A 64 -2.97 12.21 0.42
C VAL A 64 -2.06 12.47 -0.78
N SER A 65 -1.13 13.42 -0.67
CA SER A 65 -0.22 13.73 -1.77
C SER A 65 0.74 12.57 -2.05
N SER A 66 0.87 11.64 -1.10
CA SER A 66 1.71 10.46 -1.26
C SER A 66 0.96 9.34 -1.95
N VAL A 67 -0.37 9.38 -1.91
CA VAL A 67 -1.22 8.30 -2.39
C VAL A 67 -1.03 8.02 -3.88
N PRO A 68 -1.11 9.02 -4.77
CA PRO A 68 -1.02 8.77 -6.20
C PRO A 68 0.38 8.32 -6.63
N LEU A 69 1.42 8.69 -5.88
CA LEU A 69 2.76 8.23 -6.20
C LEU A 69 2.96 6.81 -5.73
N ALA A 70 2.32 6.42 -4.61
CA ALA A 70 2.47 5.09 -4.05
C ALA A 70 1.88 4.04 -4.99
N ILE A 71 0.84 4.39 -5.75
CA ILE A 71 0.20 3.50 -6.69
C ILE A 71 0.94 3.49 -8.03
N GLY A 72 1.69 4.55 -8.32
CA GLY A 72 2.36 4.72 -9.60
C GLY A 72 3.61 3.87 -9.76
N LEU A 73 4.36 3.62 -8.68
CA LEU A 73 5.57 2.80 -8.77
C LEU A 73 5.25 1.31 -8.74
N THR A 74 3.98 0.93 -8.62
CA THR A 74 3.58 -0.45 -8.38
C THR A 74 4.33 -1.45 -9.26
N GLY A 75 4.65 -2.61 -8.70
CA GLY A 75 5.41 -3.65 -9.38
C GLY A 75 6.86 -3.74 -8.91
N GLN A 76 7.30 -2.88 -7.97
CA GLN A 76 8.67 -2.95 -7.45
C GLN A 76 8.85 -4.19 -6.58
N ARG A 77 10.10 -4.50 -6.22
CA ARG A 77 10.42 -5.65 -5.39
C ARG A 77 10.87 -5.22 -4.00
N VAL A 78 10.49 -6.01 -2.99
CA VAL A 78 10.89 -5.80 -1.60
C VAL A 78 11.10 -7.15 -0.94
N LEU A 79 12.23 -7.31 -0.23
CA LEU A 79 12.53 -8.50 0.56
C LEU A 79 12.25 -9.82 -0.18
N GLY A 80 12.68 -9.94 -1.43
CA GLY A 80 12.60 -11.21 -2.15
C GLY A 80 11.28 -11.42 -2.89
N VAL A 81 10.37 -10.44 -2.92
CA VAL A 81 9.09 -10.59 -3.61
C VAL A 81 8.70 -9.32 -4.34
N PRO A 82 7.99 -9.44 -5.47
CA PRO A 82 7.37 -8.31 -6.14
C PRO A 82 6.19 -7.85 -5.29
N ILE A 83 5.95 -6.54 -5.22
CA ILE A 83 4.86 -5.99 -4.44
C ILE A 83 3.97 -5.14 -5.33
N ILE A 84 2.68 -5.12 -5.03
CA ILE A 84 1.72 -4.32 -5.77
C ILE A 84 1.14 -3.26 -4.85
N VAL A 85 0.65 -2.15 -5.42
CA VAL A 85 -0.01 -1.12 -4.64
C VAL A 85 -1.29 -0.70 -5.35
N GLN A 86 -2.39 -0.72 -4.63
CA GLN A 86 -3.68 -0.22 -5.09
C GLN A 86 -4.35 0.49 -3.92
N ALA A 87 -5.06 1.60 -4.17
CA ALA A 87 -5.81 2.21 -3.09
C ALA A 87 -6.86 1.19 -2.66
N SER A 88 -7.14 1.08 -1.37
CA SER A 88 -8.05 0.04 -0.90
C SER A 88 -9.38 0.10 -1.64
N GLN A 89 -9.94 1.29 -1.81
CA GLN A 89 -11.24 1.40 -2.45
C GLN A 89 -11.10 1.28 -3.97
N ALA A 90 -10.16 2.03 -4.56
CA ALA A 90 -9.98 2.03 -6.00
C ALA A 90 -9.25 0.78 -6.48
N GLU A 91 -9.01 -0.20 -5.61
CA GLU A 91 -8.30 -1.40 -6.02
C GLU A 91 -9.05 -2.07 -7.17
N LYS A 92 -10.38 -2.11 -7.09
CA LYS A 92 -11.15 -2.80 -8.12
C LYS A 92 -11.45 -1.92 -9.33
N ASN A 93 -10.88 -0.72 -9.37
CA ASN A 93 -10.98 0.17 -10.52
C ASN A 93 -9.61 0.43 -11.12
N ARG A 94 -8.55 0.28 -10.33
CA ARG A 94 -7.18 0.46 -10.75
C ARG A 94 -6.64 -0.80 -11.41
N ALA A 95 -7.30 -1.94 -11.16
CA ALA A 95 -6.91 -3.21 -11.77
C ALA A 95 -7.34 -3.28 -13.23
N ALA A 96 -8.15 -2.32 -13.69
CA ALA A 96 -8.63 -2.29 -15.07
C ALA A 96 -7.54 -1.80 -16.02
N ALA A 97 -6.48 -1.19 -15.50
CA ALA A 97 -5.39 -0.66 -16.30
C ALA A 97 -4.62 -1.79 -16.99
N MET A 1 0.58 18.62 3.65
CA MET A 1 -0.76 18.31 4.18
C MET A 1 -1.85 18.87 3.29
N ILE A 2 -2.90 18.08 3.06
CA ILE A 2 -4.05 18.51 2.26
C ILE A 2 -4.91 19.48 3.05
N ASP A 3 -5.44 20.50 2.35
CA ASP A 3 -6.29 21.52 2.96
C ASP A 3 -7.77 21.21 2.81
N ASN A 4 -8.12 20.47 1.74
CA ASN A 4 -9.51 20.26 1.35
C ASN A 4 -9.79 18.77 1.16
N LEU A 5 -9.63 18.01 2.25
CA LEU A 5 -9.89 16.59 2.25
C LEU A 5 -11.39 16.32 2.26
N THR A 6 -11.79 15.10 1.92
CA THR A 6 -13.19 14.68 1.92
C THR A 6 -13.27 13.28 2.51
N PRO A 7 -14.45 12.83 2.94
CA PRO A 7 -14.62 11.49 3.49
C PRO A 7 -14.31 10.41 2.45
N GLU A 8 -14.08 10.79 1.19
CA GLU A 8 -13.73 9.83 0.16
C GLU A 8 -12.21 9.67 0.07
N GLU A 9 -11.45 10.76 0.27
CA GLU A 9 -10.00 10.67 0.22
C GLU A 9 -9.40 10.31 1.58
N ARG A 10 -10.14 10.49 2.67
CA ARG A 10 -9.70 10.05 3.98
C ARG A 10 -9.33 8.58 3.97
N ASP A 11 -10.13 7.77 3.28
CA ASP A 11 -9.90 6.34 3.18
C ASP A 11 -8.80 6.02 2.17
N ALA A 12 -8.49 6.98 1.28
CA ALA A 12 -7.45 6.80 0.28
C ALA A 12 -6.07 6.96 0.91
N ARG A 13 -5.99 7.56 2.10
CA ARG A 13 -4.73 7.67 2.85
C ARG A 13 -4.21 6.28 3.15
N THR A 14 -5.12 5.30 3.18
CA THR A 14 -4.78 3.90 3.37
C THR A 14 -4.80 3.19 2.03
N VAL A 15 -3.65 2.65 1.62
CA VAL A 15 -3.56 1.86 0.40
C VAL A 15 -3.40 0.39 0.76
N PHE A 16 -3.92 -0.47 -0.11
CA PHE A 16 -3.84 -1.92 0.01
C PHE A 16 -2.70 -2.40 -0.88
N CYS A 17 -1.79 -3.18 -0.30
CA CYS A 17 -0.66 -3.71 -1.05
C CYS A 17 -0.64 -5.23 -0.94
N MET A 18 -0.24 -5.89 -2.02
CA MET A 18 -0.34 -7.33 -2.12
C MET A 18 0.91 -7.90 -2.81
N GLN A 19 0.93 -9.23 -3.01
CA GLN A 19 2.09 -9.94 -3.52
C GLN A 19 3.30 -9.76 -2.60
N LEU A 20 3.05 -9.48 -1.32
CA LEU A 20 4.04 -9.36 -0.27
C LEU A 20 4.44 -10.74 0.22
N ALA A 21 5.53 -10.81 1.00
CA ALA A 21 6.00 -12.07 1.55
C ALA A 21 5.19 -12.47 2.79
N ALA A 22 5.39 -13.71 3.26
CA ALA A 22 4.68 -14.20 4.42
C ALA A 22 5.24 -13.62 5.74
N ARG A 23 6.46 -13.07 5.72
CA ARG A 23 7.07 -12.53 6.94
C ARG A 23 7.78 -11.19 6.74
N ILE A 24 7.66 -10.57 5.56
CA ILE A 24 8.22 -9.24 5.34
C ILE A 24 7.76 -8.30 6.44
N ARG A 25 8.67 -7.44 6.94
CA ARG A 25 8.33 -6.54 8.03
C ARG A 25 7.44 -5.41 7.51
N PRO A 26 6.62 -4.82 8.36
CA PRO A 26 5.90 -3.61 8.03
C PRO A 26 6.93 -2.51 7.77
N ARG A 27 8.11 -2.64 8.39
CA ARG A 27 9.20 -1.69 8.27
C ARG A 27 9.78 -1.65 6.86
N ASP A 28 9.73 -2.77 6.13
CA ASP A 28 10.34 -2.86 4.82
C ASP A 28 9.54 -2.10 3.77
N LEU A 29 8.25 -1.86 4.00
CA LEU A 29 7.44 -1.07 3.09
C LEU A 29 7.58 0.42 3.38
N GLU A 30 7.89 0.80 4.63
CA GLU A 30 7.99 2.21 4.98
C GLU A 30 9.23 2.85 4.38
N GLU A 31 10.36 2.13 4.40
CA GLU A 31 11.60 2.61 3.80
C GLU A 31 11.47 2.63 2.29
N PHE A 32 10.58 1.80 1.75
CA PHE A 32 10.32 1.73 0.31
C PHE A 32 9.41 2.87 -0.13
N PHE A 33 8.37 3.18 0.66
CA PHE A 33 7.47 4.29 0.36
C PHE A 33 8.07 5.64 0.74
N SER A 34 9.26 5.66 1.35
CA SER A 34 9.94 6.91 1.65
C SER A 34 10.28 7.69 0.37
N THR A 35 10.17 7.04 -0.80
CA THR A 35 10.48 7.66 -2.08
C THR A 35 9.26 8.39 -2.66
N VAL A 36 8.06 8.14 -2.09
CA VAL A 36 6.84 8.76 -2.57
C VAL A 36 6.27 9.76 -1.56
N GLY A 37 6.93 9.90 -0.40
CA GLY A 37 6.47 10.78 0.65
C GLY A 37 6.87 10.26 2.03
N LYS A 38 5.94 10.34 2.98
CA LYS A 38 6.15 9.85 4.34
C LYS A 38 4.94 9.04 4.78
N VAL A 39 5.20 7.94 5.49
CA VAL A 39 4.19 6.97 5.88
C VAL A 39 3.96 6.98 7.38
N ARG A 40 2.73 6.69 7.82
CA ARG A 40 2.37 6.67 9.22
C ARG A 40 2.59 5.29 9.83
N ASP A 41 2.07 4.26 9.17
CA ASP A 41 2.10 2.89 9.68
C ASP A 41 1.80 1.87 8.59
N VAL A 42 2.04 0.58 8.87
CA VAL A 42 1.75 -0.52 7.97
C VAL A 42 1.11 -1.66 8.76
N ARG A 43 0.23 -2.43 8.10
CA ARG A 43 -0.54 -3.50 8.73
C ARG A 43 -0.43 -4.76 7.88
N MET A 44 0.48 -5.66 8.27
CA MET A 44 0.64 -6.94 7.62
C MET A 44 -0.51 -7.88 7.99
N ILE A 45 -0.71 -8.89 7.16
CA ILE A 45 -1.77 -9.87 7.33
C ILE A 45 -1.19 -11.27 7.14
N SER A 46 -1.67 -12.24 7.92
CA SER A 46 -1.14 -13.60 7.91
C SER A 46 -2.25 -14.65 7.78
N ASP A 47 -3.40 -14.26 7.23
CA ASP A 47 -4.45 -15.19 6.85
C ASP A 47 -4.15 -15.66 5.43
N ARG A 48 -4.48 -16.92 5.10
CA ARG A 48 -4.16 -17.45 3.78
C ARG A 48 -4.87 -16.67 2.68
N ASN A 49 -6.20 -16.75 2.62
CA ASN A 49 -7.06 -16.09 1.66
C ASN A 49 -6.49 -16.19 0.23
N SER A 50 -6.86 -17.27 -0.47
CA SER A 50 -6.41 -17.56 -1.83
C SER A 50 -4.90 -17.86 -1.91
N ARG A 51 -4.44 -18.20 -3.12
CA ARG A 51 -3.08 -18.68 -3.39
C ARG A 51 -2.00 -17.66 -3.04
N ARG A 52 -2.37 -16.40 -2.81
CA ARG A 52 -1.42 -15.37 -2.40
C ARG A 52 -0.84 -15.74 -1.04
N SER A 53 -1.64 -16.45 -0.24
CA SER A 53 -1.30 -17.04 1.04
C SER A 53 -0.45 -16.16 1.94
N LYS A 54 -1.11 -15.43 2.85
CA LYS A 54 -0.44 -14.61 3.87
C LYS A 54 0.50 -13.57 3.27
N GLY A 55 0.30 -13.23 1.98
CA GLY A 55 1.18 -12.37 1.23
C GLY A 55 0.60 -10.99 0.95
N ILE A 56 -0.08 -10.37 1.92
CA ILE A 56 -0.65 -9.03 1.71
C ILE A 56 -0.55 -8.18 2.97
N ALA A 57 -0.78 -6.86 2.79
CA ALA A 57 -0.68 -5.89 3.85
C ALA A 57 -1.46 -4.62 3.48
N TYR A 58 -1.53 -3.66 4.40
CA TYR A 58 -2.08 -2.33 4.15
C TYR A 58 -1.08 -1.28 4.63
N VAL A 59 -1.09 -0.11 4.00
CA VAL A 59 -0.16 0.98 4.31
C VAL A 59 -0.95 2.25 4.48
N GLU A 60 -0.62 3.06 5.48
CA GLU A 60 -1.31 4.32 5.73
C GLU A 60 -0.32 5.47 5.72
N PHE A 61 -0.56 6.45 4.86
CA PHE A 61 0.29 7.64 4.76
C PHE A 61 -0.26 8.74 5.66
N VAL A 62 0.63 9.59 6.17
CA VAL A 62 0.24 10.72 7.01
C VAL A 62 -0.51 11.78 6.21
N ASP A 63 -0.42 11.73 4.88
CA ASP A 63 -1.06 12.71 4.01
C ASP A 63 -1.46 12.07 2.68
N VAL A 64 -2.48 12.63 2.03
CA VAL A 64 -2.99 12.13 0.76
C VAL A 64 -2.02 12.45 -0.38
N SER A 65 -1.11 13.41 -0.19
CA SER A 65 -0.16 13.79 -1.23
C SER A 65 0.81 12.65 -1.55
N SER A 66 0.94 11.67 -0.66
CA SER A 66 1.79 10.50 -0.87
C SER A 66 1.05 9.40 -1.62
N VAL A 67 -0.29 9.42 -1.57
CA VAL A 67 -1.13 8.36 -2.12
C VAL A 67 -0.92 8.18 -3.63
N PRO A 68 -1.02 9.22 -4.46
CA PRO A 68 -0.93 9.05 -5.91
C PRO A 68 0.45 8.62 -6.36
N LEU A 69 1.50 8.93 -5.58
CA LEU A 69 2.85 8.50 -5.92
C LEU A 69 3.05 7.04 -5.50
N ALA A 70 2.43 6.63 -4.38
CA ALA A 70 2.58 5.28 -3.87
C ALA A 70 1.98 4.26 -4.82
N ILE A 71 0.91 4.63 -5.52
CA ILE A 71 0.25 3.75 -6.49
C ILE A 71 0.96 3.82 -7.84
N GLY A 72 1.69 4.91 -8.10
CA GLY A 72 2.34 5.13 -9.39
C GLY A 72 3.56 4.25 -9.61
N LEU A 73 4.32 3.93 -8.56
CA LEU A 73 5.49 3.08 -8.70
C LEU A 73 5.13 1.59 -8.68
N THR A 74 3.85 1.26 -8.54
CA THR A 74 3.39 -0.11 -8.33
C THR A 74 4.11 -1.11 -9.23
N GLY A 75 4.43 -2.29 -8.68
CA GLY A 75 5.15 -3.34 -9.38
C GLY A 75 6.61 -3.47 -8.97
N GLN A 76 7.11 -2.62 -8.07
CA GLN A 76 8.48 -2.75 -7.57
C GLN A 76 8.64 -3.98 -6.70
N ARG A 77 9.89 -4.31 -6.39
CA ARG A 77 10.23 -5.52 -5.65
C ARG A 77 10.75 -5.18 -4.25
N VAL A 78 10.37 -5.98 -3.27
CA VAL A 78 10.82 -5.82 -1.89
C VAL A 78 11.01 -7.20 -1.27
N LEU A 79 12.14 -7.40 -0.58
CA LEU A 79 12.47 -8.63 0.14
C LEU A 79 12.29 -9.89 -0.73
N GLY A 80 12.45 -9.79 -2.05
CA GLY A 80 12.40 -10.94 -2.93
C GLY A 80 11.08 -11.13 -3.67
N VAL A 81 10.09 -10.25 -3.47
CA VAL A 81 8.78 -10.40 -4.10
C VAL A 81 8.31 -9.10 -4.77
N PRO A 82 7.64 -9.21 -5.92
CA PRO A 82 7.05 -8.08 -6.62
C PRO A 82 5.81 -7.59 -5.88
N ILE A 83 5.92 -6.48 -5.15
CA ILE A 83 4.80 -5.96 -4.39
C ILE A 83 3.93 -5.09 -5.29
N ILE A 84 2.63 -5.01 -4.98
CA ILE A 84 1.69 -4.14 -5.68
C ILE A 84 1.20 -3.07 -4.73
N VAL A 85 0.75 -1.94 -5.28
CA VAL A 85 0.13 -0.90 -4.50
C VAL A 85 -1.14 -0.46 -5.21
N GLN A 86 -2.26 -0.54 -4.50
CA GLN A 86 -3.55 -0.07 -4.97
C GLN A 86 -4.23 0.62 -3.80
N ALA A 87 -5.03 1.66 -4.06
CA ALA A 87 -5.78 2.25 -2.96
C ALA A 87 -6.81 1.21 -2.53
N SER A 88 -7.16 1.17 -1.24
CA SER A 88 -8.07 0.13 -0.78
C SER A 88 -9.37 0.15 -1.58
N GLN A 89 -9.93 1.35 -1.84
CA GLN A 89 -11.18 1.44 -2.57
C GLN A 89 -10.96 1.31 -4.08
N ALA A 90 -9.94 1.99 -4.61
CA ALA A 90 -9.68 1.97 -6.04
C ALA A 90 -9.04 0.64 -6.47
N GLU A 91 -8.84 -0.29 -5.53
CA GLU A 91 -8.26 -1.58 -5.85
C GLU A 91 -9.03 -2.22 -7.00
N LYS A 92 -10.36 -2.14 -6.98
CA LYS A 92 -11.17 -2.86 -7.95
C LYS A 92 -11.25 -2.16 -9.30
N ASN A 93 -10.47 -1.09 -9.50
CA ASN A 93 -10.44 -0.37 -10.77
C ASN A 93 -9.01 -0.05 -11.21
N ARG A 94 -8.07 -0.05 -10.27
CA ARG A 94 -6.66 0.23 -10.56
C ARG A 94 -5.92 -1.04 -10.96
N ALA A 95 -6.51 -2.21 -10.67
CA ALA A 95 -5.92 -3.50 -11.01
C ALA A 95 -5.87 -3.73 -12.52
N ALA A 96 -6.51 -2.85 -13.29
CA ALA A 96 -6.55 -2.94 -14.75
C ALA A 96 -5.16 -2.77 -15.39
N ALA A 97 -4.19 -2.24 -14.63
CA ALA A 97 -2.85 -2.01 -15.12
C ALA A 97 -1.82 -2.19 -14.01
N MET A 1 0.26 18.49 -0.04
CA MET A 1 -0.61 18.40 1.15
C MET A 1 -2.06 18.65 0.78
N ILE A 2 -2.97 17.88 1.41
CA ILE A 2 -4.40 18.08 1.24
C ILE A 2 -4.83 19.39 1.92
N ASP A 3 -5.58 20.22 1.21
CA ASP A 3 -6.06 21.48 1.75
C ASP A 3 -7.32 21.29 2.58
N ASN A 4 -8.20 20.39 2.13
CA ASN A 4 -9.49 20.14 2.75
C ASN A 4 -9.86 18.68 2.57
N LEU A 5 -9.45 17.84 3.53
CA LEU A 5 -9.74 16.42 3.48
C LEU A 5 -11.20 16.19 3.81
N THR A 6 -11.73 15.03 3.40
CA THR A 6 -13.10 14.64 3.68
C THR A 6 -13.08 13.19 4.15
N PRO A 7 -14.14 12.71 4.80
CA PRO A 7 -14.20 11.32 5.24
C PRO A 7 -14.15 10.36 4.06
N GLU A 8 -14.18 10.87 2.81
CA GLU A 8 -14.09 10.02 1.64
C GLU A 8 -12.64 9.89 1.16
N GLU A 9 -11.86 10.98 1.19
CA GLU A 9 -10.46 10.90 0.79
C GLU A 9 -9.60 10.39 1.96
N ARG A 10 -10.15 10.41 3.16
CA ARG A 10 -9.52 9.85 4.34
C ARG A 10 -9.19 8.37 4.12
N ASP A 11 -10.05 7.67 3.39
CA ASP A 11 -9.87 6.26 3.06
C ASP A 11 -8.78 6.08 2.01
N ALA A 12 -8.52 7.11 1.21
CA ALA A 12 -7.52 7.04 0.17
C ALA A 12 -6.11 7.15 0.75
N ARG A 13 -5.96 7.73 1.95
CA ARG A 13 -4.68 7.80 2.62
C ARG A 13 -4.17 6.41 2.95
N THR A 14 -5.08 5.43 2.99
CA THR A 14 -4.72 4.05 3.22
C THR A 14 -4.74 3.30 1.90
N VAL A 15 -3.58 2.75 1.52
CA VAL A 15 -3.47 1.89 0.34
C VAL A 15 -3.34 0.43 0.78
N PHE A 16 -3.86 -0.46 -0.05
CA PHE A 16 -3.78 -1.90 0.15
C PHE A 16 -2.65 -2.44 -0.72
N CYS A 17 -1.76 -3.23 -0.14
CA CYS A 17 -0.66 -3.82 -0.88
C CYS A 17 -0.68 -5.34 -0.75
N MET A 18 -0.30 -6.03 -1.82
CA MET A 18 -0.38 -7.48 -1.89
C MET A 18 0.85 -8.04 -2.58
N GLN A 19 0.96 -9.37 -2.67
CA GLN A 19 2.15 -10.07 -3.12
C GLN A 19 3.35 -9.83 -2.18
N LEU A 20 3.06 -9.41 -0.95
CA LEU A 20 4.07 -9.24 0.09
C LEU A 20 4.50 -10.63 0.60
N ALA A 21 5.62 -10.70 1.31
CA ALA A 21 6.07 -11.96 1.88
C ALA A 21 5.19 -12.35 3.07
N ALA A 22 5.34 -13.60 3.53
CA ALA A 22 4.58 -14.12 4.66
C ALA A 22 5.11 -13.61 6.01
N ARG A 23 6.32 -13.02 6.05
CA ARG A 23 6.91 -12.57 7.29
C ARG A 23 7.61 -11.21 7.19
N ILE A 24 7.53 -10.54 6.03
CA ILE A 24 8.09 -9.20 5.86
C ILE A 24 7.58 -8.28 6.98
N ARG A 25 8.46 -7.44 7.52
CA ARG A 25 8.11 -6.52 8.58
C ARG A 25 7.53 -5.24 7.99
N PRO A 26 6.67 -4.52 8.73
CA PRO A 26 6.02 -3.31 8.26
C PRO A 26 7.03 -2.23 7.91
N ARG A 27 8.19 -2.23 8.57
CA ARG A 27 9.21 -1.22 8.34
C ARG A 27 9.83 -1.32 6.95
N ASP A 28 9.81 -2.51 6.35
CA ASP A 28 10.40 -2.70 5.03
C ASP A 28 9.61 -1.99 3.93
N LEU A 29 8.32 -1.72 4.16
CA LEU A 29 7.53 -0.97 3.20
C LEU A 29 7.68 0.54 3.41
N GLU A 30 7.96 0.96 4.65
CA GLU A 30 8.03 2.39 4.94
C GLU A 30 9.30 3.01 4.38
N GLU A 31 10.43 2.30 4.45
CA GLU A 31 11.66 2.79 3.86
C GLU A 31 11.56 2.77 2.34
N PHE A 32 10.69 1.90 1.82
CA PHE A 32 10.46 1.78 0.39
C PHE A 32 9.54 2.88 -0.12
N PHE A 33 8.48 3.20 0.63
CA PHE A 33 7.55 4.27 0.30
C PHE A 33 8.13 5.64 0.62
N SER A 34 9.32 5.70 1.24
CA SER A 34 9.98 6.97 1.50
C SER A 34 10.27 7.71 0.19
N THR A 35 10.20 7.01 -0.95
CA THR A 35 10.47 7.61 -2.25
C THR A 35 9.24 8.29 -2.84
N VAL A 36 8.06 8.07 -2.23
CA VAL A 36 6.81 8.67 -2.72
C VAL A 36 6.25 9.68 -1.72
N GLY A 37 6.81 9.74 -0.52
CA GLY A 37 6.35 10.66 0.51
C GLY A 37 6.60 10.13 1.91
N LYS A 38 5.80 10.62 2.87
CA LYS A 38 5.90 10.23 4.27
C LYS A 38 4.78 9.26 4.64
N VAL A 39 5.13 8.18 5.34
CA VAL A 39 4.17 7.15 5.75
C VAL A 39 3.98 7.16 7.26
N ARG A 40 2.74 6.97 7.72
CA ARG A 40 2.43 6.96 9.14
C ARG A 40 2.61 5.58 9.76
N ASP A 41 2.05 4.55 9.13
CA ASP A 41 2.04 3.20 9.67
C ASP A 41 1.75 2.15 8.61
N VAL A 42 1.96 0.87 8.95
CA VAL A 42 1.70 -0.26 8.07
C VAL A 42 1.10 -1.39 8.90
N ARG A 43 0.28 -2.26 8.28
CA ARG A 43 -0.39 -3.35 8.97
C ARG A 43 -0.35 -4.61 8.12
N MET A 44 0.47 -5.57 8.54
CA MET A 44 0.61 -6.86 7.85
C MET A 44 -0.59 -7.75 8.14
N ILE A 45 -0.82 -8.71 7.24
CA ILE A 45 -1.95 -9.63 7.30
C ILE A 45 -1.49 -11.02 6.88
N SER A 46 -2.23 -12.06 7.29
CA SER A 46 -1.89 -13.45 7.00
C SER A 46 -3.07 -14.22 6.41
N ASP A 47 -4.05 -13.50 5.87
CA ASP A 47 -5.20 -14.09 5.20
C ASP A 47 -4.81 -14.39 3.74
N ARG A 48 -5.18 -15.58 3.25
CA ARG A 48 -4.79 -16.01 1.92
C ARG A 48 -5.87 -15.79 0.86
N ASN A 49 -6.93 -16.59 0.87
CA ASN A 49 -8.00 -16.60 -0.12
C ASN A 49 -7.49 -16.54 -1.57
N SER A 50 -6.19 -16.78 -1.80
CA SER A 50 -5.59 -16.63 -3.12
C SER A 50 -4.16 -17.19 -3.13
N ARG A 51 -3.56 -17.27 -4.33
CA ARG A 51 -2.19 -17.72 -4.55
C ARG A 51 -1.21 -16.80 -3.80
N ARG A 52 -1.66 -15.57 -3.49
CA ARG A 52 -0.85 -14.57 -2.76
C ARG A 52 -0.38 -15.17 -1.44
N SER A 53 -1.22 -16.05 -0.91
CA SER A 53 -1.02 -16.86 0.27
C SER A 53 -0.38 -16.13 1.46
N LYS A 54 -1.23 -15.51 2.28
CA LYS A 54 -0.82 -14.94 3.57
C LYS A 54 0.24 -13.86 3.40
N GLY A 55 0.28 -13.24 2.22
CA GLY A 55 1.29 -12.25 1.85
C GLY A 55 0.66 -10.94 1.41
N ILE A 56 -0.02 -10.24 2.33
CA ILE A 56 -0.58 -8.93 2.04
C ILE A 56 -0.47 -7.99 3.25
N ALA A 57 -0.69 -6.70 3.04
CA ALA A 57 -0.63 -5.70 4.09
C ALA A 57 -1.41 -4.44 3.68
N TYR A 58 -1.48 -3.46 4.59
CA TYR A 58 -2.02 -2.14 4.30
C TYR A 58 -1.02 -1.08 4.75
N VAL A 59 -1.02 0.06 4.05
CA VAL A 59 -0.10 1.15 4.32
C VAL A 59 -0.89 2.45 4.43
N GLU A 60 -0.55 3.32 5.38
CA GLU A 60 -1.25 4.57 5.57
C GLU A 60 -0.28 5.74 5.53
N PHE A 61 -0.52 6.69 4.63
CA PHE A 61 0.33 7.85 4.47
C PHE A 61 -0.15 9.03 5.30
N VAL A 62 0.82 9.85 5.71
CA VAL A 62 0.59 11.02 6.53
C VAL A 62 -0.08 12.14 5.72
N ASP A 63 -0.14 11.97 4.40
CA ASP A 63 -0.69 12.96 3.48
C ASP A 63 -1.24 12.27 2.24
N VAL A 64 -2.24 12.88 1.59
CA VAL A 64 -2.86 12.33 0.40
C VAL A 64 -1.95 12.49 -0.80
N SER A 65 -1.04 13.47 -0.77
CA SER A 65 -0.16 13.72 -1.89
C SER A 65 0.83 12.58 -2.10
N SER A 66 0.93 11.66 -1.13
CA SER A 66 1.78 10.47 -1.24
C SER A 66 1.01 9.33 -1.90
N VAL A 67 -0.33 9.38 -1.87
CA VAL A 67 -1.19 8.31 -2.33
C VAL A 67 -0.97 8.00 -3.82
N PRO A 68 -1.02 8.97 -4.74
CA PRO A 68 -0.94 8.68 -6.17
C PRO A 68 0.45 8.23 -6.58
N LEU A 69 1.50 8.63 -5.86
CA LEU A 69 2.85 8.18 -6.18
C LEU A 69 3.07 6.75 -5.68
N ALA A 70 2.44 6.39 -4.56
CA ALA A 70 2.60 5.07 -3.97
C ALA A 70 2.03 3.99 -4.90
N ILE A 71 0.99 4.33 -5.67
CA ILE A 71 0.36 3.39 -6.59
C ILE A 71 1.12 3.33 -7.91
N GLY A 72 1.89 4.38 -8.24
CA GLY A 72 2.57 4.48 -9.51
C GLY A 72 3.82 3.60 -9.60
N LEU A 73 4.53 3.39 -8.47
CA LEU A 73 5.71 2.55 -8.45
C LEU A 73 5.36 1.08 -8.20
N THR A 74 4.09 0.71 -8.38
CA THR A 74 3.66 -0.66 -8.15
C THR A 74 4.44 -1.63 -9.02
N GLY A 75 4.64 -2.86 -8.53
CA GLY A 75 5.41 -3.89 -9.22
C GLY A 75 6.86 -3.98 -8.75
N GLN A 76 7.34 -3.01 -7.96
CA GLN A 76 8.67 -3.07 -7.36
C GLN A 76 8.80 -4.27 -6.44
N ARG A 77 10.04 -4.65 -6.14
CA ARG A 77 10.31 -5.78 -5.26
C ARG A 77 10.76 -5.31 -3.87
N VAL A 78 10.40 -6.09 -2.85
CA VAL A 78 10.81 -5.85 -1.47
C VAL A 78 11.04 -7.21 -0.82
N LEU A 79 12.14 -7.33 -0.07
CA LEU A 79 12.50 -8.56 0.65
C LEU A 79 12.49 -9.80 -0.26
N GLY A 80 12.71 -9.64 -1.57
CA GLY A 80 12.81 -10.78 -2.48
C GLY A 80 11.52 -11.08 -3.24
N VAL A 81 10.48 -10.26 -3.12
CA VAL A 81 9.20 -10.53 -3.79
C VAL A 81 8.59 -9.26 -4.37
N PRO A 82 7.99 -9.32 -5.56
CA PRO A 82 7.29 -8.19 -6.16
C PRO A 82 6.05 -7.83 -5.36
N ILE A 83 6.02 -6.62 -4.79
CA ILE A 83 4.85 -6.12 -4.07
C ILE A 83 3.99 -5.30 -5.01
N ILE A 84 2.68 -5.23 -4.72
CA ILE A 84 1.75 -4.40 -5.47
C ILE A 84 1.26 -3.27 -4.58
N VAL A 85 0.82 -2.18 -5.17
CA VAL A 85 0.18 -1.11 -4.42
C VAL A 85 -1.08 -0.69 -5.16
N GLN A 86 -2.20 -0.74 -4.44
CA GLN A 86 -3.49 -0.28 -4.94
C GLN A 86 -4.16 0.47 -3.81
N ALA A 87 -4.94 1.50 -4.12
CA ALA A 87 -5.69 2.15 -3.06
C ALA A 87 -6.74 1.14 -2.59
N SER A 88 -7.10 1.14 -1.31
CA SER A 88 -8.02 0.12 -0.82
C SER A 88 -9.30 0.10 -1.65
N GLN A 89 -9.83 1.27 -2.01
CA GLN A 89 -11.05 1.31 -2.81
C GLN A 89 -10.75 1.06 -4.29
N ALA A 90 -9.66 1.65 -4.80
CA ALA A 90 -9.30 1.50 -6.20
C ALA A 90 -8.70 0.13 -6.49
N GLU A 91 -8.65 -0.75 -5.47
CA GLU A 91 -8.14 -2.10 -5.68
C GLU A 91 -8.90 -2.75 -6.82
N LYS A 92 -10.24 -2.68 -6.78
CA LYS A 92 -11.02 -3.38 -7.80
C LYS A 92 -11.19 -2.55 -9.06
N ASN A 93 -10.95 -1.23 -8.98
CA ASN A 93 -11.03 -0.37 -10.16
C ASN A 93 -9.75 -0.52 -10.98
N ARG A 94 -8.65 -0.87 -10.31
CA ARG A 94 -7.36 -1.08 -10.97
C ARG A 94 -7.26 -2.51 -11.51
N ALA A 95 -8.12 -3.40 -11.01
CA ALA A 95 -8.16 -4.78 -11.48
C ALA A 95 -8.87 -4.90 -12.83
N ALA A 96 -9.51 -3.82 -13.28
CA ALA A 96 -10.22 -3.80 -14.56
C ALA A 96 -9.26 -3.71 -15.74
N ALA A 97 -7.99 -3.34 -15.48
CA ALA A 97 -6.97 -3.22 -16.51
C ALA A 97 -6.65 -4.58 -17.13
N MET A 1 -0.04 19.07 5.13
CA MET A 1 -0.99 18.04 4.67
C MET A 1 -2.16 18.70 3.93
N ILE A 2 -3.08 17.87 3.41
CA ILE A 2 -4.26 18.35 2.70
C ILE A 2 -5.13 19.22 3.61
N ASP A 3 -5.66 20.30 3.04
CA ASP A 3 -6.53 21.23 3.76
C ASP A 3 -8.02 20.92 3.52
N ASN A 4 -8.33 20.29 2.39
CA ASN A 4 -9.69 20.10 1.95
C ASN A 4 -9.97 18.64 1.62
N LEU A 5 -9.77 17.79 2.62
CA LEU A 5 -10.04 16.36 2.51
C LEU A 5 -11.54 16.10 2.51
N THR A 6 -11.93 14.89 2.09
CA THR A 6 -13.31 14.45 2.12
C THR A 6 -13.33 13.03 2.69
N PRO A 7 -14.47 12.53 3.17
CA PRO A 7 -14.57 11.19 3.71
C PRO A 7 -14.28 10.14 2.63
N GLU A 8 -14.12 10.55 1.37
CA GLU A 8 -13.81 9.61 0.30
C GLU A 8 -12.31 9.51 0.06
N GLU A 9 -11.56 10.61 0.22
CA GLU A 9 -10.11 10.56 0.08
C GLU A 9 -9.47 10.16 1.40
N ARG A 10 -10.21 10.28 2.51
CA ARG A 10 -9.76 9.83 3.82
C ARG A 10 -9.41 8.35 3.79
N ASP A 11 -10.19 7.55 3.06
CA ASP A 11 -9.95 6.13 2.91
C ASP A 11 -8.79 5.86 1.96
N ALA A 12 -8.50 6.82 1.07
CA ALA A 12 -7.43 6.68 0.09
C ALA A 12 -6.07 6.84 0.76
N ARG A 13 -6.02 7.43 1.97
CA ARG A 13 -4.78 7.52 2.73
C ARG A 13 -4.25 6.13 3.02
N THR A 14 -5.15 5.14 3.00
CA THR A 14 -4.79 3.75 3.20
C THR A 14 -4.76 3.04 1.85
N VAL A 15 -3.60 2.52 1.48
CA VAL A 15 -3.45 1.76 0.25
C VAL A 15 -3.25 0.28 0.59
N PHE A 16 -3.73 -0.59 -0.29
CA PHE A 16 -3.60 -2.03 -0.18
C PHE A 16 -2.44 -2.46 -1.06
N CYS A 17 -1.52 -3.25 -0.50
CA CYS A 17 -0.38 -3.73 -1.25
C CYS A 17 -0.33 -5.25 -1.19
N MET A 18 0.11 -5.87 -2.27
CA MET A 18 0.10 -7.32 -2.42
C MET A 18 1.39 -7.80 -3.06
N GLN A 19 1.49 -9.12 -3.30
CA GLN A 19 2.73 -9.73 -3.78
C GLN A 19 3.89 -9.51 -2.80
N LEU A 20 3.56 -9.31 -1.52
CA LEU A 20 4.52 -9.20 -0.44
C LEU A 20 4.96 -10.59 0.02
N ALA A 21 5.92 -10.64 0.94
CA ALA A 21 6.43 -11.91 1.45
C ALA A 21 5.67 -12.43 2.66
N ALA A 22 6.00 -13.65 3.08
CA ALA A 22 5.37 -14.31 4.21
C ALA A 22 5.84 -13.76 5.56
N ARG A 23 7.04 -13.14 5.63
CA ARG A 23 7.55 -12.63 6.89
C ARG A 23 8.21 -11.25 6.75
N ILE A 24 8.04 -10.58 5.61
CA ILE A 24 8.53 -9.22 5.44
C ILE A 24 8.00 -8.35 6.57
N ARG A 25 8.86 -7.51 7.14
CA ARG A 25 8.44 -6.62 8.24
C ARG A 25 7.77 -5.38 7.66
N PRO A 26 6.85 -4.75 8.40
CA PRO A 26 6.14 -3.58 7.96
C PRO A 26 7.10 -2.43 7.67
N ARG A 27 8.25 -2.41 8.35
CA ARG A 27 9.23 -1.34 8.19
C ARG A 27 9.87 -1.36 6.80
N ASP A 28 9.91 -2.52 6.15
CA ASP A 28 10.51 -2.62 4.82
C ASP A 28 9.69 -1.88 3.77
N LEU A 29 8.39 -1.69 3.99
CA LEU A 29 7.56 -0.91 3.07
C LEU A 29 7.65 0.59 3.40
N GLU A 30 7.92 0.94 4.66
CA GLU A 30 7.97 2.34 5.05
C GLU A 30 9.22 3.03 4.50
N GLU A 31 10.37 2.34 4.53
CA GLU A 31 11.59 2.89 3.97
C GLU A 31 11.50 2.93 2.45
N PHE A 32 10.66 2.06 1.89
CA PHE A 32 10.43 1.99 0.46
C PHE A 32 9.50 3.11 -0.01
N PHE A 33 8.44 3.40 0.76
CA PHE A 33 7.51 4.48 0.46
C PHE A 33 8.08 5.84 0.87
N SER A 34 9.25 5.88 1.50
CA SER A 34 9.90 7.15 1.85
C SER A 34 10.26 7.93 0.59
N THR A 35 10.18 7.29 -0.59
CA THR A 35 10.50 7.94 -1.86
C THR A 35 9.29 8.62 -2.46
N VAL A 36 8.09 8.37 -1.91
CA VAL A 36 6.85 8.97 -2.40
C VAL A 36 6.26 9.94 -1.38
N GLY A 37 6.89 10.09 -0.22
CA GLY A 37 6.40 10.95 0.83
C GLY A 37 6.78 10.41 2.20
N LYS A 38 5.83 10.42 3.13
CA LYS A 38 6.04 9.90 4.47
C LYS A 38 4.83 9.07 4.89
N VAL A 39 5.08 7.97 5.60
CA VAL A 39 4.07 6.97 5.93
C VAL A 39 3.79 6.95 7.44
N ARG A 40 2.54 6.64 7.82
CA ARG A 40 2.13 6.58 9.21
C ARG A 40 2.37 5.19 9.81
N ASP A 41 1.90 4.15 9.12
CA ASP A 41 1.98 2.77 9.62
C ASP A 41 1.75 1.76 8.50
N VAL A 42 2.03 0.48 8.77
CA VAL A 42 1.81 -0.63 7.85
C VAL A 42 1.29 -1.84 8.63
N ARG A 43 0.50 -2.70 7.97
CA ARG A 43 -0.10 -3.86 8.61
C ARG A 43 -0.04 -5.06 7.66
N MET A 44 0.79 -6.06 7.99
CA MET A 44 0.91 -7.27 7.21
C MET A 44 -0.28 -8.19 7.48
N ILE A 45 -0.50 -9.14 6.56
CA ILE A 45 -1.62 -10.07 6.64
C ILE A 45 -1.18 -11.48 6.28
N SER A 46 -1.84 -12.46 6.92
CA SER A 46 -1.60 -13.88 6.69
C SER A 46 -2.93 -14.64 6.83
N ASP A 47 -4.04 -13.95 6.58
CA ASP A 47 -5.38 -14.48 6.73
C ASP A 47 -5.83 -15.28 5.50
N ARG A 48 -6.66 -16.31 5.74
CA ARG A 48 -7.11 -17.30 4.76
C ARG A 48 -8.10 -16.77 3.72
N ASN A 49 -8.16 -15.46 3.52
CA ASN A 49 -9.10 -14.85 2.59
C ASN A 49 -8.77 -15.16 1.12
N SER A 50 -7.68 -15.89 0.85
CA SER A 50 -7.27 -16.23 -0.50
C SER A 50 -6.37 -17.47 -0.48
N ARG A 51 -6.09 -18.04 -1.67
CA ARG A 51 -5.28 -19.26 -1.80
C ARG A 51 -3.89 -19.04 -1.20
N ARG A 52 -3.42 -17.79 -1.22
CA ARG A 52 -2.08 -17.45 -0.76
C ARG A 52 -2.06 -17.44 0.76
N SER A 53 -3.09 -16.83 1.36
CA SER A 53 -3.21 -16.65 2.80
C SER A 53 -1.94 -16.06 3.40
N LYS A 54 -1.21 -15.29 2.59
CA LYS A 54 0.10 -14.75 2.90
C LYS A 54 0.48 -13.74 1.83
N GLY A 55 1.45 -12.88 2.11
CA GLY A 55 2.03 -12.03 1.08
C GLY A 55 1.19 -10.84 0.68
N ILE A 56 0.43 -10.25 1.62
CA ILE A 56 -0.27 -9.00 1.38
C ILE A 56 -0.26 -8.13 2.64
N ALA A 57 -0.51 -6.84 2.49
CA ALA A 57 -0.43 -5.90 3.59
C ALA A 57 -1.23 -4.64 3.26
N TYR A 58 -1.39 -3.75 4.26
CA TYR A 58 -1.99 -2.43 4.07
C TYR A 58 -1.00 -1.39 4.57
N VAL A 59 -1.01 -0.22 3.91
CA VAL A 59 -0.12 0.88 4.21
C VAL A 59 -0.96 2.14 4.39
N GLU A 60 -0.61 2.99 5.36
CA GLU A 60 -1.36 4.21 5.60
C GLU A 60 -0.41 5.40 5.66
N PHE A 61 -0.69 6.42 4.85
CA PHE A 61 0.14 7.61 4.79
C PHE A 61 -0.42 8.72 5.70
N VAL A 62 0.46 9.57 6.22
CA VAL A 62 0.05 10.69 7.07
C VAL A 62 -0.66 11.77 6.26
N ASP A 63 -0.59 11.69 4.93
CA ASP A 63 -1.21 12.67 4.04
C ASP A 63 -1.59 12.02 2.71
N VAL A 64 -2.58 12.58 2.02
CA VAL A 64 -3.05 12.06 0.74
C VAL A 64 -2.06 12.40 -0.37
N SER A 65 -1.18 13.39 -0.17
CA SER A 65 -0.23 13.78 -1.20
C SER A 65 0.77 12.66 -1.50
N SER A 66 0.89 11.68 -0.61
CA SER A 66 1.76 10.53 -0.80
C SER A 66 1.06 9.42 -1.57
N VAL A 67 -0.28 9.43 -1.57
CA VAL A 67 -1.09 8.35 -2.14
C VAL A 67 -0.86 8.19 -3.64
N PRO A 68 -0.95 9.23 -4.47
CA PRO A 68 -0.85 9.07 -5.91
C PRO A 68 0.56 8.67 -6.34
N LEU A 69 1.57 9.02 -5.55
CA LEU A 69 2.94 8.60 -5.86
C LEU A 69 3.17 7.16 -5.42
N ALA A 70 2.52 6.72 -4.33
CA ALA A 70 2.69 5.38 -3.82
C ALA A 70 2.15 4.34 -4.80
N ILE A 71 1.08 4.70 -5.52
CA ILE A 71 0.48 3.82 -6.51
C ILE A 71 1.22 3.92 -7.85
N GLY A 72 1.94 5.04 -8.07
CA GLY A 72 2.60 5.29 -9.34
C GLY A 72 3.86 4.46 -9.55
N LEU A 73 4.59 4.13 -8.48
CA LEU A 73 5.78 3.31 -8.59
C LEU A 73 5.47 1.81 -8.60
N THR A 74 4.18 1.45 -8.53
CA THR A 74 3.76 0.06 -8.36
C THR A 74 4.55 -0.90 -9.27
N GLY A 75 4.87 -2.08 -8.73
CA GLY A 75 5.64 -3.09 -9.45
C GLY A 75 7.12 -3.14 -9.04
N GLN A 76 7.57 -2.31 -8.10
CA GLN A 76 8.95 -2.39 -7.62
C GLN A 76 9.16 -3.67 -6.81
N ARG A 77 10.43 -4.02 -6.58
CA ARG A 77 10.77 -5.22 -5.84
C ARG A 77 11.18 -4.89 -4.41
N VAL A 78 10.78 -5.74 -3.47
CA VAL A 78 11.15 -5.64 -2.07
C VAL A 78 11.34 -7.04 -1.50
N LEU A 79 12.44 -7.25 -0.78
CA LEU A 79 12.73 -8.51 -0.10
C LEU A 79 12.60 -9.73 -1.02
N GLY A 80 13.04 -9.63 -2.27
CA GLY A 80 13.04 -10.77 -3.18
C GLY A 80 11.75 -10.95 -3.98
N VAL A 81 10.79 -10.04 -3.85
CA VAL A 81 9.50 -10.20 -4.53
C VAL A 81 8.98 -8.88 -5.09
N PRO A 82 8.41 -8.87 -6.30
CA PRO A 82 7.74 -7.69 -6.86
C PRO A 82 6.48 -7.37 -6.07
N ILE A 83 6.47 -6.22 -5.37
CA ILE A 83 5.31 -5.77 -4.62
C ILE A 83 4.40 -4.92 -5.50
N ILE A 84 3.11 -4.88 -5.17
CA ILE A 84 2.15 -4.03 -5.86
C ILE A 84 1.60 -3.00 -4.88
N VAL A 85 1.13 -1.87 -5.41
CA VAL A 85 0.46 -0.87 -4.61
C VAL A 85 -0.80 -0.44 -5.35
N GLN A 86 -1.93 -0.53 -4.65
CA GLN A 86 -3.21 -0.07 -5.14
C GLN A 86 -3.95 0.57 -3.97
N ALA A 87 -4.78 1.59 -4.23
CA ALA A 87 -5.56 2.15 -3.14
C ALA A 87 -6.58 1.07 -2.75
N SER A 88 -6.96 0.99 -1.48
CA SER A 88 -7.85 -0.07 -1.05
C SER A 88 -9.13 -0.08 -1.90
N GLN A 89 -9.70 1.10 -2.18
CA GLN A 89 -10.92 1.16 -2.96
C GLN A 89 -10.62 1.04 -4.45
N ALA A 90 -9.60 1.74 -4.94
CA ALA A 90 -9.24 1.72 -6.35
C ALA A 90 -8.56 0.40 -6.73
N GLU A 91 -8.45 -0.53 -5.79
CA GLU A 91 -7.84 -1.82 -6.09
C GLU A 91 -8.54 -2.48 -7.25
N LYS A 92 -9.88 -2.54 -7.21
CA LYS A 92 -10.60 -3.22 -8.27
C LYS A 92 -10.85 -2.33 -9.47
N ASN A 93 -10.69 -1.02 -9.32
CA ASN A 93 -10.81 -0.08 -10.44
C ASN A 93 -9.51 -0.06 -11.26
N ARG A 94 -8.39 -0.35 -10.59
CA ARG A 94 -7.07 -0.38 -11.22
C ARG A 94 -6.83 -1.75 -11.86
N ALA A 95 -7.61 -2.75 -11.50
CA ALA A 95 -7.49 -4.10 -12.04
C ALA A 95 -7.87 -4.15 -13.52
N ALA A 96 -8.44 -3.06 -14.04
CA ALA A 96 -8.80 -2.97 -15.46
C ALA A 96 -7.56 -2.78 -16.35
N ALA A 97 -6.43 -2.41 -15.74
CA ALA A 97 -5.18 -2.19 -16.46
C ALA A 97 -4.63 -3.49 -17.01
N MET A 1 0.36 19.46 2.85
CA MET A 1 -0.76 18.54 3.10
C MET A 1 -2.02 19.01 2.37
N ILE A 2 -3.00 18.12 2.23
CA ILE A 2 -4.27 18.45 1.57
C ILE A 2 -5.11 19.36 2.47
N ASP A 3 -5.49 20.52 1.91
CA ASP A 3 -6.23 21.56 2.62
C ASP A 3 -7.75 21.42 2.45
N ASN A 4 -8.17 20.51 1.57
CA ASN A 4 -9.55 20.40 1.15
C ASN A 4 -9.96 18.94 1.06
N LEU A 5 -9.63 18.20 2.12
CA LEU A 5 -9.89 16.79 2.23
C LEU A 5 -11.39 16.54 2.38
N THR A 6 -11.81 15.31 2.13
CA THR A 6 -13.20 14.88 2.31
C THR A 6 -13.20 13.50 2.95
N PRO A 7 -14.31 13.07 3.54
CA PRO A 7 -14.40 11.75 4.15
C PRO A 7 -14.26 10.63 3.12
N GLU A 8 -14.18 10.97 1.82
CA GLU A 8 -14.04 9.95 0.79
C GLU A 8 -12.57 9.70 0.46
N GLU A 9 -11.74 10.74 0.51
CA GLU A 9 -10.31 10.60 0.26
C GLU A 9 -9.57 10.24 1.54
N ARG A 10 -10.24 10.42 2.69
CA ARG A 10 -9.70 10.07 3.98
C ARG A 10 -9.33 8.59 4.03
N ASP A 11 -10.14 7.76 3.36
CA ASP A 11 -9.91 6.34 3.26
C ASP A 11 -8.80 6.02 2.26
N ALA A 12 -8.56 6.92 1.30
CA ALA A 12 -7.53 6.73 0.29
C ALA A 12 -6.14 6.95 0.89
N ARG A 13 -6.07 7.57 2.08
CA ARG A 13 -4.80 7.70 2.80
C ARG A 13 -4.26 6.31 3.13
N THR A 14 -5.16 5.32 3.15
CA THR A 14 -4.78 3.94 3.38
C THR A 14 -4.81 3.19 2.05
N VAL A 15 -3.66 2.66 1.65
CA VAL A 15 -3.57 1.84 0.45
C VAL A 15 -3.41 0.37 0.84
N PHE A 16 -3.92 -0.51 -0.02
CA PHE A 16 -3.81 -1.94 0.14
C PHE A 16 -2.69 -2.44 -0.76
N CYS A 17 -1.79 -3.25 -0.20
CA CYS A 17 -0.70 -3.82 -0.99
C CYS A 17 -0.70 -5.34 -0.85
N MET A 18 -0.31 -6.02 -1.92
CA MET A 18 -0.39 -7.48 -1.97
C MET A 18 0.84 -8.06 -2.63
N GLN A 19 0.93 -9.41 -2.64
CA GLN A 19 2.11 -10.14 -3.06
C GLN A 19 3.31 -9.88 -2.15
N LEU A 20 3.07 -9.35 -0.95
CA LEU A 20 4.12 -9.16 0.05
C LEU A 20 4.65 -10.53 0.49
N ALA A 21 5.83 -10.56 1.11
CA ALA A 21 6.41 -11.80 1.58
C ALA A 21 5.59 -12.37 2.75
N ALA A 22 5.78 -13.65 3.04
CA ALA A 22 5.10 -14.32 4.12
C ALA A 22 5.68 -13.94 5.49
N ARG A 23 6.85 -13.28 5.51
CA ARG A 23 7.55 -12.98 6.75
C ARG A 23 8.08 -11.54 6.83
N ILE A 24 7.92 -10.74 5.76
CA ILE A 24 8.32 -9.33 5.79
C ILE A 24 7.72 -8.60 6.99
N ARG A 25 8.45 -7.59 7.46
CA ARG A 25 8.07 -6.74 8.58
C ARG A 25 7.52 -5.41 8.06
N PRO A 26 6.63 -4.75 8.82
CA PRO A 26 5.94 -3.54 8.39
C PRO A 26 6.90 -2.40 8.12
N ARG A 27 8.05 -2.37 8.80
CA ARG A 27 9.03 -1.30 8.65
C ARG A 27 9.70 -1.34 7.27
N ASP A 28 9.76 -2.51 6.63
CA ASP A 28 10.43 -2.64 5.35
C ASP A 28 9.62 -2.01 4.21
N LEU A 29 8.31 -1.83 4.37
CA LEU A 29 7.52 -1.13 3.37
C LEU A 29 7.59 0.39 3.59
N GLU A 30 7.85 0.82 4.82
CA GLU A 30 7.87 2.25 5.12
C GLU A 30 9.13 2.90 4.54
N GLU A 31 10.26 2.21 4.59
CA GLU A 31 11.49 2.70 3.97
C GLU A 31 11.38 2.60 2.45
N PHE A 32 10.53 1.71 1.95
CA PHE A 32 10.30 1.55 0.52
C PHE A 32 9.37 2.66 0.01
N PHE A 33 8.32 2.99 0.75
CA PHE A 33 7.40 4.06 0.41
C PHE A 33 7.98 5.44 0.75
N SER A 34 9.17 5.49 1.36
CA SER A 34 9.84 6.76 1.61
C SER A 34 10.17 7.48 0.31
N THR A 35 10.09 6.77 -0.83
CA THR A 35 10.40 7.34 -2.13
C THR A 35 9.18 8.06 -2.74
N VAL A 36 7.99 7.85 -2.14
CA VAL A 36 6.76 8.46 -2.65
C VAL A 36 6.22 9.52 -1.69
N GLY A 37 6.87 9.70 -0.54
CA GLY A 37 6.43 10.65 0.47
C GLY A 37 6.80 10.18 1.86
N LYS A 38 5.88 10.34 2.81
CA LYS A 38 6.06 9.92 4.19
C LYS A 38 4.87 9.10 4.66
N VAL A 39 5.14 8.01 5.37
CA VAL A 39 4.14 7.04 5.79
C VAL A 39 3.96 7.07 7.31
N ARG A 40 2.74 6.79 7.77
CA ARG A 40 2.42 6.83 9.19
C ARG A 40 2.63 5.46 9.85
N ASP A 41 2.01 4.42 9.30
CA ASP A 41 2.02 3.06 9.84
C ASP A 41 1.72 2.03 8.76
N VAL A 42 1.94 0.75 9.07
CA VAL A 42 1.62 -0.36 8.19
C VAL A 42 0.95 -1.47 9.01
N ARG A 43 -0.07 -2.10 8.43
CA ARG A 43 -0.82 -3.19 9.05
C ARG A 43 -0.65 -4.44 8.18
N MET A 44 0.23 -5.34 8.60
CA MET A 44 0.48 -6.56 7.85
C MET A 44 -0.54 -7.63 8.18
N ILE A 45 -0.66 -8.60 7.26
CA ILE A 45 -1.68 -9.62 7.34
C ILE A 45 -1.08 -10.98 6.94
N SER A 46 -1.59 -12.06 7.54
CA SER A 46 -1.11 -13.41 7.27
C SER A 46 -2.24 -14.34 6.82
N ASP A 47 -3.33 -13.78 6.31
CA ASP A 47 -4.40 -14.58 5.71
C ASP A 47 -4.16 -14.66 4.20
N ARG A 48 -4.47 -15.80 3.57
CA ARG A 48 -4.14 -16.01 2.16
C ARG A 48 -5.31 -15.73 1.23
N ASN A 49 -6.36 -16.57 1.29
CA ASN A 49 -7.50 -16.57 0.38
C ASN A 49 -7.14 -16.68 -1.11
N SER A 50 -5.85 -16.58 -1.48
CA SER A 50 -5.39 -16.70 -2.85
C SER A 50 -3.86 -16.87 -2.88
N ARG A 51 -3.26 -16.86 -4.07
CA ARG A 51 -1.84 -17.14 -4.31
C ARG A 51 -0.88 -16.19 -3.59
N ARG A 52 -1.37 -15.12 -2.95
CA ARG A 52 -0.53 -14.21 -2.19
C ARG A 52 0.05 -14.94 -0.98
N SER A 53 -0.65 -16.01 -0.57
CA SER A 53 -0.21 -16.94 0.45
C SER A 53 0.30 -16.26 1.73
N LYS A 54 -0.62 -15.67 2.50
CA LYS A 54 -0.31 -15.12 3.82
C LYS A 54 0.70 -13.98 3.72
N GLY A 55 0.69 -13.28 2.57
CA GLY A 55 1.62 -12.21 2.29
C GLY A 55 0.93 -11.02 1.65
N ILE A 56 0.18 -10.25 2.46
CA ILE A 56 -0.40 -8.98 2.06
C ILE A 56 -0.34 -8.00 3.22
N ALA A 57 -0.62 -6.72 2.95
CA ALA A 57 -0.53 -5.69 3.98
C ALA A 57 -1.33 -4.45 3.59
N TYR A 58 -1.52 -3.52 4.53
CA TYR A 58 -2.13 -2.23 4.28
C TYR A 58 -1.17 -1.15 4.79
N VAL A 59 -1.09 -0.03 4.08
CA VAL A 59 -0.17 1.06 4.38
C VAL A 59 -0.95 2.36 4.51
N GLU A 60 -0.67 3.15 5.55
CA GLU A 60 -1.35 4.42 5.74
C GLU A 60 -0.35 5.58 5.70
N PHE A 61 -0.58 6.53 4.79
CA PHE A 61 0.26 7.70 4.67
C PHE A 61 -0.28 8.84 5.52
N VAL A 62 0.61 9.67 6.07
CA VAL A 62 0.21 10.82 6.89
C VAL A 62 -0.47 11.89 6.05
N ASP A 63 -0.34 11.81 4.71
CA ASP A 63 -0.89 12.80 3.80
C ASP A 63 -1.33 12.13 2.50
N VAL A 64 -2.34 12.70 1.84
CA VAL A 64 -2.90 12.15 0.61
C VAL A 64 -1.97 12.38 -0.56
N SER A 65 -1.03 13.32 -0.46
CA SER A 65 -0.12 13.61 -1.56
C SER A 65 0.84 12.44 -1.80
N SER A 66 0.96 11.51 -0.84
CA SER A 66 1.80 10.33 -0.99
C SER A 66 1.02 9.20 -1.67
N VAL A 67 -0.31 9.25 -1.61
CA VAL A 67 -1.17 8.20 -2.13
C VAL A 67 -0.98 7.97 -3.62
N PRO A 68 -1.03 9.00 -4.48
CA PRO A 68 -0.97 8.79 -5.92
C PRO A 68 0.41 8.32 -6.38
N LEU A 69 1.47 8.61 -5.63
CA LEU A 69 2.79 8.12 -5.97
C LEU A 69 2.99 6.68 -5.49
N ALA A 70 2.35 6.31 -4.38
CA ALA A 70 2.49 4.97 -3.82
C ALA A 70 1.91 3.92 -4.76
N ILE A 71 0.87 4.29 -5.53
CA ILE A 71 0.23 3.38 -6.47
C ILE A 71 1.00 3.34 -7.79
N GLY A 72 1.78 4.39 -8.08
CA GLY A 72 2.50 4.50 -9.34
C GLY A 72 3.74 3.63 -9.42
N LEU A 73 4.40 3.37 -8.29
CA LEU A 73 5.58 2.50 -8.26
C LEU A 73 5.21 1.03 -8.14
N THR A 74 3.93 0.69 -8.31
CA THR A 74 3.49 -0.68 -8.21
C THR A 74 4.27 -1.57 -9.19
N GLY A 75 4.55 -2.82 -8.80
CA GLY A 75 5.34 -3.74 -9.59
C GLY A 75 6.79 -3.86 -9.10
N GLN A 76 7.20 -3.01 -8.17
CA GLN A 76 8.49 -3.12 -7.50
C GLN A 76 8.58 -4.44 -6.72
N ARG A 77 9.76 -4.73 -6.16
CA ARG A 77 9.99 -5.94 -5.38
C ARG A 77 10.76 -5.63 -4.11
N VAL A 78 10.48 -6.40 -3.06
CA VAL A 78 11.10 -6.27 -1.75
C VAL A 78 11.26 -7.67 -1.17
N LEU A 79 12.41 -7.95 -0.54
CA LEU A 79 12.66 -9.25 0.09
C LEU A 79 12.31 -10.42 -0.83
N GLY A 80 12.80 -10.39 -2.08
CA GLY A 80 12.69 -11.54 -2.96
C GLY A 80 11.33 -11.69 -3.64
N VAL A 81 10.40 -10.75 -3.46
CA VAL A 81 9.06 -10.89 -4.02
C VAL A 81 8.53 -9.57 -4.57
N PRO A 82 7.85 -9.57 -5.72
CA PRO A 82 7.17 -8.40 -6.25
C PRO A 82 6.01 -7.99 -5.35
N ILE A 83 5.90 -6.69 -5.07
CA ILE A 83 4.81 -6.15 -4.27
C ILE A 83 3.91 -5.29 -5.15
N ILE A 84 2.62 -5.25 -4.86
CA ILE A 84 1.66 -4.45 -5.60
C ILE A 84 1.10 -3.37 -4.69
N VAL A 85 0.62 -2.27 -5.26
CA VAL A 85 -0.03 -1.23 -4.49
C VAL A 85 -1.31 -0.80 -5.20
N GLN A 86 -2.41 -0.77 -4.45
CA GLN A 86 -3.70 -0.26 -4.90
C GLN A 86 -4.33 0.48 -3.74
N ALA A 87 -4.96 1.63 -3.97
CA ALA A 87 -5.67 2.27 -2.88
C ALA A 87 -6.79 1.34 -2.48
N SER A 88 -7.15 1.26 -1.20
CA SER A 88 -8.15 0.29 -0.78
C SER A 88 -9.44 0.46 -1.57
N GLN A 89 -9.84 1.71 -1.84
CA GLN A 89 -11.04 1.95 -2.62
C GLN A 89 -10.78 1.73 -4.11
N ALA A 90 -9.65 2.22 -4.62
CA ALA A 90 -9.30 2.11 -6.03
C ALA A 90 -8.86 0.68 -6.36
N GLU A 91 -8.90 -0.23 -5.39
CA GLU A 91 -8.53 -1.62 -5.64
C GLU A 91 -9.32 -2.13 -6.83
N LYS A 92 -10.65 -1.99 -6.79
CA LYS A 92 -11.48 -2.55 -7.84
C LYS A 92 -11.63 -1.61 -9.03
N ASN A 93 -11.29 -0.33 -8.85
CA ASN A 93 -11.34 0.62 -9.95
C ASN A 93 -10.10 0.49 -10.84
N ARG A 94 -8.98 0.05 -10.26
CA ARG A 94 -7.74 -0.13 -11.00
C ARG A 94 -7.70 -1.51 -11.65
N ALA A 95 -8.56 -2.44 -11.19
CA ALA A 95 -8.60 -3.79 -11.72
C ALA A 95 -9.10 -3.82 -13.17
N ALA A 96 -9.68 -2.72 -13.65
CA ALA A 96 -10.18 -2.63 -15.01
C ALA A 96 -9.07 -2.31 -16.01
N ALA A 97 -7.92 -1.84 -15.53
CA ALA A 97 -6.78 -1.46 -16.38
C ALA A 97 -5.90 -2.68 -16.68
N MET A 1 0.21 18.08 0.36
CA MET A 1 -0.71 18.43 1.46
C MET A 1 -2.09 18.74 0.91
N ILE A 2 -3.10 18.78 1.80
CA ILE A 2 -4.47 19.08 1.41
C ILE A 2 -5.18 19.87 2.51
N ASP A 3 -5.93 20.90 2.10
CA ASP A 3 -6.64 21.77 3.02
C ASP A 3 -8.12 21.40 3.12
N ASN A 4 -8.64 20.74 2.09
CA ASN A 4 -10.06 20.49 1.93
C ASN A 4 -10.32 19.01 1.67
N LEU A 5 -9.81 18.16 2.58
CA LEU A 5 -10.02 16.74 2.53
C LEU A 5 -11.47 16.42 2.86
N THR A 6 -11.93 15.23 2.48
CA THR A 6 -13.28 14.78 2.80
C THR A 6 -13.18 13.37 3.37
N PRO A 7 -14.22 12.88 4.06
CA PRO A 7 -14.22 11.53 4.60
C PRO A 7 -14.16 10.48 3.49
N GLU A 8 -14.21 10.90 2.22
CA GLU A 8 -14.12 9.97 1.11
C GLU A 8 -12.67 9.83 0.63
N GLU A 9 -11.88 10.92 0.67
CA GLU A 9 -10.49 10.84 0.30
C GLU A 9 -9.64 10.46 1.51
N ARG A 10 -10.20 10.60 2.71
CA ARG A 10 -9.57 10.16 3.95
C ARG A 10 -9.22 8.68 3.89
N ASP A 11 -10.06 7.90 3.23
CA ASP A 11 -9.85 6.47 3.06
C ASP A 11 -8.76 6.18 2.05
N ALA A 12 -8.50 7.11 1.14
CA ALA A 12 -7.49 6.95 0.11
C ALA A 12 -6.09 7.07 0.70
N ARG A 13 -5.97 7.68 1.89
CA ARG A 13 -4.69 7.77 2.59
C ARG A 13 -4.21 6.37 2.95
N THR A 14 -5.12 5.39 2.97
CA THR A 14 -4.78 4.01 3.21
C THR A 14 -4.79 3.24 1.90
N VAL A 15 -3.63 2.67 1.55
CA VAL A 15 -3.53 1.79 0.40
C VAL A 15 -3.39 0.33 0.85
N PHE A 16 -3.98 -0.55 0.05
CA PHE A 16 -3.90 -1.99 0.24
C PHE A 16 -2.84 -2.54 -0.72
N CYS A 17 -1.88 -3.28 -0.18
CA CYS A 17 -0.82 -3.85 -0.98
C CYS A 17 -0.84 -5.37 -0.89
N MET A 18 -0.42 -6.04 -1.96
CA MET A 18 -0.49 -7.48 -2.07
C MET A 18 0.77 -8.06 -2.70
N GLN A 19 0.86 -9.39 -2.76
CA GLN A 19 2.05 -10.13 -3.18
C GLN A 19 3.23 -9.96 -2.21
N LEU A 20 2.98 -9.39 -1.02
CA LEU A 20 3.99 -9.26 0.03
C LEU A 20 4.48 -10.65 0.44
N ALA A 21 5.59 -10.73 1.16
CA ALA A 21 6.06 -12.03 1.63
C ALA A 21 5.17 -12.54 2.75
N ALA A 22 5.26 -13.83 3.05
CA ALA A 22 4.46 -14.43 4.11
C ALA A 22 4.92 -13.97 5.49
N ARG A 23 6.09 -13.33 5.60
CA ARG A 23 6.63 -12.88 6.88
C ARG A 23 7.27 -11.49 6.83
N ILE A 24 7.15 -10.76 5.72
CA ILE A 24 7.79 -9.46 5.62
C ILE A 24 7.31 -8.53 6.74
N ARG A 25 8.25 -7.75 7.28
CA ARG A 25 7.98 -6.85 8.40
C ARG A 25 7.42 -5.53 7.88
N PRO A 26 6.64 -4.83 8.69
CA PRO A 26 6.01 -3.57 8.32
C PRO A 26 7.04 -2.50 7.99
N ARG A 27 8.23 -2.56 8.60
CA ARG A 27 9.25 -1.54 8.39
C ARG A 27 9.83 -1.60 6.98
N ASP A 28 9.79 -2.77 6.33
CA ASP A 28 10.35 -2.92 5.00
C ASP A 28 9.53 -2.17 3.95
N LEU A 29 8.25 -1.92 4.20
CA LEU A 29 7.43 -1.14 3.27
C LEU A 29 7.55 0.35 3.54
N GLU A 30 7.90 0.75 4.76
CA GLU A 30 8.00 2.17 5.08
C GLU A 30 9.26 2.78 4.45
N GLU A 31 10.37 2.05 4.48
CA GLU A 31 11.60 2.51 3.85
C GLU A 31 11.48 2.47 2.33
N PHE A 32 10.58 1.60 1.84
CA PHE A 32 10.32 1.47 0.42
C PHE A 32 9.43 2.62 -0.08
N PHE A 33 8.36 2.94 0.66
CA PHE A 33 7.47 4.05 0.33
C PHE A 33 8.10 5.40 0.64
N SER A 34 9.30 5.42 1.24
CA SER A 34 10.00 6.67 1.49
C SER A 34 10.39 7.36 0.19
N THR A 35 10.23 6.67 -0.95
CA THR A 35 10.56 7.24 -2.26
C THR A 35 9.36 7.96 -2.86
N VAL A 36 8.17 7.79 -2.27
CA VAL A 36 6.94 8.43 -2.75
C VAL A 36 6.43 9.46 -1.75
N GLY A 37 7.19 9.70 -0.67
CA GLY A 37 6.79 10.64 0.37
C GLY A 37 7.18 10.09 1.74
N LYS A 38 6.25 10.19 2.70
CA LYS A 38 6.44 9.69 4.05
C LYS A 38 5.18 8.96 4.51
N VAL A 39 5.36 7.92 5.31
CA VAL A 39 4.28 7.01 5.69
C VAL A 39 3.94 7.13 7.18
N ARG A 40 2.66 6.91 7.52
CA ARG A 40 2.15 7.06 8.87
C ARG A 40 2.04 5.74 9.61
N ASP A 41 1.57 4.68 8.94
CA ASP A 41 1.30 3.41 9.59
C ASP A 41 1.25 2.26 8.57
N VAL A 42 1.25 1.03 9.07
CA VAL A 42 1.20 -0.20 8.28
C VAL A 42 0.54 -1.30 9.10
N ARG A 43 -0.10 -2.26 8.41
CA ARG A 43 -0.80 -3.38 9.03
C ARG A 43 -0.63 -4.62 8.16
N MET A 44 0.23 -5.54 8.62
CA MET A 44 0.42 -6.82 7.96
C MET A 44 -0.75 -7.75 8.24
N ILE A 45 -0.92 -8.75 7.38
CA ILE A 45 -2.02 -9.70 7.47
C ILE A 45 -1.49 -11.09 7.16
N SER A 46 -2.20 -12.14 7.62
CA SER A 46 -1.76 -13.51 7.43
C SER A 46 -2.88 -14.43 6.96
N ASP A 47 -3.94 -13.85 6.37
CA ASP A 47 -4.99 -14.62 5.73
C ASP A 47 -4.58 -14.90 4.29
N ARG A 48 -4.81 -16.13 3.84
CA ARG A 48 -4.33 -16.57 2.54
C ARG A 48 -5.40 -16.48 1.46
N ASN A 49 -6.37 -17.39 1.48
CA ASN A 49 -7.44 -17.53 0.50
C ASN A 49 -7.00 -17.60 -0.97
N SER A 50 -5.72 -17.42 -1.29
CA SER A 50 -5.24 -17.41 -2.66
C SER A 50 -3.72 -17.59 -2.73
N ARG A 51 -3.16 -17.63 -3.94
CA ARG A 51 -1.76 -17.95 -4.23
C ARG A 51 -0.77 -16.99 -3.56
N ARG A 52 -1.19 -15.79 -3.14
CA ARG A 52 -0.25 -14.84 -2.53
C ARG A 52 0.20 -15.35 -1.16
N SER A 53 -0.59 -16.27 -0.60
CA SER A 53 -0.27 -17.03 0.61
C SER A 53 0.22 -16.14 1.74
N LYS A 54 -0.73 -15.50 2.44
CA LYS A 54 -0.45 -14.64 3.59
C LYS A 54 0.42 -13.46 3.19
N GLY A 55 0.49 -13.20 1.87
CA GLY A 55 1.35 -12.20 1.28
C GLY A 55 0.62 -10.90 0.97
N ILE A 56 0.07 -10.24 1.99
CA ILE A 56 -0.56 -8.93 1.80
C ILE A 56 -0.38 -8.06 3.04
N ALA A 57 -0.68 -6.77 2.88
CA ALA A 57 -0.60 -5.79 3.96
C ALA A 57 -1.38 -4.52 3.59
N TYR A 58 -1.51 -3.60 4.53
CA TYR A 58 -2.06 -2.27 4.30
C TYR A 58 -1.03 -1.24 4.75
N VAL A 59 -1.06 -0.06 4.13
CA VAL A 59 -0.17 1.04 4.47
C VAL A 59 -0.96 2.35 4.47
N GLU A 60 -0.66 3.25 5.40
CA GLU A 60 -1.34 4.52 5.50
C GLU A 60 -0.32 5.65 5.48
N PHE A 61 -0.58 6.70 4.68
CA PHE A 61 0.33 7.82 4.56
C PHE A 61 -0.13 9.02 5.39
N VAL A 62 0.82 9.84 5.84
CA VAL A 62 0.51 11.06 6.60
C VAL A 62 -0.13 12.12 5.71
N ASP A 63 -0.10 11.93 4.39
CA ASP A 63 -0.61 12.89 3.44
C ASP A 63 -1.17 12.18 2.20
N VAL A 64 -2.15 12.79 1.55
CA VAL A 64 -2.78 12.23 0.35
C VAL A 64 -1.88 12.39 -0.87
N SER A 65 -0.97 13.36 -0.83
CA SER A 65 -0.08 13.62 -1.95
C SER A 65 0.88 12.45 -2.18
N SER A 66 1.02 11.55 -1.21
CA SER A 66 1.84 10.34 -1.33
C SER A 66 1.05 9.20 -1.95
N VAL A 67 -0.28 9.26 -1.86
CA VAL A 67 -1.16 8.19 -2.32
C VAL A 67 -0.96 7.87 -3.80
N PRO A 68 -1.00 8.86 -4.71
CA PRO A 68 -0.89 8.58 -6.14
C PRO A 68 0.50 8.11 -6.55
N LEU A 69 1.54 8.51 -5.81
CA LEU A 69 2.88 8.03 -6.12
C LEU A 69 3.08 6.61 -5.60
N ALA A 70 2.46 6.27 -4.46
CA ALA A 70 2.57 4.94 -3.90
C ALA A 70 1.94 3.91 -4.83
N ILE A 71 0.92 4.31 -5.58
CA ILE A 71 0.21 3.46 -6.51
C ILE A 71 0.90 3.46 -7.88
N GLY A 72 1.67 4.50 -8.17
CA GLY A 72 2.31 4.66 -9.48
C GLY A 72 3.54 3.78 -9.65
N LEU A 73 4.29 3.50 -8.59
CA LEU A 73 5.47 2.63 -8.69
C LEU A 73 5.10 1.15 -8.63
N THR A 74 3.81 0.83 -8.49
CA THR A 74 3.36 -0.53 -8.26
C THR A 74 4.10 -1.55 -9.14
N GLY A 75 4.41 -2.71 -8.54
CA GLY A 75 5.15 -3.77 -9.21
C GLY A 75 6.63 -3.84 -8.81
N GLN A 76 7.10 -2.97 -7.90
CA GLN A 76 8.48 -3.04 -7.42
C GLN A 76 8.71 -4.29 -6.58
N ARG A 77 9.99 -4.57 -6.29
CA ARG A 77 10.37 -5.71 -5.45
C ARG A 77 10.93 -5.24 -4.12
N VAL A 78 10.80 -6.08 -3.09
CA VAL A 78 11.33 -5.84 -1.76
C VAL A 78 11.87 -7.15 -1.22
N LEU A 79 13.12 -7.12 -0.73
CA LEU A 79 13.84 -8.23 -0.10
C LEU A 79 13.61 -9.62 -0.72
N GLY A 80 13.37 -9.70 -2.03
CA GLY A 80 13.22 -10.97 -2.72
C GLY A 80 11.81 -11.29 -3.19
N VAL A 81 10.85 -10.36 -3.06
CA VAL A 81 9.48 -10.61 -3.53
C VAL A 81 8.89 -9.33 -4.16
N PRO A 82 8.17 -9.45 -5.28
CA PRO A 82 7.45 -8.34 -5.88
C PRO A 82 6.27 -7.94 -4.99
N ILE A 83 5.88 -6.66 -5.04
CA ILE A 83 4.77 -6.14 -4.26
C ILE A 83 3.89 -5.26 -5.15
N ILE A 84 2.59 -5.23 -4.87
CA ILE A 84 1.63 -4.42 -5.61
C ILE A 84 1.02 -3.38 -4.69
N VAL A 85 0.53 -2.27 -5.25
CA VAL A 85 -0.12 -1.24 -4.48
C VAL A 85 -1.43 -0.83 -5.15
N GLN A 86 -2.51 -0.83 -4.38
CA GLN A 86 -3.83 -0.38 -4.78
C GLN A 86 -4.41 0.47 -3.66
N ALA A 87 -5.16 1.53 -3.97
CA ALA A 87 -5.81 2.25 -2.90
C ALA A 87 -6.87 1.33 -2.32
N SER A 88 -7.16 1.44 -1.02
CA SER A 88 -8.10 0.54 -0.39
C SER A 88 -9.46 0.56 -1.12
N GLN A 89 -9.98 1.75 -1.45
CA GLN A 89 -11.29 1.84 -2.09
C GLN A 89 -11.17 1.67 -3.61
N ALA A 90 -10.26 2.42 -4.24
CA ALA A 90 -10.06 2.32 -5.68
C ALA A 90 -9.37 1.01 -6.04
N GLU A 91 -9.28 0.07 -5.10
CA GLU A 91 -8.64 -1.20 -5.34
C GLU A 91 -9.24 -1.87 -6.56
N LYS A 92 -10.56 -1.79 -6.73
CA LYS A 92 -11.19 -2.53 -7.82
C LYS A 92 -11.19 -1.75 -9.13
N ASN A 93 -10.91 -0.45 -9.08
CA ASN A 93 -10.77 0.35 -10.28
C ASN A 93 -9.32 0.36 -10.75
N ARG A 94 -8.39 0.12 -9.81
CA ARG A 94 -6.96 0.08 -10.08
C ARG A 94 -6.49 -1.34 -10.41
N ALA A 95 -7.38 -2.32 -10.26
CA ALA A 95 -7.07 -3.71 -10.60
C ALA A 95 -6.86 -3.88 -12.11
N ALA A 96 -7.25 -2.88 -12.90
CA ALA A 96 -7.06 -2.87 -14.34
C ALA A 96 -5.59 -2.63 -14.72
N ALA A 97 -4.79 -2.15 -13.75
CA ALA A 97 -3.38 -1.82 -13.95
C ALA A 97 -3.18 -0.93 -15.18
N MET A 1 0.09 19.19 4.02
CA MET A 1 -1.18 18.45 4.20
C MET A 1 -2.21 18.90 3.18
N ILE A 2 -3.21 18.05 2.91
CA ILE A 2 -4.30 18.37 2.01
C ILE A 2 -5.28 19.34 2.66
N ASP A 3 -5.57 20.43 1.94
CA ASP A 3 -6.40 21.53 2.44
C ASP A 3 -7.89 21.36 2.14
N ASN A 4 -8.22 20.39 1.28
CA ASN A 4 -9.57 20.24 0.75
C ASN A 4 -9.94 18.77 0.69
N LEU A 5 -9.72 18.08 1.81
CA LEU A 5 -9.99 16.66 1.94
C LEU A 5 -11.50 16.41 1.97
N THR A 6 -11.88 15.17 1.71
CA THR A 6 -13.27 14.71 1.77
C THR A 6 -13.27 13.32 2.39
N PRO A 7 -14.40 12.84 2.90
CA PRO A 7 -14.50 11.51 3.49
C PRO A 7 -14.22 10.42 2.46
N GLU A 8 -14.05 10.76 1.18
CA GLU A 8 -13.78 9.77 0.15
C GLU A 8 -12.28 9.58 -0.06
N GLU A 9 -11.48 10.65 0.09
CA GLU A 9 -10.03 10.54 -0.04
C GLU A 9 -9.41 10.18 1.30
N ARG A 10 -10.19 10.32 2.38
CA ARG A 10 -9.76 9.98 3.73
C ARG A 10 -9.35 8.51 3.79
N ASP A 11 -10.10 7.65 3.12
CA ASP A 11 -9.82 6.22 3.06
C ASP A 11 -8.67 5.93 2.11
N ALA A 12 -8.40 6.83 1.16
CA ALA A 12 -7.33 6.67 0.19
C ALA A 12 -5.97 6.91 0.85
N ARG A 13 -5.96 7.56 2.03
CA ARG A 13 -4.73 7.73 2.79
C ARG A 13 -4.16 6.36 3.14
N THR A 14 -5.04 5.35 3.16
CA THR A 14 -4.64 3.96 3.39
C THR A 14 -4.64 3.22 2.06
N VAL A 15 -3.48 2.71 1.66
CA VAL A 15 -3.36 1.89 0.47
C VAL A 15 -3.24 0.42 0.87
N PHE A 16 -3.79 -0.45 0.02
CA PHE A 16 -3.74 -1.89 0.17
C PHE A 16 -2.64 -2.40 -0.75
N CYS A 17 -1.68 -3.13 -0.19
CA CYS A 17 -0.60 -3.69 -0.97
C CYS A 17 -0.68 -5.22 -0.92
N MET A 18 -0.36 -5.86 -2.05
CA MET A 18 -0.47 -7.30 -2.16
C MET A 18 0.76 -7.86 -2.87
N GLN A 19 0.83 -9.19 -2.98
CA GLN A 19 2.00 -9.91 -3.45
C GLN A 19 3.21 -9.76 -2.50
N LEU A 20 2.97 -9.31 -1.27
CA LEU A 20 4.00 -9.22 -0.24
C LEU A 20 4.48 -10.63 0.11
N ALA A 21 5.59 -10.74 0.83
CA ALA A 21 6.06 -12.03 1.31
C ALA A 21 5.22 -12.49 2.49
N ALA A 22 5.33 -13.77 2.84
CA ALA A 22 4.61 -14.35 3.97
C ALA A 22 5.21 -13.92 5.32
N ARG A 23 6.40 -13.31 5.30
CA ARG A 23 7.16 -13.00 6.50
C ARG A 23 7.78 -11.61 6.49
N ILE A 24 7.71 -10.88 5.36
CA ILE A 24 8.25 -9.52 5.29
C ILE A 24 7.80 -8.68 6.48
N ARG A 25 8.74 -7.89 7.02
CA ARG A 25 8.48 -7.04 8.18
C ARG A 25 7.88 -5.71 7.73
N PRO A 26 7.05 -5.09 8.58
CA PRO A 26 6.33 -3.86 8.25
C PRO A 26 7.29 -2.71 7.96
N ARG A 27 8.49 -2.71 8.57
CA ARG A 27 9.44 -1.63 8.39
C ARG A 27 10.00 -1.61 6.97
N ASP A 28 10.00 -2.75 6.27
CA ASP A 28 10.56 -2.81 4.92
C ASP A 28 9.70 -2.09 3.89
N LEU A 29 8.41 -1.86 4.17
CA LEU A 29 7.57 -1.09 3.27
C LEU A 29 7.69 0.40 3.57
N GLU A 30 7.97 0.77 4.81
CA GLU A 30 8.03 2.17 5.19
C GLU A 30 9.27 2.84 4.61
N GLU A 31 10.41 2.16 4.63
CA GLU A 31 11.64 2.70 4.04
C GLU A 31 11.51 2.72 2.52
N PHE A 32 10.65 1.85 1.98
CA PHE A 32 10.42 1.77 0.54
C PHE A 32 9.49 2.90 0.09
N PHE A 33 8.47 3.22 0.88
CA PHE A 33 7.56 4.32 0.58
C PHE A 33 8.15 5.68 0.95
N SER A 34 9.34 5.71 1.55
CA SER A 34 10.01 6.97 1.84
C SER A 34 10.36 7.71 0.54
N THR A 35 10.30 7.03 -0.60
CA THR A 35 10.62 7.62 -1.89
C THR A 35 9.41 8.34 -2.50
N VAL A 36 8.22 8.14 -1.93
CA VAL A 36 6.98 8.76 -2.42
C VAL A 36 6.43 9.78 -1.42
N GLY A 37 7.12 9.97 -0.30
CA GLY A 37 6.66 10.86 0.76
C GLY A 37 7.06 10.32 2.12
N LYS A 38 6.11 10.32 3.06
CA LYS A 38 6.31 9.79 4.40
C LYS A 38 5.08 9.01 4.84
N VAL A 39 5.30 7.91 5.58
CA VAL A 39 4.25 6.98 5.96
C VAL A 39 3.96 7.10 7.45
N ARG A 40 2.70 6.86 7.84
CA ARG A 40 2.26 7.00 9.23
C ARG A 40 2.29 5.67 9.96
N ASP A 41 1.72 4.62 9.34
CA ASP A 41 1.58 3.31 9.95
C ASP A 41 1.38 2.24 8.87
N VAL A 42 1.51 0.97 9.25
CA VAL A 42 1.42 -0.17 8.34
C VAL A 42 0.83 -1.37 9.10
N ARG A 43 0.18 -2.29 8.36
CA ARG A 43 -0.50 -3.44 8.94
C ARG A 43 -0.34 -4.67 8.05
N MET A 44 0.52 -5.60 8.47
CA MET A 44 0.72 -6.87 7.79
C MET A 44 -0.42 -7.83 8.12
N ILE A 45 -0.58 -8.86 7.30
CA ILE A 45 -1.65 -9.84 7.43
C ILE A 45 -1.11 -11.24 7.12
N SER A 46 -1.73 -12.28 7.68
CA SER A 46 -1.32 -13.67 7.47
C SER A 46 -2.50 -14.59 7.19
N ASP A 47 -3.64 -14.01 6.83
CA ASP A 47 -4.79 -14.75 6.33
C ASP A 47 -4.61 -14.96 4.84
N ARG A 48 -4.77 -16.20 4.36
CA ARG A 48 -4.54 -16.52 2.95
C ARG A 48 -5.84 -16.56 2.15
N ASN A 49 -6.66 -17.59 2.35
CA ASN A 49 -7.90 -17.86 1.65
C ASN A 49 -7.79 -17.75 0.12
N SER A 50 -6.55 -17.64 -0.41
CA SER A 50 -6.29 -17.46 -1.82
C SER A 50 -4.80 -17.72 -2.10
N ARG A 51 -4.44 -17.85 -3.38
CA ARG A 51 -3.09 -18.18 -3.83
C ARG A 51 -2.07 -17.10 -3.44
N ARG A 52 -2.52 -15.91 -3.03
CA ARG A 52 -1.65 -14.84 -2.57
C ARG A 52 -0.89 -15.28 -1.32
N SER A 53 -1.56 -16.13 -0.53
CA SER A 53 -1.07 -16.79 0.66
C SER A 53 -0.18 -15.94 1.55
N LYS A 54 -0.78 -15.29 2.56
CA LYS A 54 -0.09 -14.47 3.55
C LYS A 54 0.68 -13.32 2.91
N GLY A 55 0.43 -13.07 1.62
CA GLY A 55 1.20 -12.14 0.83
C GLY A 55 0.52 -10.79 0.68
N ILE A 56 -0.07 -10.23 1.74
CA ILE A 56 -0.69 -8.92 1.65
C ILE A 56 -0.49 -8.11 2.92
N ALA A 57 -0.71 -6.80 2.80
CA ALA A 57 -0.55 -5.85 3.89
C ALA A 57 -1.28 -4.54 3.56
N TYR A 58 -1.31 -3.61 4.52
CA TYR A 58 -1.85 -2.27 4.32
C TYR A 58 -0.82 -1.25 4.76
N VAL A 59 -0.92 -0.03 4.19
CA VAL A 59 -0.02 1.07 4.48
C VAL A 59 -0.85 2.35 4.57
N GLU A 60 -0.55 3.23 5.53
CA GLU A 60 -1.25 4.49 5.67
C GLU A 60 -0.27 5.64 5.70
N PHE A 61 -0.49 6.63 4.83
CA PHE A 61 0.37 7.80 4.75
C PHE A 61 -0.18 8.92 5.62
N VAL A 62 0.72 9.77 6.14
CA VAL A 62 0.31 10.91 6.96
C VAL A 62 -0.43 11.96 6.13
N ASP A 63 -0.33 11.89 4.81
CA ASP A 63 -0.96 12.86 3.93
C ASP A 63 -1.37 12.21 2.60
N VAL A 64 -2.41 12.75 1.95
CA VAL A 64 -2.92 12.22 0.70
C VAL A 64 -1.95 12.50 -0.45
N SER A 65 -1.03 13.46 -0.29
CA SER A 65 -0.09 13.81 -1.34
C SER A 65 0.89 12.67 -1.62
N SER A 66 1.03 11.72 -0.68
CA SER A 66 1.90 10.56 -0.86
C SER A 66 1.16 9.43 -1.55
N VAL A 67 -0.17 9.44 -1.51
CA VAL A 67 -1.01 8.39 -2.07
C VAL A 67 -0.78 8.22 -3.58
N PRO A 68 -0.84 9.27 -4.40
CA PRO A 68 -0.74 9.13 -5.85
C PRO A 68 0.65 8.68 -6.28
N LEU A 69 1.69 8.96 -5.48
CA LEU A 69 3.02 8.49 -5.81
C LEU A 69 3.20 7.04 -5.36
N ALA A 70 2.57 6.65 -4.25
CA ALA A 70 2.69 5.30 -3.72
C ALA A 70 2.07 4.27 -4.67
N ILE A 71 1.00 4.64 -5.36
CA ILE A 71 0.33 3.76 -6.30
C ILE A 71 1.07 3.73 -7.64
N GLY A 72 1.86 4.77 -7.94
CA GLY A 72 2.53 4.90 -9.23
C GLY A 72 3.78 4.01 -9.34
N LEU A 73 4.51 3.76 -8.25
CA LEU A 73 5.69 2.92 -8.29
C LEU A 73 5.32 1.44 -8.14
N THR A 74 4.05 1.08 -8.28
CA THR A 74 3.61 -0.30 -8.11
C THR A 74 4.38 -1.22 -9.06
N GLY A 75 4.59 -2.47 -8.62
CA GLY A 75 5.33 -3.47 -9.37
C GLY A 75 6.79 -3.59 -8.92
N GLN A 76 7.27 -2.67 -8.07
CA GLN A 76 8.60 -2.76 -7.48
C GLN A 76 8.74 -4.03 -6.63
N ARG A 77 9.99 -4.45 -6.40
CA ARG A 77 10.26 -5.62 -5.57
C ARG A 77 10.78 -5.20 -4.20
N VAL A 78 10.48 -6.01 -3.18
CA VAL A 78 10.95 -5.82 -1.82
C VAL A 78 11.24 -7.18 -1.21
N LEU A 79 12.38 -7.31 -0.53
CA LEU A 79 12.78 -8.53 0.16
C LEU A 79 12.76 -9.78 -0.72
N GLY A 80 12.85 -9.63 -2.05
CA GLY A 80 12.90 -10.78 -2.96
C GLY A 80 11.59 -11.06 -3.68
N VAL A 81 10.56 -10.23 -3.51
CA VAL A 81 9.26 -10.48 -4.12
C VAL A 81 8.64 -9.17 -4.64
N PRO A 82 7.98 -9.19 -5.80
CA PRO A 82 7.26 -8.04 -6.33
C PRO A 82 6.06 -7.70 -5.44
N ILE A 83 5.90 -6.42 -5.12
CA ILE A 83 4.78 -5.93 -4.32
C ILE A 83 3.92 -5.03 -5.19
N ILE A 84 2.61 -4.98 -4.90
CA ILE A 84 1.68 -4.11 -5.59
C ILE A 84 1.20 -3.03 -4.65
N VAL A 85 0.77 -1.89 -5.19
CA VAL A 85 0.17 -0.84 -4.40
C VAL A 85 -1.10 -0.39 -5.10
N GLN A 86 -2.22 -0.46 -4.40
CA GLN A 86 -3.51 0.02 -4.85
C GLN A 86 -4.18 0.69 -3.66
N ALA A 87 -5.01 1.71 -3.89
CA ALA A 87 -5.74 2.28 -2.78
C ALA A 87 -6.76 1.23 -2.36
N SER A 88 -7.10 1.14 -1.08
CA SER A 88 -7.99 0.07 -0.63
C SER A 88 -9.29 0.05 -1.44
N GLN A 89 -9.87 1.22 -1.73
CA GLN A 89 -11.10 1.27 -2.48
C GLN A 89 -10.83 1.12 -3.98
N ALA A 90 -9.79 1.78 -4.48
CA ALA A 90 -9.44 1.71 -5.89
C ALA A 90 -8.81 0.38 -6.26
N GLU A 91 -8.72 -0.56 -5.31
CA GLU A 91 -8.15 -1.86 -5.58
C GLU A 91 -8.89 -2.50 -6.76
N LYS A 92 -10.22 -2.57 -6.68
CA LYS A 92 -10.97 -3.25 -7.72
C LYS A 92 -11.32 -2.32 -8.87
N ASN A 93 -11.20 -1.00 -8.66
CA ASN A 93 -11.41 -0.04 -9.74
C ASN A 93 -10.19 -0.01 -10.66
N ARG A 94 -9.02 -0.33 -10.11
CA ARG A 94 -7.78 -0.40 -10.87
C ARG A 94 -7.69 -1.73 -11.61
N ALA A 95 -8.45 -2.74 -11.16
CA ALA A 95 -8.47 -4.05 -11.79
C ALA A 95 -9.45 -4.07 -12.97
N ALA A 96 -10.26 -3.03 -13.12
CA ALA A 96 -11.27 -2.96 -14.19
C ALA A 96 -10.64 -2.69 -15.56
N ALA A 97 -9.38 -2.24 -15.58
CA ALA A 97 -8.66 -1.94 -16.81
C ALA A 97 -7.15 -2.03 -16.57
N MET A 1 0.32 17.52 1.30
CA MET A 1 -0.47 18.70 1.67
C MET A 1 -1.82 18.70 0.94
N ILE A 2 -2.91 18.92 1.67
CA ILE A 2 -4.24 19.06 1.10
C ILE A 2 -5.11 19.94 2.00
N ASP A 3 -5.56 21.07 1.46
CA ASP A 3 -6.38 22.04 2.18
C ASP A 3 -7.87 21.83 1.93
N ASN A 4 -8.23 20.71 1.31
CA ASN A 4 -9.57 20.48 0.81
C ASN A 4 -9.91 18.99 0.89
N LEU A 5 -9.48 18.37 1.98
CA LEU A 5 -9.67 16.95 2.20
C LEU A 5 -11.15 16.69 2.48
N THR A 6 -11.56 15.43 2.33
CA THR A 6 -12.92 14.99 2.61
C THR A 6 -12.84 13.62 3.25
N PRO A 7 -13.89 13.16 3.97
CA PRO A 7 -13.91 11.85 4.57
C PRO A 7 -13.85 10.74 3.52
N GLU A 8 -13.86 11.08 2.23
CA GLU A 8 -13.79 10.08 1.17
C GLU A 8 -12.35 9.86 0.73
N GLU A 9 -11.51 10.89 0.79
CA GLU A 9 -10.09 10.72 0.46
C GLU A 9 -9.32 10.34 1.73
N ARG A 10 -9.93 10.55 2.89
CA ARG A 10 -9.37 10.14 4.16
C ARG A 10 -9.10 8.64 4.18
N ASP A 11 -9.98 7.87 3.53
CA ASP A 11 -9.82 6.43 3.40
C ASP A 11 -8.74 6.08 2.37
N ALA A 12 -8.48 6.98 1.43
CA ALA A 12 -7.47 6.77 0.40
C ALA A 12 -6.07 6.93 0.97
N ARG A 13 -5.94 7.58 2.15
CA ARG A 13 -4.67 7.69 2.84
C ARG A 13 -4.15 6.29 3.17
N THR A 14 -5.07 5.31 3.23
CA THR A 14 -4.72 3.92 3.43
C THR A 14 -4.76 3.19 2.09
N VAL A 15 -3.65 2.59 1.69
CA VAL A 15 -3.58 1.77 0.50
C VAL A 15 -3.41 0.31 0.89
N PHE A 16 -3.94 -0.58 0.05
CA PHE A 16 -3.83 -2.02 0.20
C PHE A 16 -2.72 -2.51 -0.72
N CYS A 17 -1.83 -3.36 -0.18
CA CYS A 17 -0.73 -3.91 -0.98
C CYS A 17 -0.74 -5.42 -0.87
N MET A 18 -0.36 -6.09 -1.96
CA MET A 18 -0.40 -7.54 -2.05
C MET A 18 0.86 -8.09 -2.69
N GLN A 19 0.99 -9.41 -2.75
CA GLN A 19 2.20 -10.11 -3.16
C GLN A 19 3.37 -9.88 -2.18
N LEU A 20 3.07 -9.40 -0.97
CA LEU A 20 4.07 -9.25 0.08
C LEU A 20 4.56 -10.63 0.51
N ALA A 21 5.67 -10.70 1.25
CA ALA A 21 6.14 -11.96 1.78
C ALA A 21 5.27 -12.41 2.95
N ALA A 22 5.42 -13.68 3.37
CA ALA A 22 4.63 -14.22 4.46
C ALA A 22 5.02 -13.63 5.82
N ARG A 23 6.23 -13.08 5.96
CA ARG A 23 6.71 -12.54 7.24
C ARG A 23 7.47 -11.22 7.12
N ILE A 24 7.43 -10.57 5.95
CA ILE A 24 8.08 -9.26 5.79
C ILE A 24 7.60 -8.31 6.87
N ARG A 25 8.52 -7.50 7.42
CA ARG A 25 8.20 -6.55 8.47
C ARG A 25 7.58 -5.29 7.88
N PRO A 26 6.77 -4.56 8.66
CA PRO A 26 6.12 -3.34 8.19
C PRO A 26 7.13 -2.27 7.81
N ARG A 27 8.30 -2.27 8.45
CA ARG A 27 9.33 -1.26 8.20
C ARG A 27 9.94 -1.41 6.80
N ASP A 28 9.90 -2.61 6.21
CA ASP A 28 10.47 -2.82 4.88
C ASP A 28 9.65 -2.10 3.80
N LEU A 29 8.37 -1.85 4.05
CA LEU A 29 7.54 -1.09 3.11
C LEU A 29 7.68 0.41 3.35
N GLU A 30 7.93 0.81 4.59
CA GLU A 30 7.99 2.23 4.92
C GLU A 30 9.26 2.87 4.37
N GLU A 31 10.38 2.16 4.40
CA GLU A 31 11.62 2.66 3.82
C GLU A 31 11.52 2.68 2.29
N PHE A 32 10.66 1.82 1.74
CA PHE A 32 10.43 1.72 0.31
C PHE A 32 9.50 2.84 -0.17
N PHE A 33 8.42 3.10 0.57
CA PHE A 33 7.47 4.16 0.25
C PHE A 33 8.05 5.54 0.60
N SER A 34 9.22 5.61 1.21
CA SER A 34 9.84 6.90 1.50
C SER A 34 10.15 7.66 0.21
N THR A 35 10.09 6.99 -0.94
CA THR A 35 10.33 7.63 -2.23
C THR A 35 9.06 8.28 -2.79
N VAL A 36 7.90 7.97 -2.21
CA VAL A 36 6.63 8.55 -2.66
C VAL A 36 6.06 9.53 -1.65
N GLY A 37 6.57 9.53 -0.42
CA GLY A 37 6.12 10.46 0.60
C GLY A 37 6.30 9.90 2.00
N LYS A 38 5.58 10.49 2.96
CA LYS A 38 5.66 10.13 4.38
C LYS A 38 4.62 9.08 4.71
N VAL A 39 5.04 8.02 5.40
CA VAL A 39 4.14 6.95 5.81
C VAL A 39 3.97 6.93 7.32
N ARG A 40 2.72 6.83 7.80
CA ARG A 40 2.41 6.82 9.22
C ARG A 40 2.60 5.44 9.83
N ASP A 41 2.05 4.41 9.20
CA ASP A 41 2.07 3.05 9.74
C ASP A 41 1.76 2.01 8.67
N VAL A 42 1.98 0.72 8.99
CA VAL A 42 1.70 -0.40 8.12
C VAL A 42 1.14 -1.56 8.96
N ARG A 43 0.27 -2.38 8.36
CA ARG A 43 -0.38 -3.49 9.05
C ARG A 43 -0.30 -4.74 8.17
N MET A 44 0.50 -5.71 8.59
CA MET A 44 0.65 -6.99 7.90
C MET A 44 -0.50 -7.92 8.24
N ILE A 45 -0.69 -8.92 7.37
CA ILE A 45 -1.75 -9.90 7.47
C ILE A 45 -1.18 -11.28 7.16
N SER A 46 -1.84 -12.34 7.63
CA SER A 46 -1.36 -13.70 7.45
C SER A 46 -2.48 -14.65 7.02
N ASP A 47 -3.47 -14.14 6.27
CA ASP A 47 -4.53 -14.96 5.69
C ASP A 47 -4.33 -15.02 4.18
N ARG A 48 -4.54 -16.19 3.57
CA ARG A 48 -4.29 -16.38 2.15
C ARG A 48 -5.54 -16.28 1.29
N ASN A 49 -6.42 -17.29 1.36
CA ASN A 49 -7.58 -17.44 0.50
C ASN A 49 -7.26 -17.39 -1.00
N SER A 50 -5.99 -17.26 -1.39
CA SER A 50 -5.56 -17.19 -2.78
C SER A 50 -4.04 -17.39 -2.89
N ARG A 51 -3.51 -17.41 -4.12
CA ARG A 51 -2.13 -17.72 -4.45
C ARG A 51 -1.10 -16.78 -3.79
N ARG A 52 -1.50 -15.59 -3.34
CA ARG A 52 -0.53 -14.67 -2.71
C ARG A 52 -0.06 -15.23 -1.38
N SER A 53 -0.81 -16.19 -0.85
CA SER A 53 -0.45 -17.01 0.29
C SER A 53 0.09 -16.20 1.48
N LYS A 54 -0.82 -15.55 2.22
CA LYS A 54 -0.47 -14.80 3.42
C LYS A 54 0.45 -13.64 3.09
N GLY A 55 0.47 -13.23 1.82
CA GLY A 55 1.38 -12.22 1.30
C GLY A 55 0.66 -10.91 1.01
N ILE A 56 0.06 -10.27 2.02
CA ILE A 56 -0.56 -8.96 1.84
C ILE A 56 -0.38 -8.09 3.08
N ALA A 57 -0.66 -6.79 2.93
CA ALA A 57 -0.55 -5.82 4.01
C ALA A 57 -1.34 -4.56 3.64
N TYR A 58 -1.48 -3.63 4.60
CA TYR A 58 -2.07 -2.32 4.36
C TYR A 58 -1.08 -1.26 4.83
N VAL A 59 -1.01 -0.15 4.09
CA VAL A 59 -0.09 0.94 4.36
C VAL A 59 -0.88 2.23 4.50
N GLU A 60 -0.58 3.04 5.53
CA GLU A 60 -1.27 4.32 5.71
C GLU A 60 -0.28 5.47 5.63
N PHE A 61 -0.46 6.33 4.64
CA PHE A 61 0.34 7.52 4.47
C PHE A 61 -0.18 8.64 5.35
N VAL A 62 0.74 9.50 5.75
CA VAL A 62 0.44 10.60 6.65
C VAL A 62 -0.50 11.59 5.96
N ASP A 63 -0.49 11.62 4.62
CA ASP A 63 -1.35 12.52 3.86
C ASP A 63 -1.64 11.94 2.47
N VAL A 64 -2.70 12.44 1.83
CA VAL A 64 -3.16 11.94 0.53
C VAL A 64 -2.17 12.25 -0.59
N SER A 65 -1.28 13.24 -0.41
CA SER A 65 -0.36 13.61 -1.47
C SER A 65 0.65 12.49 -1.77
N SER A 66 0.80 11.53 -0.85
CA SER A 66 1.66 10.37 -1.04
C SER A 66 0.95 9.25 -1.76
N VAL A 67 -0.39 9.25 -1.74
CA VAL A 67 -1.21 8.16 -2.23
C VAL A 67 -1.04 7.90 -3.73
N PRO A 68 -1.15 8.92 -4.60
CA PRO A 68 -1.10 8.69 -6.04
C PRO A 68 0.29 8.25 -6.50
N LEU A 69 1.34 8.59 -5.75
CA LEU A 69 2.69 8.15 -6.09
C LEU A 69 2.91 6.72 -5.61
N ALA A 70 2.27 6.33 -4.50
CA ALA A 70 2.43 5.00 -3.94
C ALA A 70 1.84 3.93 -4.86
N ILE A 71 0.80 4.30 -5.62
CA ILE A 71 0.14 3.38 -6.54
C ILE A 71 0.88 3.34 -7.88
N GLY A 72 1.65 4.39 -8.20
CA GLY A 72 2.31 4.50 -9.49
C GLY A 72 3.57 3.65 -9.59
N LEU A 73 4.31 3.45 -8.49
CA LEU A 73 5.51 2.63 -8.50
C LEU A 73 5.18 1.15 -8.32
N THR A 74 3.92 0.76 -8.44
CA THR A 74 3.52 -0.61 -8.21
C THR A 74 4.31 -1.58 -9.11
N GLY A 75 4.59 -2.78 -8.60
CA GLY A 75 5.35 -3.79 -9.31
C GLY A 75 6.80 -3.89 -8.83
N GLN A 76 7.25 -2.94 -8.00
CA GLN A 76 8.57 -2.99 -7.39
C GLN A 76 8.74 -4.22 -6.50
N ARG A 77 9.98 -4.57 -6.17
CA ARG A 77 10.29 -5.73 -5.34
C ARG A 77 10.75 -5.30 -3.95
N VAL A 78 10.38 -6.08 -2.93
CA VAL A 78 10.79 -5.88 -1.56
C VAL A 78 11.00 -7.24 -0.91
N LEU A 79 12.09 -7.40 -0.16
CA LEU A 79 12.41 -8.63 0.56
C LEU A 79 12.23 -9.88 -0.33
N GLY A 80 12.78 -9.86 -1.54
CA GLY A 80 12.81 -11.04 -2.39
C GLY A 80 11.52 -11.30 -3.17
N VAL A 81 10.51 -10.41 -3.07
CA VAL A 81 9.23 -10.64 -3.75
C VAL A 81 8.68 -9.34 -4.34
N PRO A 82 8.08 -9.39 -5.54
CA PRO A 82 7.37 -8.25 -6.11
C PRO A 82 6.14 -7.90 -5.28
N ILE A 83 5.93 -6.61 -5.02
CA ILE A 83 4.79 -6.13 -4.25
C ILE A 83 3.92 -5.26 -5.16
N ILE A 84 2.61 -5.24 -4.89
CA ILE A 84 1.66 -4.43 -5.64
C ILE A 84 1.04 -3.39 -4.72
N VAL A 85 0.56 -2.28 -5.29
CA VAL A 85 -0.11 -1.26 -4.50
C VAL A 85 -1.40 -0.85 -5.19
N GLN A 86 -2.48 -0.82 -4.41
CA GLN A 86 -3.80 -0.34 -4.84
C GLN A 86 -4.42 0.42 -3.68
N ALA A 87 -5.14 1.51 -3.96
CA ALA A 87 -5.86 2.16 -2.88
C ALA A 87 -6.93 1.19 -2.42
N SER A 88 -7.23 1.13 -1.12
CA SER A 88 -8.17 0.13 -0.63
C SER A 88 -9.51 0.23 -1.36
N GLN A 89 -10.02 1.45 -1.56
CA GLN A 89 -11.32 1.60 -2.19
C GLN A 89 -11.21 1.54 -3.72
N ALA A 90 -10.24 2.25 -4.30
CA ALA A 90 -10.06 2.24 -5.74
C ALA A 90 -9.41 0.94 -6.21
N GLU A 91 -9.24 -0.04 -5.30
CA GLU A 91 -8.62 -1.30 -5.64
C GLU A 91 -9.38 -1.92 -6.81
N LYS A 92 -10.71 -1.80 -6.81
CA LYS A 92 -11.51 -2.46 -7.83
C LYS A 92 -11.61 -1.67 -9.14
N ASN A 93 -10.89 -0.55 -9.25
CA ASN A 93 -10.80 0.20 -10.51
C ASN A 93 -9.35 0.34 -10.93
N ARG A 94 -8.41 0.21 -9.98
CA ARG A 94 -6.98 0.31 -10.23
C ARG A 94 -6.41 -1.03 -10.69
N ALA A 95 -7.14 -2.12 -10.47
CA ALA A 95 -6.71 -3.46 -10.88
C ALA A 95 -6.74 -3.60 -12.41
N ALA A 96 -7.31 -2.62 -13.12
CA ALA A 96 -7.35 -2.63 -14.57
C ALA A 96 -5.98 -2.29 -15.16
N ALA A 97 -5.07 -1.74 -14.35
CA ALA A 97 -3.74 -1.35 -14.79
C ALA A 97 -2.90 -2.58 -15.17
N MET A 1 0.55 18.40 3.63
CA MET A 1 -0.77 18.09 4.18
C MET A 1 -1.88 18.66 3.31
N ILE A 2 -2.89 17.84 3.00
CA ILE A 2 -4.04 18.28 2.22
C ILE A 2 -4.95 19.19 3.04
N ASP A 3 -5.27 20.36 2.49
CA ASP A 3 -6.07 21.38 3.17
C ASP A 3 -7.56 21.22 2.89
N ASN A 4 -7.90 20.53 1.81
CA ASN A 4 -9.26 20.45 1.30
C ASN A 4 -9.70 18.99 1.21
N LEU A 5 -9.47 18.24 2.29
CA LEU A 5 -9.79 16.84 2.38
C LEU A 5 -11.29 16.64 2.46
N THR A 6 -11.74 15.41 2.18
CA THR A 6 -13.13 15.02 2.28
C THR A 6 -13.17 13.61 2.87
N PRO A 7 -14.31 13.17 3.41
CA PRO A 7 -14.43 11.84 3.97
C PRO A 7 -14.25 10.75 2.91
N GLU A 8 -14.12 11.12 1.62
CA GLU A 8 -13.93 10.15 0.56
C GLU A 8 -12.45 9.91 0.27
N GLU A 9 -11.61 10.94 0.41
CA GLU A 9 -10.18 10.78 0.21
C GLU A 9 -9.50 10.35 1.51
N ARG A 10 -10.23 10.49 2.62
CA ARG A 10 -9.75 10.08 3.93
C ARG A 10 -9.38 8.59 3.94
N ASP A 11 -10.19 7.78 3.27
CA ASP A 11 -9.97 6.35 3.14
C ASP A 11 -8.84 6.06 2.16
N ALA A 12 -8.60 6.97 1.22
CA ALA A 12 -7.56 6.80 0.21
C ALA A 12 -6.18 6.93 0.83
N ARG A 13 -6.09 7.55 2.02
CA ARG A 13 -4.84 7.64 2.76
C ARG A 13 -4.33 6.23 3.06
N THR A 14 -5.24 5.26 3.08
CA THR A 14 -4.90 3.86 3.27
C THR A 14 -4.88 3.16 1.92
N VAL A 15 -3.74 2.56 1.59
CA VAL A 15 -3.61 1.74 0.40
C VAL A 15 -3.42 0.28 0.82
N PHE A 16 -3.97 -0.62 0.01
CA PHE A 16 -3.88 -2.06 0.20
C PHE A 16 -2.79 -2.59 -0.74
N CYS A 17 -1.86 -3.37 -0.18
CA CYS A 17 -0.78 -3.93 -0.96
C CYS A 17 -0.80 -5.46 -0.85
N MET A 18 -0.42 -6.12 -1.95
CA MET A 18 -0.46 -7.57 -2.02
C MET A 18 0.82 -8.13 -2.66
N GLN A 19 0.92 -9.46 -2.71
CA GLN A 19 2.13 -10.17 -3.12
C GLN A 19 3.30 -9.92 -2.16
N LEU A 20 3.01 -9.49 -0.92
CA LEU A 20 4.02 -9.32 0.11
C LEU A 20 4.56 -10.69 0.54
N ALA A 21 5.66 -10.72 1.29
CA ALA A 21 6.19 -11.96 1.82
C ALA A 21 5.39 -12.40 3.07
N ALA A 22 5.68 -13.58 3.59
CA ALA A 22 4.96 -14.14 4.73
C ALA A 22 5.40 -13.53 6.06
N ARG A 23 6.60 -12.95 6.15
CA ARG A 23 7.10 -12.39 7.41
C ARG A 23 7.81 -11.04 7.22
N ILE A 24 7.72 -10.44 6.03
CA ILE A 24 8.27 -9.11 5.78
C ILE A 24 7.79 -8.14 6.85
N ARG A 25 8.69 -7.27 7.32
CA ARG A 25 8.34 -6.30 8.36
C ARG A 25 7.46 -5.21 7.76
N PRO A 26 6.66 -4.53 8.59
CA PRO A 26 5.96 -3.34 8.18
C PRO A 26 7.00 -2.30 7.81
N ARG A 27 8.19 -2.42 8.41
CA ARG A 27 9.33 -1.53 8.23
C ARG A 27 9.82 -1.51 6.80
N ASP A 28 9.83 -2.66 6.13
CA ASP A 28 10.40 -2.77 4.81
C ASP A 28 9.57 -2.03 3.76
N LEU A 29 8.30 -1.77 4.04
CA LEU A 29 7.46 -0.98 3.15
C LEU A 29 7.62 0.52 3.44
N GLU A 30 8.01 0.89 4.66
CA GLU A 30 8.11 2.31 5.01
C GLU A 30 9.32 2.95 4.34
N GLU A 31 10.47 2.28 4.38
CA GLU A 31 11.66 2.78 3.72
C GLU A 31 11.50 2.72 2.21
N PHE A 32 10.62 1.83 1.74
CA PHE A 32 10.32 1.70 0.32
C PHE A 32 9.39 2.82 -0.14
N PHE A 33 8.32 3.11 0.62
CA PHE A 33 7.40 4.20 0.31
C PHE A 33 8.00 5.56 0.65
N SER A 34 9.20 5.60 1.25
CA SER A 34 9.86 6.86 1.51
C SER A 34 10.22 7.59 0.20
N THR A 35 10.07 6.92 -0.95
CA THR A 35 10.35 7.52 -2.24
C THR A 35 9.12 8.20 -2.83
N VAL A 36 7.95 7.98 -2.23
CA VAL A 36 6.69 8.59 -2.69
C VAL A 36 6.18 9.61 -1.68
N GLY A 37 6.93 9.84 -0.59
CA GLY A 37 6.52 10.73 0.48
C GLY A 37 6.98 10.15 1.81
N LYS A 38 6.06 10.11 2.78
CA LYS A 38 6.31 9.52 4.09
C LYS A 38 5.06 8.80 4.57
N VAL A 39 5.25 7.69 5.27
CA VAL A 39 4.18 6.79 5.68
C VAL A 39 3.88 6.94 7.17
N ARG A 40 2.62 6.75 7.55
CA ARG A 40 2.20 6.85 8.94
C ARG A 40 2.32 5.51 9.66
N ASP A 41 1.89 4.42 9.01
CA ASP A 41 1.90 3.09 9.60
C ASP A 41 1.66 2.01 8.55
N VAL A 42 1.88 0.75 8.90
CA VAL A 42 1.65 -0.41 8.04
C VAL A 42 1.04 -1.54 8.88
N ARG A 43 0.25 -2.42 8.23
CA ARG A 43 -0.48 -3.49 8.88
C ARG A 43 -0.38 -4.76 8.05
N MET A 44 0.50 -5.66 8.46
CA MET A 44 0.66 -6.96 7.80
C MET A 44 -0.47 -7.90 8.16
N ILE A 45 -0.65 -8.93 7.33
CA ILE A 45 -1.71 -9.91 7.48
C ILE A 45 -1.15 -11.29 7.14
N SER A 46 -1.69 -12.35 7.77
CA SER A 46 -1.19 -13.71 7.59
C SER A 46 -2.27 -14.66 7.09
N ASP A 47 -3.34 -14.12 6.50
CA ASP A 47 -4.37 -14.89 5.83
C ASP A 47 -4.16 -14.79 4.32
N ARG A 48 -4.38 -15.88 3.57
CA ARG A 48 -4.09 -15.88 2.14
C ARG A 48 -5.31 -15.60 1.27
N ASN A 49 -6.40 -16.35 1.48
CA ASN A 49 -7.59 -16.35 0.65
C ASN A 49 -7.30 -16.60 -0.85
N SER A 50 -6.03 -16.68 -1.25
CA SER A 50 -5.64 -16.86 -2.65
C SER A 50 -4.16 -17.25 -2.77
N ARG A 51 -3.65 -17.32 -4.00
CA ARG A 51 -2.31 -17.80 -4.36
C ARG A 51 -1.18 -16.95 -3.77
N ARG A 52 -1.46 -15.76 -3.24
CA ARG A 52 -0.40 -14.90 -2.71
C ARG A 52 0.17 -15.48 -1.43
N SER A 53 -0.60 -16.37 -0.80
CA SER A 53 -0.18 -17.14 0.36
C SER A 53 0.35 -16.26 1.51
N LYS A 54 -0.57 -15.65 2.27
CA LYS A 54 -0.24 -14.83 3.43
C LYS A 54 0.61 -13.63 3.04
N GLY A 55 0.55 -13.25 1.76
CA GLY A 55 1.37 -12.21 1.19
C GLY A 55 0.61 -10.92 0.93
N ILE A 56 0.04 -10.30 1.97
CA ILE A 56 -0.60 -8.99 1.82
C ILE A 56 -0.41 -8.13 3.06
N ALA A 57 -0.68 -6.84 2.91
CA ALA A 57 -0.59 -5.87 4.00
C ALA A 57 -1.40 -4.61 3.64
N TYR A 58 -1.55 -3.69 4.59
CA TYR A 58 -2.12 -2.39 4.37
C TYR A 58 -1.11 -1.33 4.76
N VAL A 59 -1.16 -0.18 4.10
CA VAL A 59 -0.26 0.92 4.33
C VAL A 59 -1.07 2.20 4.48
N GLU A 60 -0.69 3.08 5.40
CA GLU A 60 -1.39 4.33 5.61
C GLU A 60 -0.39 5.48 5.58
N PHE A 61 -0.66 6.49 4.75
CA PHE A 61 0.21 7.64 4.62
C PHE A 61 -0.27 8.79 5.50
N VAL A 62 0.67 9.63 5.96
CA VAL A 62 0.33 10.79 6.77
C VAL A 62 -0.41 11.86 5.94
N ASP A 63 -0.32 11.77 4.61
CA ASP A 63 -0.93 12.73 3.72
C ASP A 63 -1.39 12.06 2.43
N VAL A 64 -2.43 12.62 1.79
CA VAL A 64 -3.01 12.07 0.58
C VAL A 64 -2.09 12.31 -0.62
N SER A 65 -1.16 13.26 -0.53
CA SER A 65 -0.26 13.56 -1.64
C SER A 65 0.72 12.41 -1.89
N SER A 66 0.86 11.48 -0.93
CA SER A 66 1.70 10.30 -1.08
C SER A 66 0.94 9.17 -1.75
N VAL A 67 -0.39 9.22 -1.68
CA VAL A 67 -1.25 8.15 -2.18
C VAL A 67 -1.09 7.91 -3.69
N PRO A 68 -1.16 8.93 -4.56
CA PRO A 68 -1.10 8.73 -5.99
C PRO A 68 0.27 8.26 -6.46
N LEU A 69 1.33 8.57 -5.71
CA LEU A 69 2.66 8.10 -6.07
C LEU A 69 2.88 6.67 -5.59
N ALA A 70 2.26 6.30 -4.46
CA ALA A 70 2.41 4.97 -3.89
C ALA A 70 1.84 3.90 -4.82
N ILE A 71 0.84 4.26 -5.62
CA ILE A 71 0.20 3.34 -6.55
C ILE A 71 0.97 3.31 -7.88
N GLY A 72 1.73 4.36 -8.19
CA GLY A 72 2.43 4.47 -9.46
C GLY A 72 3.67 3.59 -9.53
N LEU A 73 4.36 3.36 -8.41
CA LEU A 73 5.53 2.50 -8.38
C LEU A 73 5.14 1.04 -8.12
N THR A 74 3.88 0.68 -8.36
CA THR A 74 3.42 -0.69 -8.15
C THR A 74 4.24 -1.67 -8.99
N GLY A 75 4.44 -2.88 -8.47
CA GLY A 75 5.19 -3.93 -9.16
C GLY A 75 6.66 -4.01 -8.73
N GLN A 76 7.14 -3.05 -7.93
CA GLN A 76 8.49 -3.09 -7.37
C GLN A 76 8.69 -4.30 -6.47
N ARG A 77 9.95 -4.66 -6.23
CA ARG A 77 10.30 -5.81 -5.40
C ARG A 77 10.78 -5.36 -4.02
N VAL A 78 10.42 -6.14 -2.99
CA VAL A 78 10.85 -5.91 -1.62
C VAL A 78 11.09 -7.27 -0.95
N LEU A 79 12.20 -7.39 -0.21
CA LEU A 79 12.55 -8.59 0.53
C LEU A 79 12.46 -9.87 -0.31
N GLY A 80 12.77 -9.79 -1.61
CA GLY A 80 12.81 -10.99 -2.45
C GLY A 80 11.49 -11.28 -3.18
N VAL A 81 10.49 -10.40 -3.08
CA VAL A 81 9.20 -10.64 -3.73
C VAL A 81 8.63 -9.35 -4.34
N PRO A 82 8.01 -9.42 -5.52
CA PRO A 82 7.29 -8.30 -6.11
C PRO A 82 6.06 -7.96 -5.28
N ILE A 83 5.92 -6.69 -4.90
CA ILE A 83 4.77 -6.21 -4.15
C ILE A 83 3.91 -5.35 -5.07
N ILE A 84 2.60 -5.30 -4.80
CA ILE A 84 1.66 -4.50 -5.56
C ILE A 84 1.05 -3.44 -4.64
N VAL A 85 0.58 -2.33 -5.21
CA VAL A 85 -0.09 -1.30 -4.43
C VAL A 85 -1.37 -0.90 -5.13
N GLN A 86 -2.47 -0.87 -4.37
CA GLN A 86 -3.79 -0.42 -4.83
C GLN A 86 -4.40 0.41 -3.71
N ALA A 87 -5.10 1.50 -4.04
CA ALA A 87 -5.81 2.24 -3.01
C ALA A 87 -6.89 1.31 -2.46
N SER A 88 -7.19 1.39 -1.17
CA SER A 88 -8.14 0.48 -0.58
C SER A 88 -9.48 0.52 -1.31
N GLN A 89 -10.01 1.71 -1.62
CA GLN A 89 -11.31 1.82 -2.26
C GLN A 89 -11.17 1.66 -3.78
N ALA A 90 -10.24 2.40 -4.40
CA ALA A 90 -10.03 2.32 -5.84
C ALA A 90 -9.31 1.02 -6.18
N GLU A 91 -9.22 0.07 -5.25
CA GLU A 91 -8.59 -1.21 -5.52
C GLU A 91 -9.23 -1.84 -6.74
N LYS A 92 -10.56 -1.77 -6.86
CA LYS A 92 -11.22 -2.45 -7.96
C LYS A 92 -11.08 -1.66 -9.26
N ASN A 93 -11.05 -0.32 -9.18
CA ASN A 93 -10.91 0.49 -10.37
C ASN A 93 -9.47 0.43 -10.89
N ARG A 94 -8.52 0.26 -9.98
CA ARG A 94 -7.10 0.15 -10.31
C ARG A 94 -6.80 -1.25 -10.86
N ALA A 95 -7.66 -2.23 -10.56
CA ALA A 95 -7.48 -3.58 -11.07
C ALA A 95 -8.10 -3.72 -12.46
N ALA A 96 -9.07 -2.86 -12.81
CA ALA A 96 -9.71 -2.88 -14.10
C ALA A 96 -8.99 -1.99 -15.11
N ALA A 97 -8.27 -0.96 -14.62
CA ALA A 97 -7.51 -0.05 -15.45
C ALA A 97 -6.15 -0.67 -15.82
N MET A 1 0.06 19.00 5.33
CA MET A 1 -1.03 18.07 5.03
C MET A 1 -2.14 18.77 4.24
N ILE A 2 -3.05 17.99 3.65
CA ILE A 2 -4.17 18.52 2.89
C ILE A 2 -5.09 19.37 3.78
N ASP A 3 -5.56 20.50 3.24
CA ASP A 3 -6.42 21.43 3.96
C ASP A 3 -7.90 21.13 3.75
N ASN A 4 -8.23 20.50 2.62
CA ASN A 4 -9.61 20.32 2.18
C ASN A 4 -9.91 18.87 1.86
N LEU A 5 -9.68 18.00 2.84
CA LEU A 5 -9.95 16.59 2.71
C LEU A 5 -11.46 16.33 2.75
N THR A 6 -11.87 15.15 2.30
CA THR A 6 -13.26 14.73 2.34
C THR A 6 -13.30 13.30 2.87
N PRO A 7 -14.43 12.81 3.39
CA PRO A 7 -14.54 11.45 3.88
C PRO A 7 -14.29 10.42 2.78
N GLU A 8 -14.15 10.86 1.52
CA GLU A 8 -13.88 9.96 0.41
C GLU A 8 -12.38 9.83 0.16
N GLU A 9 -11.60 10.90 0.34
CA GLU A 9 -10.16 10.83 0.18
C GLU A 9 -9.49 10.42 1.49
N ARG A 10 -10.21 10.54 2.61
CA ARG A 10 -9.72 10.12 3.91
C ARG A 10 -9.33 8.65 3.93
N ASP A 11 -10.14 7.82 3.25
CA ASP A 11 -9.89 6.39 3.14
C ASP A 11 -8.77 6.09 2.16
N ALA A 12 -8.51 7.01 1.22
CA ALA A 12 -7.49 6.85 0.21
C ALA A 12 -6.09 7.03 0.82
N ARG A 13 -6.02 7.64 2.02
CA ARG A 13 -4.75 7.77 2.72
C ARG A 13 -4.21 6.39 3.06
N THR A 14 -5.10 5.39 3.08
CA THR A 14 -4.73 4.00 3.30
C THR A 14 -4.78 3.24 1.99
N VAL A 15 -3.65 2.70 1.57
CA VAL A 15 -3.57 1.86 0.38
C VAL A 15 -3.42 0.40 0.81
N PHE A 16 -3.93 -0.49 -0.03
CA PHE A 16 -3.83 -1.93 0.16
C PHE A 16 -2.70 -2.44 -0.73
N CYS A 17 -1.83 -3.28 -0.18
CA CYS A 17 -0.73 -3.85 -0.95
C CYS A 17 -0.72 -5.37 -0.83
N MET A 18 -0.30 -6.02 -1.91
CA MET A 18 -0.36 -7.48 -2.00
C MET A 18 0.90 -8.04 -2.67
N GLN A 19 0.99 -9.37 -2.75
CA GLN A 19 2.18 -10.09 -3.19
C GLN A 19 3.37 -9.91 -2.23
N LEU A 20 3.09 -9.43 -1.01
CA LEU A 20 4.09 -9.28 0.04
C LEU A 20 4.52 -10.67 0.53
N ALA A 21 5.65 -10.73 1.23
CA ALA A 21 6.15 -12.00 1.77
C ALA A 21 5.33 -12.46 2.96
N ALA A 22 5.57 -13.71 3.41
CA ALA A 22 4.85 -14.29 4.52
C ALA A 22 5.27 -13.73 5.88
N ARG A 23 6.47 -13.12 5.99
CA ARG A 23 6.93 -12.57 7.27
C ARG A 23 7.63 -11.23 7.15
N ILE A 24 7.56 -10.58 5.97
CA ILE A 24 8.13 -9.25 5.79
C ILE A 24 7.64 -8.31 6.90
N ARG A 25 8.55 -7.49 7.43
CA ARG A 25 8.22 -6.55 8.50
C ARG A 25 7.63 -5.28 7.89
N PRO A 26 6.78 -4.57 8.65
CA PRO A 26 6.13 -3.35 8.18
C PRO A 26 7.15 -2.28 7.81
N ARG A 27 8.32 -2.28 8.46
CA ARG A 27 9.33 -1.27 8.22
C ARG A 27 9.94 -1.39 6.81
N ASP A 28 9.88 -2.58 6.20
CA ASP A 28 10.44 -2.78 4.87
C ASP A 28 9.62 -2.06 3.79
N LEU A 29 8.34 -1.78 4.06
CA LEU A 29 7.54 -1.02 3.11
C LEU A 29 7.70 0.47 3.33
N GLU A 30 8.02 0.89 4.56
CA GLU A 30 8.11 2.31 4.87
C GLU A 30 9.37 2.92 4.27
N GLU A 31 10.49 2.21 4.31
CA GLU A 31 11.73 2.67 3.69
C GLU A 31 11.59 2.66 2.17
N PHE A 32 10.70 1.80 1.67
CA PHE A 32 10.45 1.69 0.24
C PHE A 32 9.53 2.82 -0.24
N PHE A 33 8.46 3.11 0.52
CA PHE A 33 7.55 4.21 0.20
C PHE A 33 8.15 5.57 0.53
N SER A 34 9.35 5.61 1.12
CA SER A 34 10.03 6.87 1.38
C SER A 34 10.38 7.59 0.07
N THR A 35 10.22 6.91 -1.08
CA THR A 35 10.50 7.50 -2.38
C THR A 35 9.27 8.22 -2.94
N VAL A 36 8.09 8.01 -2.32
CA VAL A 36 6.84 8.63 -2.77
C VAL A 36 6.34 9.65 -1.75
N GLY A 37 7.13 9.92 -0.72
CA GLY A 37 6.76 10.84 0.34
C GLY A 37 7.14 10.27 1.70
N LYS A 38 6.23 10.40 2.66
CA LYS A 38 6.42 9.87 4.01
C LYS A 38 5.18 9.10 4.44
N VAL A 39 5.39 8.02 5.18
CA VAL A 39 4.34 7.07 5.55
C VAL A 39 4.06 7.13 7.04
N ARG A 40 2.80 6.88 7.43
CA ARG A 40 2.37 6.98 8.82
C ARG A 40 2.49 5.63 9.53
N ASP A 41 2.01 4.55 8.91
CA ASP A 41 1.99 3.23 9.52
C ASP A 41 1.73 2.13 8.49
N VAL A 42 1.93 0.87 8.88
CA VAL A 42 1.69 -0.29 8.03
C VAL A 42 1.03 -1.40 8.87
N ARG A 43 0.23 -2.26 8.24
CA ARG A 43 -0.49 -3.33 8.91
C ARG A 43 -0.40 -4.61 8.07
N MET A 44 0.51 -5.51 8.46
CA MET A 44 0.68 -6.79 7.80
C MET A 44 -0.49 -7.73 8.11
N ILE A 45 -0.66 -8.74 7.25
CA ILE A 45 -1.74 -9.70 7.34
C ILE A 45 -1.23 -11.08 7.00
N SER A 46 -1.91 -12.12 7.49
CA SER A 46 -1.51 -13.51 7.25
C SER A 46 -2.66 -14.39 6.82
N ASP A 47 -3.76 -13.79 6.37
CA ASP A 47 -4.89 -14.52 5.82
C ASP A 47 -4.67 -14.73 4.32
N ARG A 48 -5.03 -15.92 3.80
CA ARG A 48 -4.73 -16.28 2.42
C ARG A 48 -5.90 -16.07 1.47
N ASN A 49 -6.91 -16.94 1.54
CA ASN A 49 -8.06 -16.97 0.64
C ASN A 49 -7.70 -16.96 -0.85
N SER A 50 -6.41 -17.11 -1.19
CA SER A 50 -5.93 -17.06 -2.56
C SER A 50 -4.49 -17.57 -2.66
N ARG A 51 -3.99 -17.75 -3.89
CA ARG A 51 -2.65 -18.26 -4.19
C ARG A 51 -1.57 -17.30 -3.70
N ARG A 52 -1.95 -16.07 -3.34
CA ARG A 52 -1.03 -15.08 -2.78
C ARG A 52 -0.50 -15.58 -1.44
N SER A 53 -1.38 -16.31 -0.74
CA SER A 53 -1.18 -16.96 0.52
C SER A 53 -0.43 -16.13 1.56
N LYS A 54 -1.19 -15.50 2.46
CA LYS A 54 -0.67 -14.79 3.63
C LYS A 54 0.44 -13.81 3.27
N GLY A 55 0.31 -13.19 2.10
CA GLY A 55 1.30 -12.28 1.55
C GLY A 55 0.68 -10.93 1.19
N ILE A 56 0.03 -10.26 2.14
CA ILE A 56 -0.57 -8.95 1.91
C ILE A 56 -0.46 -8.06 3.15
N ALA A 57 -0.68 -6.76 2.96
CA ALA A 57 -0.62 -5.77 4.03
C ALA A 57 -1.41 -4.51 3.64
N TYR A 58 -1.52 -3.55 4.57
CA TYR A 58 -2.07 -2.24 4.30
C TYR A 58 -1.06 -1.18 4.73
N VAL A 59 -1.06 -0.05 4.03
CA VAL A 59 -0.12 1.04 4.27
C VAL A 59 -0.91 2.34 4.38
N GLU A 60 -0.59 3.17 5.39
CA GLU A 60 -1.25 4.45 5.56
C GLU A 60 -0.23 5.57 5.48
N PHE A 61 -0.47 6.55 4.60
CA PHE A 61 0.38 7.71 4.47
C PHE A 61 -0.16 8.84 5.35
N VAL A 62 0.73 9.69 5.85
CA VAL A 62 0.34 10.82 6.69
C VAL A 62 -0.47 11.84 5.89
N ASP A 63 -0.36 11.83 4.56
CA ASP A 63 -1.05 12.78 3.72
C ASP A 63 -1.47 12.14 2.39
N VAL A 64 -2.49 12.70 1.74
CA VAL A 64 -3.01 12.18 0.48
C VAL A 64 -2.05 12.44 -0.68
N SER A 65 -1.10 13.36 -0.52
CA SER A 65 -0.18 13.71 -1.59
C SER A 65 0.75 12.54 -1.94
N SER A 66 0.91 11.59 -1.03
CA SER A 66 1.75 10.42 -1.24
C SER A 66 0.97 9.30 -1.92
N VAL A 67 -0.37 9.35 -1.82
CA VAL A 67 -1.23 8.28 -2.30
C VAL A 67 -1.06 8.01 -3.80
N PRO A 68 -1.11 9.02 -4.69
CA PRO A 68 -1.03 8.78 -6.12
C PRO A 68 0.35 8.31 -6.56
N LEU A 69 1.40 8.66 -5.80
CA LEU A 69 2.74 8.19 -6.14
C LEU A 69 2.94 6.75 -5.64
N ALA A 70 2.32 6.40 -4.52
CA ALA A 70 2.47 5.06 -3.95
C ALA A 70 1.89 4.00 -4.88
N ILE A 71 0.85 4.36 -5.64
CA ILE A 71 0.21 3.46 -6.58
C ILE A 71 0.94 3.48 -7.93
N GLY A 72 1.69 4.55 -8.21
CA GLY A 72 2.33 4.74 -9.51
C GLY A 72 3.58 3.88 -9.70
N LEU A 73 4.33 3.61 -8.62
CA LEU A 73 5.52 2.78 -8.73
C LEU A 73 5.19 1.29 -8.67
N THR A 74 3.91 0.93 -8.54
CA THR A 74 3.50 -0.44 -8.28
C THR A 74 4.24 -1.46 -9.15
N GLY A 75 4.56 -2.61 -8.55
CA GLY A 75 5.30 -3.68 -9.22
C GLY A 75 6.76 -3.77 -8.80
N GLN A 76 7.23 -2.89 -7.89
CA GLN A 76 8.60 -2.97 -7.40
C GLN A 76 8.78 -4.19 -6.50
N ARG A 77 10.04 -4.54 -6.23
CA ARG A 77 10.36 -5.69 -5.38
C ARG A 77 10.82 -5.26 -4.00
N VAL A 78 10.47 -6.05 -2.99
CA VAL A 78 10.87 -5.84 -1.61
C VAL A 78 11.12 -7.20 -0.96
N LEU A 79 12.21 -7.33 -0.20
CA LEU A 79 12.54 -8.54 0.53
C LEU A 79 12.49 -9.80 -0.36
N GLY A 80 12.85 -9.67 -1.64
CA GLY A 80 12.91 -10.83 -2.53
C GLY A 80 11.60 -11.15 -3.24
N VAL A 81 10.58 -10.30 -3.11
CA VAL A 81 9.29 -10.55 -3.77
C VAL A 81 8.69 -9.27 -4.34
N PRO A 82 8.08 -9.30 -5.53
CA PRO A 82 7.37 -8.17 -6.09
C PRO A 82 6.15 -7.84 -5.26
N ILE A 83 5.97 -6.55 -4.94
CA ILE A 83 4.80 -6.06 -4.19
C ILE A 83 3.94 -5.23 -5.11
N ILE A 84 2.64 -5.17 -4.83
CA ILE A 84 1.69 -4.38 -5.59
C ILE A 84 1.07 -3.32 -4.68
N VAL A 85 0.59 -2.23 -5.25
CA VAL A 85 -0.08 -1.19 -4.48
C VAL A 85 -1.38 -0.79 -5.18
N GLN A 86 -2.48 -0.79 -4.44
CA GLN A 86 -3.78 -0.31 -4.89
C GLN A 86 -4.39 0.49 -3.76
N ALA A 87 -5.11 1.57 -4.06
CA ALA A 87 -5.85 2.25 -3.01
C ALA A 87 -6.90 1.27 -2.54
N SER A 88 -7.19 1.21 -1.23
CA SER A 88 -8.11 0.20 -0.73
C SER A 88 -9.45 0.26 -1.46
N GLN A 89 -9.98 1.46 -1.71
CA GLN A 89 -11.28 1.59 -2.35
C GLN A 89 -11.16 1.43 -3.88
N ALA A 90 -10.19 2.10 -4.49
CA ALA A 90 -10.00 2.03 -5.93
C ALA A 90 -9.36 0.71 -6.34
N GLU A 91 -9.17 -0.21 -5.38
CA GLU A 91 -8.58 -1.51 -5.67
C GLU A 91 -9.36 -2.21 -6.77
N LYS A 92 -10.69 -2.00 -6.81
CA LYS A 92 -11.53 -2.73 -7.73
C LYS A 92 -11.41 -2.27 -9.18
N ASN A 93 -10.72 -1.16 -9.42
CA ASN A 93 -10.51 -0.66 -10.78
C ASN A 93 -9.02 -0.52 -11.09
N ARG A 94 -8.19 -0.43 -10.03
CA ARG A 94 -6.74 -0.28 -10.18
C ARG A 94 -6.04 -1.64 -10.17
N ALA A 95 -6.81 -2.72 -10.17
CA ALA A 95 -6.29 -4.09 -10.13
C ALA A 95 -5.38 -4.43 -11.32
N ALA A 96 -5.33 -3.55 -12.32
CA ALA A 96 -4.46 -3.74 -13.49
C ALA A 96 -2.98 -3.74 -13.11
N ALA A 97 -2.66 -3.25 -11.90
CA ALA A 97 -1.30 -3.19 -11.38
C ALA A 97 -0.33 -2.57 -12.37
#